data_7G1I
# 
_entry.id   7G1I 
# 
_audit_conform.dict_name       mmcif_pdbx.dic 
_audit_conform.dict_version    5.404 
_audit_conform.dict_location   http://mmcif.pdb.org/dictionaries/ascii/mmcif_pdbx.dic 
# 
loop_
_database_2.database_id 
_database_2.database_code 
_database_2.pdbx_database_accession 
_database_2.pdbx_DOI 
PDB   7G1I         pdb_00007g1i 10.2210/pdb7g1i/pdb 
WWPDB D_1001405615 ?            ?                   
# 
loop_
_pdbx_audit_revision_history.ordinal 
_pdbx_audit_revision_history.data_content_type 
_pdbx_audit_revision_history.major_revision 
_pdbx_audit_revision_history.minor_revision 
_pdbx_audit_revision_history.revision_date 
_pdbx_audit_revision_history.part_number 
1 'Structure model' 1 0 2023-06-14 ? 
2 'Structure model' 1 1 2024-04-03 ? 
3 'Structure model' 1 2 2024-11-20 ? 
4 'Structure model' 1 3 2025-08-13 ? 
# 
_pdbx_audit_revision_details.ordinal             1 
_pdbx_audit_revision_details.revision_ordinal    1 
_pdbx_audit_revision_details.data_content_type   'Structure model' 
_pdbx_audit_revision_details.provider            repository 
_pdbx_audit_revision_details.type                'Initial release' 
_pdbx_audit_revision_details.description         ? 
_pdbx_audit_revision_details.details             ? 
# 
loop_
_pdbx_audit_revision_group.ordinal 
_pdbx_audit_revision_group.revision_ordinal 
_pdbx_audit_revision_group.data_content_type 
_pdbx_audit_revision_group.group 
1 2 'Structure model' 'Data collection'        
2 2 'Structure model' 'Refinement description' 
3 3 'Structure model' 'Structure summary'      
4 4 'Structure model' 'Database references'    
# 
loop_
_pdbx_audit_revision_category.ordinal 
_pdbx_audit_revision_category.revision_ordinal 
_pdbx_audit_revision_category.data_content_type 
_pdbx_audit_revision_category.category 
1 2 'Structure model' chem_comp_atom                
2 2 'Structure model' chem_comp_bond                
3 2 'Structure model' pdbx_initial_refinement_model 
4 3 'Structure model' pdbx_entry_details            
5 3 'Structure model' struct                        
6 4 'Structure model' citation                      
7 4 'Structure model' citation_author               
# 
loop_
_pdbx_audit_revision_item.ordinal 
_pdbx_audit_revision_item.revision_ordinal 
_pdbx_audit_revision_item.data_content_type 
_pdbx_audit_revision_item.item 
1  3 'Structure model' '_pdbx_entry_details.has_protein_modification' 
2  3 'Structure model' '_struct.title'                                
3  4 'Structure model' '_citation.journal_abbrev'                     
4  4 'Structure model' '_citation.journal_id_CSD'                     
5  4 'Structure model' '_citation.journal_id_ISSN'                    
6  4 'Structure model' '_citation.journal_volume'                     
7  4 'Structure model' '_citation.page_first'                         
8  4 'Structure model' '_citation.page_last'                          
9  4 'Structure model' '_citation.pdbx_database_id_DOI'               
10 4 'Structure model' '_citation.pdbx_database_id_PubMed'            
11 4 'Structure model' '_citation.title'                              
12 4 'Structure model' '_citation.year'                               
# 
_pdbx_database_status.entry_id                        7G1I 
_pdbx_database_status.status_code                     REL 
_pdbx_database_status.status_code_sf                  REL 
_pdbx_database_status.status_code_mr                  ? 
_pdbx_database_status.status_code_cs                  ? 
_pdbx_database_status.recvd_initial_deposition_date   2023-04-27 
_pdbx_database_status.status_code_nmr_data            ? 
_pdbx_database_status.deposit_site                    RCSB 
_pdbx_database_status.process_site                    RCSB 
_pdbx_database_status.SG_entry                        ? 
_pdbx_database_status.pdb_format_compatible           Y 
_pdbx_database_status.methods_development_category    ? 
# 
_pdbx_contact_author.id                 1 
_pdbx_contact_author.name_first         Markus 
_pdbx_contact_author.name_last          Rudolph 
_pdbx_contact_author.name_mi            G. 
_pdbx_contact_author.role               'principal investigator/group leader' 
_pdbx_contact_author.email              Markus.Rudolph@roche.com 
_pdbx_contact_author.identifier_ORCID   0000-0003-0447-1101 
# 
loop_
_audit_author.pdbx_ordinal 
_audit_author.name 
1 'Ehler, A.'     
2 'Benz, J.'      
3 'Obst, U.'      
4 'Waldmeier, P.' 
5 'Rudolph, M.G.' 
# 
_citation.id                        primary 
_citation.journal_abbrev            'Acta Crystallogr D Struct Biol' 
_citation.title                     
'A high-resolution data set of fatty acid-binding protein structures. III. Unexpectedly high occurrence of wrong ligands.' 
_citation.year                      2025 
_citation.journal_volume            81 
_citation.page_first                451 
_citation.page_last                 464 
_citation.journal_id_ASTM           ? 
_citation.country                   ? 
_citation.journal_id_ISSN           2059-7983 
_citation.journal_id_CSD            ? 
_citation.book_publisher            ? 
_citation.pdbx_database_id_PubMed   40748031 
_citation.pdbx_database_id_DOI      10.1107/S2059798325006096 
# 
loop_
_citation_author.citation_id 
_citation_author.name 
_citation_author.ordinal 
_citation_author.identifier_ORCID 
primary 'Ehler, A.'     1 ?                   
primary 'Bartelmus, C.' 2 0000-0002-1527-4325 
primary 'Benz, J.'      3 ?                   
primary 'Plitzko, I.'   4 ?                   
primary 'Rudolph, M.G.' 5 0000-0003-0447-1101 
# 
loop_
_entity.id 
_entity.type 
_entity.src_method 
_entity.pdbx_description 
_entity.formula_weight 
_entity.pdbx_number_of_molecules 
_entity.pdbx_ec 
_entity.pdbx_mutation 
_entity.pdbx_fragment 
_entity.details 
1 polymer     man 'Fatty acid-binding protein, adipocyte'                                                      15022.176 1  ? ? ? 
? 
2 non-polymer syn '5-(4-chlorophenyl)-6-(2,2,2-trifluoroethoxy)-2-(trifluoromethyl)pyridine-3-carboxylic acid' 399.672   1  ? ? ? 
? 
3 non-polymer syn 'SULFATE ION'                                                                                96.063    2  ? ? ? 
? 
4 water       nat water                                                                                        18.015    96 ? ? ? 
? 
# 
_entity_name_com.entity_id   1 
_entity_name_com.name        
'Adipocyte lipid-binding protein,ALBP,Adipocyte-type fatty acid-binding protein,A-FABP,AFABP,Fatty acid-binding protein 4' 
# 
_entity_poly.entity_id                      1 
_entity_poly.type                           'polypeptide(L)' 
_entity_poly.nstd_linkage                   no 
_entity_poly.nstd_monomer                   no 
_entity_poly.pdbx_seq_one_letter_code       
;GSHMCDAFVGTWKLVSSENFDDYMKEVGVGFATRKVAGMAKPNMIISVNGDVITIKSESTFKNTEISFILGQEFDEVTAD
DRKVKSTITLDGGVLVHVQKWDGKSTTIKRKREDDKLVVECVMKGVTSTRVYERA
;
_entity_poly.pdbx_seq_one_letter_code_can   
;GSHMCDAFVGTWKLVSSENFDDYMKEVGVGFATRKVAGMAKPNMIISVNGDVITIKSESTFKNTEISFILGQEFDEVTAD
DRKVKSTITLDGGVLVHVQKWDGKSTTIKRKREDDKLVVECVMKGVTSTRVYERA
;
_entity_poly.pdbx_strand_id                 A 
_entity_poly.pdbx_target_identifier         ? 
# 
loop_
_pdbx_entity_nonpoly.entity_id 
_pdbx_entity_nonpoly.name 
_pdbx_entity_nonpoly.comp_id 
2 '5-(4-chlorophenyl)-6-(2,2,2-trifluoroethoxy)-2-(trifluoromethyl)pyridine-3-carboxylic acid' WOB 
3 'SULFATE ION'                                                                                SO4 
4 water                                                                                        HOH 
# 
loop_
_entity_poly_seq.entity_id 
_entity_poly_seq.num 
_entity_poly_seq.mon_id 
_entity_poly_seq.hetero 
1 1   GLY n 
1 2   SER n 
1 3   HIS n 
1 4   MET n 
1 5   CYS n 
1 6   ASP n 
1 7   ALA n 
1 8   PHE n 
1 9   VAL n 
1 10  GLY n 
1 11  THR n 
1 12  TRP n 
1 13  LYS n 
1 14  LEU n 
1 15  VAL n 
1 16  SER n 
1 17  SER n 
1 18  GLU n 
1 19  ASN n 
1 20  PHE n 
1 21  ASP n 
1 22  ASP n 
1 23  TYR n 
1 24  MET n 
1 25  LYS n 
1 26  GLU n 
1 27  VAL n 
1 28  GLY n 
1 29  VAL n 
1 30  GLY n 
1 31  PHE n 
1 32  ALA n 
1 33  THR n 
1 34  ARG n 
1 35  LYS n 
1 36  VAL n 
1 37  ALA n 
1 38  GLY n 
1 39  MET n 
1 40  ALA n 
1 41  LYS n 
1 42  PRO n 
1 43  ASN n 
1 44  MET n 
1 45  ILE n 
1 46  ILE n 
1 47  SER n 
1 48  VAL n 
1 49  ASN n 
1 50  GLY n 
1 51  ASP n 
1 52  VAL n 
1 53  ILE n 
1 54  THR n 
1 55  ILE n 
1 56  LYS n 
1 57  SER n 
1 58  GLU n 
1 59  SER n 
1 60  THR n 
1 61  PHE n 
1 62  LYS n 
1 63  ASN n 
1 64  THR n 
1 65  GLU n 
1 66  ILE n 
1 67  SER n 
1 68  PHE n 
1 69  ILE n 
1 70  LEU n 
1 71  GLY n 
1 72  GLN n 
1 73  GLU n 
1 74  PHE n 
1 75  ASP n 
1 76  GLU n 
1 77  VAL n 
1 78  THR n 
1 79  ALA n 
1 80  ASP n 
1 81  ASP n 
1 82  ARG n 
1 83  LYS n 
1 84  VAL n 
1 85  LYS n 
1 86  SER n 
1 87  THR n 
1 88  ILE n 
1 89  THR n 
1 90  LEU n 
1 91  ASP n 
1 92  GLY n 
1 93  GLY n 
1 94  VAL n 
1 95  LEU n 
1 96  VAL n 
1 97  HIS n 
1 98  VAL n 
1 99  GLN n 
1 100 LYS n 
1 101 TRP n 
1 102 ASP n 
1 103 GLY n 
1 104 LYS n 
1 105 SER n 
1 106 THR n 
1 107 THR n 
1 108 ILE n 
1 109 LYS n 
1 110 ARG n 
1 111 LYS n 
1 112 ARG n 
1 113 GLU n 
1 114 ASP n 
1 115 ASP n 
1 116 LYS n 
1 117 LEU n 
1 118 VAL n 
1 119 VAL n 
1 120 GLU n 
1 121 CYS n 
1 122 VAL n 
1 123 MET n 
1 124 LYS n 
1 125 GLY n 
1 126 VAL n 
1 127 THR n 
1 128 SER n 
1 129 THR n 
1 130 ARG n 
1 131 VAL n 
1 132 TYR n 
1 133 GLU n 
1 134 ARG n 
1 135 ALA n 
# 
_entity_src_gen.entity_id                          1 
_entity_src_gen.pdbx_src_id                        1 
_entity_src_gen.pdbx_alt_source_flag               sample 
_entity_src_gen.pdbx_seq_type                      'Biological sequence' 
_entity_src_gen.pdbx_beg_seq_num                   1 
_entity_src_gen.pdbx_end_seq_num                   135 
_entity_src_gen.gene_src_common_name               human 
_entity_src_gen.gene_src_genus                     ? 
_entity_src_gen.pdbx_gene_src_gene                 FABP4 
_entity_src_gen.gene_src_species                   ? 
_entity_src_gen.gene_src_strain                    ? 
_entity_src_gen.gene_src_tissue                    ? 
_entity_src_gen.gene_src_tissue_fraction           ? 
_entity_src_gen.gene_src_details                   ? 
_entity_src_gen.pdbx_gene_src_fragment             ? 
_entity_src_gen.pdbx_gene_src_scientific_name      'Homo sapiens' 
_entity_src_gen.pdbx_gene_src_ncbi_taxonomy_id     9606 
_entity_src_gen.pdbx_gene_src_variant              ? 
_entity_src_gen.pdbx_gene_src_cell_line            ? 
_entity_src_gen.pdbx_gene_src_atcc                 ? 
_entity_src_gen.pdbx_gene_src_organ                ? 
_entity_src_gen.pdbx_gene_src_organelle            ? 
_entity_src_gen.pdbx_gene_src_cell                 ? 
_entity_src_gen.pdbx_gene_src_cellular_location    ? 
_entity_src_gen.host_org_common_name               ? 
_entity_src_gen.pdbx_host_org_scientific_name      'Escherichia coli BL21(DE3)' 
_entity_src_gen.pdbx_host_org_ncbi_taxonomy_id     469008 
_entity_src_gen.host_org_genus                     ? 
_entity_src_gen.pdbx_host_org_gene                 ? 
_entity_src_gen.pdbx_host_org_organ                ? 
_entity_src_gen.host_org_species                   ? 
_entity_src_gen.pdbx_host_org_tissue               ? 
_entity_src_gen.pdbx_host_org_tissue_fraction      ? 
_entity_src_gen.pdbx_host_org_strain               ? 
_entity_src_gen.pdbx_host_org_variant              ? 
_entity_src_gen.pdbx_host_org_cell_line            ? 
_entity_src_gen.pdbx_host_org_atcc                 ? 
_entity_src_gen.pdbx_host_org_culture_collection   ? 
_entity_src_gen.pdbx_host_org_cell                 ? 
_entity_src_gen.pdbx_host_org_organelle            ? 
_entity_src_gen.pdbx_host_org_cellular_location    ? 
_entity_src_gen.pdbx_host_org_vector_type          plasmid 
_entity_src_gen.pdbx_host_org_vector               ? 
_entity_src_gen.host_org_details                   ? 
_entity_src_gen.expression_system_id               ? 
_entity_src_gen.plasmid_name                       PET15b 
_entity_src_gen.plasmid_details                    ? 
_entity_src_gen.pdbx_description                   ? 
# 
loop_
_chem_comp.id 
_chem_comp.type 
_chem_comp.mon_nstd_flag 
_chem_comp.name 
_chem_comp.pdbx_synonyms 
_chem_comp.formula 
_chem_comp.formula_weight 
ALA 'L-peptide linking' y ALANINE                                                                                      ? 
'C3 H7 N O2'        89.093  
ARG 'L-peptide linking' y ARGININE                                                                                     ? 
'C6 H15 N4 O2 1'    175.209 
ASN 'L-peptide linking' y ASPARAGINE                                                                                   ? 
'C4 H8 N2 O3'       132.118 
ASP 'L-peptide linking' y 'ASPARTIC ACID'                                                                              ? 
'C4 H7 N O4'        133.103 
CYS 'L-peptide linking' y CYSTEINE                                                                                     ? 
'C3 H7 N O2 S'      121.158 
GLN 'L-peptide linking' y GLUTAMINE                                                                                    ? 
'C5 H10 N2 O3'      146.144 
GLU 'L-peptide linking' y 'GLUTAMIC ACID'                                                                              ? 
'C5 H9 N O4'        147.129 
GLY 'peptide linking'   y GLYCINE                                                                                      ? 
'C2 H5 N O2'        75.067  
HIS 'L-peptide linking' y HISTIDINE                                                                                    ? 
'C6 H10 N3 O2 1'    156.162 
HOH non-polymer         . WATER                                                                                        ? 'H2 O' 
18.015  
ILE 'L-peptide linking' y ISOLEUCINE                                                                                   ? 
'C6 H13 N O2'       131.173 
LEU 'L-peptide linking' y LEUCINE                                                                                      ? 
'C6 H13 N O2'       131.173 
LYS 'L-peptide linking' y LYSINE                                                                                       ? 
'C6 H15 N2 O2 1'    147.195 
MET 'L-peptide linking' y METHIONINE                                                                                   ? 
'C5 H11 N O2 S'     149.211 
PHE 'L-peptide linking' y PHENYLALANINE                                                                                ? 
'C9 H11 N O2'       165.189 
PRO 'L-peptide linking' y PROLINE                                                                                      ? 
'C5 H9 N O2'        115.130 
SER 'L-peptide linking' y SERINE                                                                                       ? 
'C3 H7 N O3'        105.093 
SO4 non-polymer         . 'SULFATE ION'                                                                                ? 'O4 S -2' 
96.063  
THR 'L-peptide linking' y THREONINE                                                                                    ? 
'C4 H9 N O3'        119.119 
TRP 'L-peptide linking' y TRYPTOPHAN                                                                                   ? 
'C11 H12 N2 O2'     204.225 
TYR 'L-peptide linking' y TYROSINE                                                                                     ? 
'C9 H11 N O3'       181.189 
VAL 'L-peptide linking' y VALINE                                                                                       ? 
'C5 H11 N O2'       117.146 
WOB non-polymer         . '5-(4-chlorophenyl)-6-(2,2,2-trifluoroethoxy)-2-(trifluoromethyl)pyridine-3-carboxylic acid' ? 
'C15 H8 Cl F6 N O3' 399.672 
# 
loop_
_pdbx_poly_seq_scheme.asym_id 
_pdbx_poly_seq_scheme.entity_id 
_pdbx_poly_seq_scheme.seq_id 
_pdbx_poly_seq_scheme.mon_id 
_pdbx_poly_seq_scheme.ndb_seq_num 
_pdbx_poly_seq_scheme.pdb_seq_num 
_pdbx_poly_seq_scheme.auth_seq_num 
_pdbx_poly_seq_scheme.pdb_mon_id 
_pdbx_poly_seq_scheme.auth_mon_id 
_pdbx_poly_seq_scheme.pdb_strand_id 
_pdbx_poly_seq_scheme.pdb_ins_code 
_pdbx_poly_seq_scheme.hetero 
A 1 1   GLY 1   -3  ?   ?   ?   A . n 
A 1 2   SER 2   -2  ?   ?   ?   A . n 
A 1 3   HIS 3   -1  -1  HIS HIS A . n 
A 1 4   MET 4   0   0   MET MET A . n 
A 1 5   CYS 5   1   1   CYS CYS A . n 
A 1 6   ASP 6   2   2   ASP ASP A . n 
A 1 7   ALA 7   3   3   ALA ALA A . n 
A 1 8   PHE 8   4   4   PHE PHE A . n 
A 1 9   VAL 9   5   5   VAL VAL A . n 
A 1 10  GLY 10  6   6   GLY GLY A . n 
A 1 11  THR 11  7   7   THR THR A . n 
A 1 12  TRP 12  8   8   TRP TRP A . n 
A 1 13  LYS 13  9   9   LYS LYS A . n 
A 1 14  LEU 14  10  10  LEU LEU A . n 
A 1 15  VAL 15  11  11  VAL VAL A . n 
A 1 16  SER 16  12  12  SER SER A . n 
A 1 17  SER 17  13  13  SER SER A . n 
A 1 18  GLU 18  14  14  GLU GLU A . n 
A 1 19  ASN 19  15  15  ASN ASN A . n 
A 1 20  PHE 20  16  16  PHE PHE A . n 
A 1 21  ASP 21  17  17  ASP ASP A . n 
A 1 22  ASP 22  18  18  ASP ASP A . n 
A 1 23  TYR 23  19  19  TYR TYR A . n 
A 1 24  MET 24  20  20  MET MET A . n 
A 1 25  LYS 25  21  21  LYS LYS A . n 
A 1 26  GLU 26  22  22  GLU GLU A . n 
A 1 27  VAL 27  23  23  VAL VAL A . n 
A 1 28  GLY 28  24  24  GLY GLY A . n 
A 1 29  VAL 29  25  25  VAL VAL A . n 
A 1 30  GLY 30  26  26  GLY GLY A . n 
A 1 31  PHE 31  27  27  PHE PHE A . n 
A 1 32  ALA 32  28  28  ALA ALA A . n 
A 1 33  THR 33  29  29  THR THR A . n 
A 1 34  ARG 34  30  30  ARG ARG A . n 
A 1 35  LYS 35  31  31  LYS LYS A . n 
A 1 36  VAL 36  32  32  VAL VAL A . n 
A 1 37  ALA 37  33  33  ALA ALA A . n 
A 1 38  GLY 38  34  34  GLY GLY A . n 
A 1 39  MET 39  35  35  MET MET A . n 
A 1 40  ALA 40  36  36  ALA ALA A . n 
A 1 41  LYS 41  37  37  LYS LYS A . n 
A 1 42  PRO 42  38  38  PRO PRO A . n 
A 1 43  ASN 43  39  39  ASN ASN A . n 
A 1 44  MET 44  40  40  MET MET A . n 
A 1 45  ILE 45  41  41  ILE ILE A . n 
A 1 46  ILE 46  42  42  ILE ILE A . n 
A 1 47  SER 47  43  43  SER SER A . n 
A 1 48  VAL 48  44  44  VAL VAL A . n 
A 1 49  ASN 49  45  45  ASN ASN A . n 
A 1 50  GLY 50  46  46  GLY GLY A . n 
A 1 51  ASP 51  47  47  ASP ASP A . n 
A 1 52  VAL 52  48  48  VAL VAL A . n 
A 1 53  ILE 53  49  49  ILE ILE A . n 
A 1 54  THR 54  50  50  THR THR A . n 
A 1 55  ILE 55  51  51  ILE ILE A . n 
A 1 56  LYS 56  52  52  LYS LYS A . n 
A 1 57  SER 57  53  53  SER SER A . n 
A 1 58  GLU 58  54  54  GLU GLU A . n 
A 1 59  SER 59  55  55  SER SER A . n 
A 1 60  THR 60  56  56  THR THR A . n 
A 1 61  PHE 61  57  57  PHE PHE A . n 
A 1 62  LYS 62  58  58  LYS LYS A . n 
A 1 63  ASN 63  59  59  ASN ASN A . n 
A 1 64  THR 64  60  60  THR THR A . n 
A 1 65  GLU 65  61  61  GLU GLU A . n 
A 1 66  ILE 66  62  62  ILE ILE A . n 
A 1 67  SER 67  63  63  SER SER A . n 
A 1 68  PHE 68  64  64  PHE PHE A . n 
A 1 69  ILE 69  65  65  ILE ILE A . n 
A 1 70  LEU 70  66  66  LEU LEU A . n 
A 1 71  GLY 71  67  67  GLY GLY A . n 
A 1 72  GLN 72  68  68  GLN GLN A . n 
A 1 73  GLU 73  69  69  GLU GLU A . n 
A 1 74  PHE 74  70  70  PHE PHE A . n 
A 1 75  ASP 75  71  71  ASP ASP A . n 
A 1 76  GLU 76  72  72  GLU GLU A . n 
A 1 77  VAL 77  73  73  VAL VAL A . n 
A 1 78  THR 78  74  74  THR THR A . n 
A 1 79  ALA 79  75  75  ALA ALA A . n 
A 1 80  ASP 80  76  76  ASP ASP A . n 
A 1 81  ASP 81  77  77  ASP ASP A . n 
A 1 82  ARG 82  78  78  ARG ARG A . n 
A 1 83  LYS 83  79  79  LYS LYS A . n 
A 1 84  VAL 84  80  80  VAL VAL A . n 
A 1 85  LYS 85  81  81  LYS LYS A . n 
A 1 86  SER 86  82  82  SER SER A . n 
A 1 87  THR 87  83  83  THR THR A . n 
A 1 88  ILE 88  84  84  ILE ILE A . n 
A 1 89  THR 89  85  85  THR THR A . n 
A 1 90  LEU 90  86  86  LEU LEU A . n 
A 1 91  ASP 91  87  87  ASP ASP A . n 
A 1 92  GLY 92  88  88  GLY GLY A . n 
A 1 93  GLY 93  89  89  GLY GLY A . n 
A 1 94  VAL 94  90  90  VAL VAL A . n 
A 1 95  LEU 95  91  91  LEU LEU A . n 
A 1 96  VAL 96  92  92  VAL VAL A . n 
A 1 97  HIS 97  93  93  HIS HIS A . n 
A 1 98  VAL 98  94  94  VAL VAL A . n 
A 1 99  GLN 99  95  95  GLN GLN A . n 
A 1 100 LYS 100 96  96  LYS LYS A . n 
A 1 101 TRP 101 97  97  TRP TRP A . n 
A 1 102 ASP 102 98  98  ASP ASP A . n 
A 1 103 GLY 103 99  99  GLY GLY A . n 
A 1 104 LYS 104 100 100 LYS LYS A . n 
A 1 105 SER 105 101 101 SER SER A . n 
A 1 106 THR 106 102 102 THR THR A . n 
A 1 107 THR 107 103 103 THR THR A . n 
A 1 108 ILE 108 104 104 ILE ILE A . n 
A 1 109 LYS 109 105 105 LYS LYS A . n 
A 1 110 ARG 110 106 106 ARG ARG A . n 
A 1 111 LYS 111 107 107 LYS LYS A . n 
A 1 112 ARG 112 108 108 ARG ARG A . n 
A 1 113 GLU 113 109 109 GLU GLU A . n 
A 1 114 ASP 114 110 110 ASP ASP A . n 
A 1 115 ASP 115 111 111 ASP ASP A . n 
A 1 116 LYS 116 112 112 LYS LYS A . n 
A 1 117 LEU 117 113 113 LEU LEU A . n 
A 1 118 VAL 118 114 114 VAL VAL A . n 
A 1 119 VAL 119 115 115 VAL VAL A . n 
A 1 120 GLU 120 116 116 GLU GLU A . n 
A 1 121 CYS 121 117 117 CYS CYS A . n 
A 1 122 VAL 122 118 118 VAL VAL A . n 
A 1 123 MET 123 119 119 MET MET A . n 
A 1 124 LYS 124 120 120 LYS LYS A . n 
A 1 125 GLY 125 121 121 GLY GLY A . n 
A 1 126 VAL 126 122 122 VAL VAL A . n 
A 1 127 THR 127 123 123 THR THR A . n 
A 1 128 SER 128 124 124 SER SER A . n 
A 1 129 THR 129 125 125 THR THR A . n 
A 1 130 ARG 130 126 126 ARG ARG A . n 
A 1 131 VAL 131 127 127 VAL VAL A . n 
A 1 132 TYR 132 128 128 TYR TYR A . n 
A 1 133 GLU 133 129 129 GLU GLU A . n 
A 1 134 ARG 134 130 130 ARG ARG A . n 
A 1 135 ALA 135 131 131 ALA ALA A . n 
# 
_pdbx_entity_instance_feature.ordinal        1 
_pdbx_entity_instance_feature.comp_id        WOB 
_pdbx_entity_instance_feature.asym_id        ? 
_pdbx_entity_instance_feature.seq_num        ? 
_pdbx_entity_instance_feature.auth_comp_id   WOB 
_pdbx_entity_instance_feature.auth_asym_id   ? 
_pdbx_entity_instance_feature.auth_seq_num   ? 
_pdbx_entity_instance_feature.feature_type   'SUBJECT OF INVESTIGATION' 
_pdbx_entity_instance_feature.details        ? 
# 
loop_
_pdbx_nonpoly_scheme.asym_id 
_pdbx_nonpoly_scheme.entity_id 
_pdbx_nonpoly_scheme.mon_id 
_pdbx_nonpoly_scheme.ndb_seq_num 
_pdbx_nonpoly_scheme.pdb_seq_num 
_pdbx_nonpoly_scheme.auth_seq_num 
_pdbx_nonpoly_scheme.pdb_mon_id 
_pdbx_nonpoly_scheme.auth_mon_id 
_pdbx_nonpoly_scheme.pdb_strand_id 
_pdbx_nonpoly_scheme.pdb_ins_code 
B 2 WOB 1  201 1  WOB L0R A . 
C 3 SO4 1  202 1  SO4 SO4 A . 
D 3 SO4 1  203 2  SO4 SO4 A . 
E 4 HOH 1  301 94 HOH HOH A . 
E 4 HOH 2  302 28 HOH HOH A . 
E 4 HOH 3  303 66 HOH HOH A . 
E 4 HOH 4  304 34 HOH HOH A . 
E 4 HOH 5  305 55 HOH HOH A . 
E 4 HOH 6  306 53 HOH HOH A . 
E 4 HOH 7  307 86 HOH HOH A . 
E 4 HOH 8  308 20 HOH HOH A . 
E 4 HOH 9  309 81 HOH HOH A . 
E 4 HOH 10 310 72 HOH HOH A . 
E 4 HOH 11 311 7  HOH HOH A . 
E 4 HOH 12 312 36 HOH HOH A . 
E 4 HOH 13 313 37 HOH HOH A . 
E 4 HOH 14 314 69 HOH HOH A . 
E 4 HOH 15 315 48 HOH HOH A . 
E 4 HOH 16 316 4  HOH HOH A . 
E 4 HOH 17 317 63 HOH HOH A . 
E 4 HOH 18 318 15 HOH HOH A . 
E 4 HOH 19 319 45 HOH HOH A . 
E 4 HOH 20 320 29 HOH HOH A . 
E 4 HOH 21 321 88 HOH HOH A . 
E 4 HOH 22 322 41 HOH HOH A . 
E 4 HOH 23 323 27 HOH HOH A . 
E 4 HOH 24 324 70 HOH HOH A . 
E 4 HOH 25 325 64 HOH HOH A . 
E 4 HOH 26 326 35 HOH HOH A . 
E 4 HOH 27 327 57 HOH HOH A . 
E 4 HOH 28 328 58 HOH HOH A . 
E 4 HOH 29 329 87 HOH HOH A . 
E 4 HOH 30 330 46 HOH HOH A . 
E 4 HOH 31 331 22 HOH HOH A . 
E 4 HOH 32 332 33 HOH HOH A . 
E 4 HOH 33 333 9  HOH HOH A . 
E 4 HOH 34 334 31 HOH HOH A . 
E 4 HOH 35 335 6  HOH HOH A . 
E 4 HOH 36 336 3  HOH HOH A . 
E 4 HOH 37 337 47 HOH HOH A . 
E 4 HOH 38 338 42 HOH HOH A . 
E 4 HOH 39 339 83 HOH HOH A . 
E 4 HOH 40 340 1  HOH HOH A . 
E 4 HOH 41 341 2  HOH HOH A . 
E 4 HOH 42 342 78 HOH HOH A . 
E 4 HOH 43 343 10 HOH HOH A . 
E 4 HOH 44 344 32 HOH HOH A . 
E 4 HOH 45 345 14 HOH HOH A . 
E 4 HOH 46 346 8  HOH HOH A . 
E 4 HOH 47 347 51 HOH HOH A . 
E 4 HOH 48 348 74 HOH HOH A . 
E 4 HOH 49 349 84 HOH HOH A . 
E 4 HOH 50 350 18 HOH HOH A . 
E 4 HOH 51 351 49 HOH HOH A . 
E 4 HOH 52 352 43 HOH HOH A . 
E 4 HOH 53 353 92 HOH HOH A . 
E 4 HOH 54 354 59 HOH HOH A . 
E 4 HOH 55 355 26 HOH HOH A . 
E 4 HOH 56 356 16 HOH HOH A . 
E 4 HOH 57 357 39 HOH HOH A . 
E 4 HOH 58 358 61 HOH HOH A . 
E 4 HOH 59 359 91 HOH HOH A . 
E 4 HOH 60 360 11 HOH HOH A . 
E 4 HOH 61 361 5  HOH HOH A . 
E 4 HOH 62 362 21 HOH HOH A . 
E 4 HOH 63 363 52 HOH HOH A . 
E 4 HOH 64 364 23 HOH HOH A . 
E 4 HOH 65 365 12 HOH HOH A . 
E 4 HOH 66 366 76 HOH HOH A . 
E 4 HOH 67 367 24 HOH HOH A . 
E 4 HOH 68 368 80 HOH HOH A . 
E 4 HOH 69 369 19 HOH HOH A . 
E 4 HOH 70 370 38 HOH HOH A . 
E 4 HOH 71 371 65 HOH HOH A . 
E 4 HOH 72 372 85 HOH HOH A . 
E 4 HOH 73 373 44 HOH HOH A . 
E 4 HOH 74 374 13 HOH HOH A . 
E 4 HOH 75 375 56 HOH HOH A . 
E 4 HOH 76 376 95 HOH HOH A . 
E 4 HOH 77 377 40 HOH HOH A . 
E 4 HOH 78 378 73 HOH HOH A . 
E 4 HOH 79 379 75 HOH HOH A . 
E 4 HOH 80 380 79 HOH HOH A . 
E 4 HOH 81 381 30 HOH HOH A . 
E 4 HOH 82 382 25 HOH HOH A . 
E 4 HOH 83 383 71 HOH HOH A . 
E 4 HOH 84 384 93 HOH HOH A . 
E 4 HOH 85 385 82 HOH HOH A . 
E 4 HOH 86 386 67 HOH HOH A . 
E 4 HOH 87 387 89 HOH HOH A . 
E 4 HOH 88 388 54 HOH HOH A . 
E 4 HOH 89 389 96 HOH HOH A . 
E 4 HOH 90 390 17 HOH HOH A . 
E 4 HOH 91 391 62 HOH HOH A . 
E 4 HOH 92 392 60 HOH HOH A . 
E 4 HOH 93 393 68 HOH HOH A . 
E 4 HOH 94 394 77 HOH HOH A . 
E 4 HOH 95 395 50 HOH HOH A . 
E 4 HOH 96 396 90 HOH HOH A . 
# 
loop_
_software.pdbx_ordinal 
_software.name 
_software.version 
_software.date 
_software.type 
_software.contact_author 
_software.contact_author_email 
_software.classification 
_software.location 
_software.language 
_software.citation_id 
1 XSCALE      .        ?               package 'Wolfgang Kabsch'    ?                        'data scaling'    
http://www.mpimf-heidelberg.mpg.de/~kabsch/xds/html_doc/xscale_program.html ?          ? 
2 REFMAC      5.6.0119 ?               program 'Garib N. Murshudov' garib@ysbl.york.ac.uk    refinement        
http://www.ccp4.ac.uk/dist/html/refmac5.html                                Fortran_77 ? 
3 PDB_EXTRACT 3.27     'Oct. 31, 2020' package PDB                  deposit@deposit.rcsb.org 'data extraction' 
http://sw-tools.pdb.org/apps/PDB_EXTRACT/                                   C++        ? 
4 XDS         .        ?               ?       ?                    ?                        'data reduction'  ? ?          ? 
5 PHASER      .        ?               ?       ?                    ?                        phasing           ? ?          ? 
# 
_cell.entry_id           7G1I 
_cell.length_a           32.463 
_cell.length_b           53.688 
_cell.length_c           75.416 
_cell.angle_alpha        90.000 
_cell.angle_beta         90.000 
_cell.angle_gamma        90.000 
_cell.Z_PDB              4 
_cell.pdbx_unique_axis   ? 
# 
_symmetry.entry_id                         7G1I 
_symmetry.space_group_name_H-M             'P 21 21 21' 
_symmetry.pdbx_full_space_group_name_H-M   ? 
_symmetry.cell_setting                     ? 
_symmetry.Int_Tables_number                19 
# 
_exptl.crystals_number   1 
_exptl.entry_id          7G1I 
_exptl.method            'X-RAY DIFFRACTION' 
# 
_exptl_crystal.id                    1 
_exptl_crystal.density_meas          ? 
_exptl_crystal.density_Matthews      2.19 
_exptl_crystal.density_percent_sol   43.77 
_exptl_crystal.description           ? 
_exptl_crystal.preparation           ? 
# 
_exptl_crystal_grow.crystal_id      1 
_exptl_crystal_grow.method          'VAPOR DIFFUSION, SITTING DROP' 
_exptl_crystal_grow.pH              7.0 
_exptl_crystal_grow.temp            293 
_exptl_crystal_grow.pdbx_details    'protein in 25mM Tris/HCl pH 7.5 100mM NaCl, see also PMID 27658368' 
_exptl_crystal_grow.temp_details    ? 
_exptl_crystal_grow.pdbx_pH_range   ? 
# 
_diffrn.id                               1 
_diffrn.crystal_id                       1 
_diffrn.ambient_temp                     100 
_diffrn.ambient_temp_details             ? 
_diffrn.pdbx_serial_crystal_experiment   ? 
# 
_diffrn_detector.diffrn_id              1 
_diffrn_detector.detector               PIXEL 
_diffrn_detector.type                   'PSI PILATUS 6M' 
_diffrn_detector.pdbx_collection_date   2011-08-14 
_diffrn_detector.details                ? 
# 
_diffrn_radiation.diffrn_id                        1 
_diffrn_radiation.pdbx_diffrn_protocol             'SINGLE WAVELENGTH' 
_diffrn_radiation.monochromator                    ? 
_diffrn_radiation.pdbx_monochromatic_or_laue_m_l   M 
_diffrn_radiation.wavelength_id                    1 
_diffrn_radiation.pdbx_scattering_type             x-ray 
# 
_diffrn_radiation_wavelength.id           1 
_diffrn_radiation_wavelength.wavelength   1.000000 
_diffrn_radiation_wavelength.wt           1.0 
# 
_diffrn_source.diffrn_id                   1 
_diffrn_source.source                      SYNCHROTRON 
_diffrn_source.type                        'SLS BEAMLINE X10SA' 
_diffrn_source.pdbx_wavelength_list        1.000000 
_diffrn_source.pdbx_synchrotron_site       SLS 
_diffrn_source.pdbx_synchrotron_beamline   X10SA 
_diffrn_source.pdbx_wavelength             ? 
# 
_reflns.entry_id                     7G1I 
_reflns.pdbx_diffrn_id               1 
_reflns.pdbx_ordinal                 1 
_reflns.observed_criterion_sigma_I   ? 
_reflns.observed_criterion_sigma_F   ? 
_reflns.d_resolution_low             37.71 
_reflns.d_resolution_high            1.530 
_reflns.number_obs                   19549 
_reflns.number_all                   ? 
_reflns.percent_possible_obs         94.800 
_reflns.pdbx_Rmerge_I_obs            0.099 
_reflns.pdbx_Rsym_value              0.099 
_reflns.pdbx_netI_over_sigmaI        9.440 
_reflns.B_iso_Wilson_estimate        23.943 
_reflns.pdbx_redundancy              5.760 
_reflns.pdbx_Rrim_I_all              0.105 
_reflns.pdbx_Rpim_I_all              ? 
_reflns.pdbx_CC_half                 0.998 
_reflns.pdbx_netI_over_av_sigmaI     ? 
_reflns.pdbx_number_measured_all     124950 
_reflns.pdbx_scaling_rejects         1342 
_reflns.pdbx_chi_squared             0.841 
_reflns.Rmerge_F_all                 ? 
_reflns.Rmerge_F_obs                 ? 
_reflns.observed_criterion_F_max     ? 
_reflns.observed_criterion_F_min     ? 
_reflns.observed_criterion_I_max     ? 
_reflns.observed_criterion_I_min     ? 
_reflns.pdbx_d_res_high_opt          ? 
_reflns.pdbx_d_res_low_opt           ? 
_reflns.details                      ? 
# 
loop_
_reflns_shell.pdbx_diffrn_id 
_reflns_shell.pdbx_ordinal 
_reflns_shell.d_res_high 
_reflns_shell.d_res_low 
_reflns_shell.number_measured_obs 
_reflns_shell.number_measured_all 
_reflns_shell.number_unique_obs 
_reflns_shell.pdbx_rejects 
_reflns_shell.Rmerge_I_obs 
_reflns_shell.meanI_over_sigI_obs 
_reflns_shell.pdbx_Rsym_value 
_reflns_shell.pdbx_chi_squared 
_reflns_shell.pdbx_redundancy 
_reflns_shell.percent_possible_obs 
_reflns_shell.pdbx_netI_over_sigmaI_obs 
_reflns_shell.number_possible 
_reflns_shell.number_unique_all 
_reflns_shell.Rmerge_F_all 
_reflns_shell.Rmerge_F_obs 
_reflns_shell.Rmerge_I_all 
_reflns_shell.meanI_over_sigI_all 
_reflns_shell.percent_possible_all 
_reflns_shell.pdbx_Rrim_I_all 
_reflns_shell.pdbx_Rpim_I_all 
_reflns_shell.pdbx_CC_half 
1 1  1.530 1.570  9698 ? 1475 ? 1.103 1.740  ? ? 6.575 ? ? 1488 ? ? ? ? ? 99.100 1.196 ? 0.680 
1 2  1.570 1.610  9569 ? 1439 ? 0.836 2.350  ? ? 6.650 ? ? 1450 ? ? ? ? ? 99.200 0.906 ? 0.785 
1 3  1.610 1.660  9305 ? 1420 ? 0.714 2.670  ? ? 6.553 ? ? 1428 ? ? ? ? ? 99.400 0.774 ? 0.835 
1 4  1.660 1.710  8859 ? 1380 ? 0.574 3.270  ? ? 6.420 ? ? 1391 ? ? ? ? ? 99.200 0.624 ? 0.879 
1 5  1.710 1.770  8147 ? 1301 ? 0.444 4.110  ? ? 6.262 ? ? 1306 ? ? ? ? ? 99.600 0.484 ? 0.916 
1 6  1.770 1.830  8044 ? 1304 ? 0.356 5.030  ? ? 6.169 ? ? 1309 ? ? ? ? ? 99.600 0.389 ? 0.947 
1 7  1.830 1.900  7596 ? 1215 ? 0.325 5.890  ? ? 6.252 ? ? 1256 ? ? ? ? ? 96.700 0.354 ? 0.968 
1 8  1.900 1.980  5666 ? 1030 ? 0.235 8.810  ? ? 5.501 ? ? 1198 ? ? ? ? ? 86.000 0.261 ? 0.971 
1 9  1.980 2.060  7647 ? 1169 ? 0.166 10.990 ? ? 6.541 ? ? 1171 ? ? ? ? ? 99.800 0.181 ? 0.988 
1 10 2.060 2.160  7152 ? 1132 ? 0.145 12.630 ? ? 6.318 ? ? 1134 ? ? ? ? ? 99.800 0.158 ? 0.989 
1 11 2.160 2.280  4474 ? 910  ? 0.135 12.490 ? ? 4.916 ? ? 1051 ? ? ? ? ? 86.600 0.153 ? 0.985 
1 12 2.280 2.420  6427 ? 997  ? 0.101 15.990 ? ? 6.446 ? ? 1002 ? ? ? ? ? 99.500 0.110 ? 0.994 
1 13 2.420 2.590  6319 ? 949  ? 0.088 18.570 ? ? 6.659 ? ? 950  ? ? ? ? ? 99.900 0.095 ? 0.995 
1 14 2.590 2.790  5664 ? 892  ? 0.077 21.470 ? ? 6.350 ? ? 894  ? ? ? ? ? 99.800 0.084 ? 0.996 
1 15 2.790 3.060  5106 ? 822  ? 0.066 23.990 ? ? 6.212 ? ? 823  ? ? ? ? ? 99.900 0.072 ? 0.996 
1 16 3.060 3.420  4158 ? 754  ? 0.051 26.420 ? ? 5.515 ? ? 760  ? ? ? ? ? 99.200 0.057 ? 0.997 
1 17 3.420 3.950  3658 ? 650  ? 0.052 29.630 ? ? 5.628 ? ? 670  ? ? ? ? ? 97.000 0.057 ? 0.997 
1 18 3.950 4.840  3460 ? 578  ? 0.040 32.520 ? ? 5.986 ? ? 585  ? ? ? ? ? 98.800 0.044 ? 0.997 
1 19 4.840 6.840  2432 ? 460  ? 0.039 29.770 ? ? 5.287 ? ? 461  ? ? ? ? ? 99.800 0.043 ? 0.998 
1 20 6.840 37.720 1569 ? 286  ? 0.030 30.780 ? ? 5.486 ? ? 289  ? ? ? ? ? 99.000 0.033 ? 0.998 
# 
_refine.entry_id                                 7G1I 
_refine.pdbx_refine_id                           'X-RAY DIFFRACTION' 
_refine.ls_d_res_high                            1.5300 
_refine.ls_d_res_low                             37.7200 
_refine.pdbx_ls_sigma_F                          0.000 
_refine.pdbx_data_cutoff_high_absF               ? 
_refine.pdbx_data_cutoff_low_absF                ? 
_refine.ls_percent_reflns_obs                    90.6900 
_refine.ls_number_reflns_obs                     17677 
_refine.ls_number_reflns_all                     ? 
_refine.pdbx_ls_cross_valid_method               THROUGHOUT 
_refine.ls_matrix_type                           ? 
_refine.pdbx_R_Free_selection_details            RANDOM 
_refine.details                                  '4-Chloro-phenyl moiety not well defined by electron density' 
_refine.ls_R_factor_all                          ? 
_refine.ls_R_factor_obs                          0.2127 
_refine.ls_R_factor_R_work                       0.2102 
_refine.ls_wR_factor_R_work                      ? 
_refine.ls_R_factor_R_free                       0.2589 
_refine.ls_wR_factor_R_free                      ? 
_refine.ls_percent_reflns_R_free                 5.2000 
_refine.ls_number_reflns_R_free                  970 
_refine.ls_number_reflns_R_work                  ? 
_refine.ls_R_factor_R_free_error                 ? 
_refine.B_iso_mean                               17.8430 
_refine.solvent_model_param_bsol                 ? 
_refine.solvent_model_param_ksol                 ? 
_refine.pdbx_isotropic_thermal_model             ? 
_refine.aniso_B[1][1]                            1.3300 
_refine.aniso_B[2][2]                            -0.3700 
_refine.aniso_B[3][3]                            -0.9600 
_refine.aniso_B[1][2]                            0.0000 
_refine.aniso_B[1][3]                            0.0000 
_refine.aniso_B[2][3]                            0.0000 
_refine.correlation_coeff_Fo_to_Fc               0.9470 
_refine.correlation_coeff_Fo_to_Fc_free          0.8970 
_refine.overall_SU_R_Cruickshank_DPI             ? 
_refine.pdbx_overall_SU_R_free_Cruickshank_DPI   ? 
_refine.pdbx_overall_SU_R_Blow_DPI               ? 
_refine.pdbx_overall_SU_R_free_Blow_DPI          ? 
_refine.overall_SU_R_free                        ? 
_refine.pdbx_overall_ESU_R                       0.1050 
_refine.pdbx_overall_ESU_R_Free                  0.1100 
_refine.overall_SU_ML                            0.0810 
_refine.overall_SU_B                             2.1600 
_refine.solvent_model_details                    'BABINET MODEL WITH MASK' 
_refine.pdbx_solvent_vdw_probe_radii             1.2000 
_refine.pdbx_solvent_ion_probe_radii             0.8000 
_refine.pdbx_solvent_shrinkage_radii             0.8000 
_refine.ls_number_parameters                     ? 
_refine.ls_number_restraints                     ? 
_refine.pdbx_starting_model                      'inhouse model' 
_refine.pdbx_method_to_determine_struct          'MOLECULAR REPLACEMENT' 
_refine.pdbx_stereochemistry_target_values       'MAXIMUM LIKELIHOOD' 
_refine.pdbx_stereochem_target_val_spec_case     ? 
_refine.overall_FOM_work_R_set                   ? 
_refine.B_iso_max                                54.910 
_refine.B_iso_min                                10.080 
_refine.pdbx_overall_phase_error                 ? 
_refine.occupancy_max                            ? 
_refine.occupancy_min                            ? 
_refine.pdbx_diffrn_id                           1 
_refine.pdbx_TLS_residual_ADP_flag               ? 
_refine.pdbx_ls_sigma_I                          ? 
_refine.pdbx_data_cutoff_high_rms_absF           ? 
_refine.ls_R_factor_R_free_error_details         ? 
# 
_refine_hist.cycle_id                         final 
_refine_hist.pdbx_refine_id                   'X-RAY DIFFRACTION' 
_refine_hist.d_res_high                       1.5300 
_refine_hist.d_res_low                        37.7200 
_refine_hist.pdbx_number_atoms_ligand         36 
_refine_hist.number_atoms_solvent             96 
_refine_hist.number_atoms_total               1172 
_refine_hist.pdbx_number_residues_total       133 
_refine_hist.pdbx_B_iso_mean_ligand           36.80 
_refine_hist.pdbx_B_iso_mean_solvent          27.56 
_refine_hist.pdbx_number_atoms_protein        1040 
_refine_hist.pdbx_number_atoms_nucleic_acid   0 
# 
loop_
_refine_ls_restr.pdbx_refine_id 
_refine_ls_restr.type 
_refine_ls_restr.number 
_refine_ls_restr.dev_ideal 
_refine_ls_restr.dev_ideal_target 
_refine_ls_restr.weight 
_refine_ls_restr.pdbx_restraint_function 
'X-RAY DIFFRACTION' r_bond_refined_d       1157 0.017  0.020  ? ? 
'X-RAY DIFFRACTION' r_bond_other_d         784  0.001  0.020  ? ? 
'X-RAY DIFFRACTION' r_angle_refined_deg    1574 1.976  1.994  ? ? 
'X-RAY DIFFRACTION' r_angle_other_deg      1936 0.956  3.000  ? ? 
'X-RAY DIFFRACTION' r_dihedral_angle_1_deg 151  6.367  5.000  ? ? 
'X-RAY DIFFRACTION' r_dihedral_angle_2_deg 46   32.413 24.783 ? ? 
'X-RAY DIFFRACTION' r_dihedral_angle_3_deg 228  15.224 15.000 ? ? 
'X-RAY DIFFRACTION' r_dihedral_angle_4_deg 6    18.910 15.000 ? ? 
'X-RAY DIFFRACTION' r_chiral_restr         180  0.116  0.200  ? ? 
'X-RAY DIFFRACTION' r_gen_planes_refined   1263 0.008  0.020  ? ? 
'X-RAY DIFFRACTION' r_gen_planes_other     226  0.001  0.020  ? ? 
# 
_refine_ls_shell.d_res_high                       1.5300 
_refine_ls_shell.d_res_low                        1.5700 
_refine_ls_shell.pdbx_total_number_of_bins_used   20 
_refine_ls_shell.percent_reflns_obs               89.4400 
_refine_ls_shell.number_reflns_R_work             1172 
_refine_ls_shell.R_factor_all                     ? 
_refine_ls_shell.R_factor_R_work                  0.2910 
_refine_ls_shell.R_factor_R_free                  0.3140 
_refine_ls_shell.percent_reflns_R_free            ? 
_refine_ls_shell.number_reflns_R_free             65 
_refine_ls_shell.R_factor_R_free_error            0.0000 
_refine_ls_shell.number_reflns_all                1237 
_refine_ls_shell.number_reflns_obs                ? 
_refine_ls_shell.pdbx_refine_id                   'X-RAY DIFFRACTION' 
# 
_struct.entry_id                  7G1I 
_struct.title                     
;Crystal Structure of human FABP4 in complex with 5-(4-chlorophenyl)-6-(2,2,2-trifluoroethoxy)-2-(trifluoromethyl)pyridine-3-carboxylic acid, i.e. SMILES c1(c(nc(c(c1)C(=O)O)C(F)(F)F)OCC(F)(F)F)c1ccc(cc1)Cl with IC50=0.423267 microM
;
_struct.pdbx_model_details        ? 
_struct.pdbx_CASP_flag            ? 
_struct.pdbx_model_type_details   ? 
# 
_struct_keywords.entry_id        7G1I 
_struct_keywords.text            
'LIPID BINDING PROTEIN, FATTY ACID BINDING PROTEIN, CYTOPLASM, LIPID-BINDING, TRANSPORT, PROTEIN BINDING' 
_struct_keywords.pdbx_keywords   'LIPID BINDING PROTEIN' 
# 
loop_
_struct_asym.id 
_struct_asym.pdbx_blank_PDB_chainid_flag 
_struct_asym.pdbx_modified 
_struct_asym.entity_id 
_struct_asym.details 
A N N 1 ? 
B N N 2 ? 
C N N 3 ? 
D N N 3 ? 
E N N 4 ? 
# 
_struct_ref.id                         1 
_struct_ref.db_name                    UNP 
_struct_ref.db_code                    FABP4_HUMAN 
_struct_ref.pdbx_db_accession          P15090 
_struct_ref.pdbx_db_isoform            ? 
_struct_ref.entity_id                  1 
_struct_ref.pdbx_seq_one_letter_code   
;MCDAFVGTWKLVSSENFDDYMKEVGVGFATRKVAGMAKPNMIISVNGDVITIKSESTFKNTEISFILGQEFDEVTADDRK
VKSTITLDGGVLVHVQKWDGKSTTIKRKREDDKLVVECVMKGVTSTRVYERA
;
_struct_ref.pdbx_align_begin           1 
# 
_struct_ref_seq.align_id                      1 
_struct_ref_seq.ref_id                        1 
_struct_ref_seq.pdbx_PDB_id_code              7G1I 
_struct_ref_seq.pdbx_strand_id                A 
_struct_ref_seq.seq_align_beg                 4 
_struct_ref_seq.pdbx_seq_align_beg_ins_code   ? 
_struct_ref_seq.seq_align_end                 135 
_struct_ref_seq.pdbx_seq_align_end_ins_code   ? 
_struct_ref_seq.pdbx_db_accession             P15090 
_struct_ref_seq.db_align_beg                  1 
_struct_ref_seq.pdbx_db_align_beg_ins_code    ? 
_struct_ref_seq.db_align_end                  132 
_struct_ref_seq.pdbx_db_align_end_ins_code    ? 
_struct_ref_seq.pdbx_auth_seq_align_beg       0 
_struct_ref_seq.pdbx_auth_seq_align_end       131 
# 
loop_
_struct_ref_seq_dif.align_id 
_struct_ref_seq_dif.pdbx_pdb_id_code 
_struct_ref_seq_dif.mon_id 
_struct_ref_seq_dif.pdbx_pdb_strand_id 
_struct_ref_seq_dif.seq_num 
_struct_ref_seq_dif.pdbx_pdb_ins_code 
_struct_ref_seq_dif.pdbx_seq_db_name 
_struct_ref_seq_dif.pdbx_seq_db_accession_code 
_struct_ref_seq_dif.db_mon_id 
_struct_ref_seq_dif.pdbx_seq_db_seq_num 
_struct_ref_seq_dif.details 
_struct_ref_seq_dif.pdbx_auth_seq_num 
_struct_ref_seq_dif.pdbx_ordinal 
1 7G1I GLY A 1 ? UNP P15090 ? ? 'expression tag' -3 1 
1 7G1I SER A 2 ? UNP P15090 ? ? 'expression tag' -2 2 
1 7G1I HIS A 3 ? UNP P15090 ? ? 'expression tag' -1 3 
# 
_pdbx_struct_assembly.id                   1 
_pdbx_struct_assembly.details              author_and_software_defined_assembly 
_pdbx_struct_assembly.method_details       PISA 
_pdbx_struct_assembly.oligomeric_details   monomeric 
_pdbx_struct_assembly.oligomeric_count     1 
# 
_pdbx_struct_assembly_gen.assembly_id       1 
_pdbx_struct_assembly_gen.oper_expression   1 
_pdbx_struct_assembly_gen.asym_id_list      A,B,C,D,E 
# 
_pdbx_struct_assembly_auth_evidence.id                     1 
_pdbx_struct_assembly_auth_evidence.assembly_id            1 
_pdbx_struct_assembly_auth_evidence.experimental_support   'gel filtration' 
_pdbx_struct_assembly_auth_evidence.details                'elutes as a monomer' 
# 
_pdbx_struct_oper_list.id                   1 
_pdbx_struct_oper_list.type                 'identity operation' 
_pdbx_struct_oper_list.name                 1_555 
_pdbx_struct_oper_list.symmetry_operation   x,y,z 
_pdbx_struct_oper_list.matrix[1][1]         1.0000000000 
_pdbx_struct_oper_list.matrix[1][2]         0.0000000000 
_pdbx_struct_oper_list.matrix[1][3]         0.0000000000 
_pdbx_struct_oper_list.vector[1]            0.0000000000 
_pdbx_struct_oper_list.matrix[2][1]         0.0000000000 
_pdbx_struct_oper_list.matrix[2][2]         1.0000000000 
_pdbx_struct_oper_list.matrix[2][3]         0.0000000000 
_pdbx_struct_oper_list.vector[2]            0.0000000000 
_pdbx_struct_oper_list.matrix[3][1]         0.0000000000 
_pdbx_struct_oper_list.matrix[3][2]         0.0000000000 
_pdbx_struct_oper_list.matrix[3][3]         1.0000000000 
_pdbx_struct_oper_list.vector[3]            0.0000000000 
# 
loop_
_struct_conf.conf_type_id 
_struct_conf.id 
_struct_conf.pdbx_PDB_helix_id 
_struct_conf.beg_label_comp_id 
_struct_conf.beg_label_asym_id 
_struct_conf.beg_label_seq_id 
_struct_conf.pdbx_beg_PDB_ins_code 
_struct_conf.end_label_comp_id 
_struct_conf.end_label_asym_id 
_struct_conf.end_label_seq_id 
_struct_conf.pdbx_end_PDB_ins_code 
_struct_conf.beg_auth_comp_id 
_struct_conf.beg_auth_asym_id 
_struct_conf.beg_auth_seq_id 
_struct_conf.end_auth_comp_id 
_struct_conf.end_auth_asym_id 
_struct_conf.end_auth_seq_id 
_struct_conf.pdbx_PDB_helix_class 
_struct_conf.details 
_struct_conf.pdbx_PDB_helix_length 
HELX_P HELX_P1 AA1 ASN A 19 ? GLY A 28 ? ASN A 15 GLY A 24 1 ? 10 
HELX_P HELX_P2 AA2 GLY A 30 ? ALA A 40 ? GLY A 26 ALA A 36 1 ? 11 
# 
_struct_conf_type.id          HELX_P 
_struct_conf_type.criteria    ? 
_struct_conf_type.reference   ? 
# 
_struct_sheet.id               AA1 
_struct_sheet.type             ? 
_struct_sheet.number_strands   10 
_struct_sheet.details          ? 
# 
loop_
_struct_sheet_order.sheet_id 
_struct_sheet_order.range_id_1 
_struct_sheet_order.range_id_2 
_struct_sheet_order.offset 
_struct_sheet_order.sense 
AA1 1 2  ? anti-parallel 
AA1 2 3  ? anti-parallel 
AA1 3 4  ? anti-parallel 
AA1 4 5  ? anti-parallel 
AA1 5 6  ? anti-parallel 
AA1 6 7  ? anti-parallel 
AA1 7 8  ? anti-parallel 
AA1 8 9  ? anti-parallel 
AA1 9 10 ? anti-parallel 
# 
loop_
_struct_sheet_range.sheet_id 
_struct_sheet_range.id 
_struct_sheet_range.beg_label_comp_id 
_struct_sheet_range.beg_label_asym_id 
_struct_sheet_range.beg_label_seq_id 
_struct_sheet_range.pdbx_beg_PDB_ins_code 
_struct_sheet_range.end_label_comp_id 
_struct_sheet_range.end_label_asym_id 
_struct_sheet_range.end_label_seq_id 
_struct_sheet_range.pdbx_end_PDB_ins_code 
_struct_sheet_range.beg_auth_comp_id 
_struct_sheet_range.beg_auth_asym_id 
_struct_sheet_range.beg_auth_seq_id 
_struct_sheet_range.end_auth_comp_id 
_struct_sheet_range.end_auth_asym_id 
_struct_sheet_range.end_auth_seq_id 
AA1 1  THR A 64  ? PHE A 68  ? THR A 60  PHE A 64  
AA1 2  VAL A 52  ? GLU A 58  ? VAL A 48  GLU A 54  
AA1 3  ASN A 43  ? ASN A 49  ? ASN A 39  ASN A 45  
AA1 4  GLY A 10  ? GLU A 18  ? GLY A 6   GLU A 14  
AA1 5  VAL A 126 ? ARG A 134 ? VAL A 122 ARG A 130 
AA1 6  LYS A 116 ? MET A 123 ? LYS A 112 MET A 119 
AA1 7  LYS A 104 ? GLU A 113 ? LYS A 100 GLU A 109 
AA1 8  VAL A 94  ? TRP A 101 ? VAL A 90  TRP A 97  
AA1 9  LYS A 83  ? ASP A 91  ? LYS A 79  ASP A 87  
AA1 10 PHE A 74  ? VAL A 77  ? PHE A 70  VAL A 73  
# 
loop_
_pdbx_struct_sheet_hbond.sheet_id 
_pdbx_struct_sheet_hbond.range_id_1 
_pdbx_struct_sheet_hbond.range_id_2 
_pdbx_struct_sheet_hbond.range_1_label_atom_id 
_pdbx_struct_sheet_hbond.range_1_label_comp_id 
_pdbx_struct_sheet_hbond.range_1_label_asym_id 
_pdbx_struct_sheet_hbond.range_1_label_seq_id 
_pdbx_struct_sheet_hbond.range_1_PDB_ins_code 
_pdbx_struct_sheet_hbond.range_1_auth_atom_id 
_pdbx_struct_sheet_hbond.range_1_auth_comp_id 
_pdbx_struct_sheet_hbond.range_1_auth_asym_id 
_pdbx_struct_sheet_hbond.range_1_auth_seq_id 
_pdbx_struct_sheet_hbond.range_2_label_atom_id 
_pdbx_struct_sheet_hbond.range_2_label_comp_id 
_pdbx_struct_sheet_hbond.range_2_label_asym_id 
_pdbx_struct_sheet_hbond.range_2_label_seq_id 
_pdbx_struct_sheet_hbond.range_2_PDB_ins_code 
_pdbx_struct_sheet_hbond.range_2_auth_atom_id 
_pdbx_struct_sheet_hbond.range_2_auth_comp_id 
_pdbx_struct_sheet_hbond.range_2_auth_asym_id 
_pdbx_struct_sheet_hbond.range_2_auth_seq_id 
AA1 1 2  O ILE A 66  ? O ILE A 62  N ILE A 55  ? N ILE A 51  
AA1 2 3  O GLU A 58  ? O GLU A 54  N ASN A 43  ? N ASN A 39  
AA1 3 4  O MET A 44  ? O MET A 40  N TRP A 12  ? N TRP A 8   
AA1 4 5  N LYS A 13  ? N LYS A 9   O GLU A 133 ? O GLU A 129 
AA1 5 6  O TYR A 132 ? O TYR A 128 N LEU A 117 ? N LEU A 113 
AA1 6 7  O VAL A 118 ? O VAL A 114 N LYS A 111 ? N LYS A 107 
AA1 7 8  O LYS A 104 ? O LYS A 100 N TRP A 101 ? N TRP A 97  
AA1 8 9  O VAL A 96  ? O VAL A 92  N THR A 89  ? N THR A 85  
AA1 9 10 O SER A 86  ? O SER A 82  N PHE A 74  ? N PHE A 70  
# 
_pdbx_entry_details.entry_id                   7G1I 
_pdbx_entry_details.compound_details           ? 
_pdbx_entry_details.source_details             ? 
_pdbx_entry_details.nonpolymer_details         ? 
_pdbx_entry_details.sequence_details           ? 
_pdbx_entry_details.has_ligand_of_interest     Y 
_pdbx_entry_details.has_protein_modification   N 
# 
_pdbx_validate_close_contact.id               1 
_pdbx_validate_close_contact.PDB_model_num    1 
_pdbx_validate_close_contact.auth_atom_id_1   O 
_pdbx_validate_close_contact.auth_asym_id_1   A 
_pdbx_validate_close_contact.auth_comp_id_1   HOH 
_pdbx_validate_close_contact.auth_seq_id_1    314 
_pdbx_validate_close_contact.PDB_ins_code_1   ? 
_pdbx_validate_close_contact.label_alt_id_1   ? 
_pdbx_validate_close_contact.auth_atom_id_2   O 
_pdbx_validate_close_contact.auth_asym_id_2   A 
_pdbx_validate_close_contact.auth_comp_id_2   HOH 
_pdbx_validate_close_contact.auth_seq_id_2    329 
_pdbx_validate_close_contact.PDB_ins_code_2   ? 
_pdbx_validate_close_contact.label_alt_id_2   ? 
_pdbx_validate_close_contact.dist             1.78 
# 
loop_
_pdbx_validate_torsion.id 
_pdbx_validate_torsion.PDB_model_num 
_pdbx_validate_torsion.auth_comp_id 
_pdbx_validate_torsion.auth_asym_id 
_pdbx_validate_torsion.auth_seq_id 
_pdbx_validate_torsion.PDB_ins_code 
_pdbx_validate_torsion.label_alt_id 
_pdbx_validate_torsion.phi 
_pdbx_validate_torsion.psi 
1 1 ASP A 110 ? ? 54.52 -130.94 
2 1 LYS A 120 ? A 51.14 -114.72 
3 1 LYS A 120 ? B 31.77 54.83   
# 
loop_
_pdbx_unobs_or_zero_occ_residues.id 
_pdbx_unobs_or_zero_occ_residues.PDB_model_num 
_pdbx_unobs_or_zero_occ_residues.polymer_flag 
_pdbx_unobs_or_zero_occ_residues.occupancy_flag 
_pdbx_unobs_or_zero_occ_residues.auth_asym_id 
_pdbx_unobs_or_zero_occ_residues.auth_comp_id 
_pdbx_unobs_or_zero_occ_residues.auth_seq_id 
_pdbx_unobs_or_zero_occ_residues.PDB_ins_code 
_pdbx_unobs_or_zero_occ_residues.label_asym_id 
_pdbx_unobs_or_zero_occ_residues.label_comp_id 
_pdbx_unobs_or_zero_occ_residues.label_seq_id 
1 1 Y 1 A GLY -3 ? A GLY 1 
2 1 Y 1 A SER -2 ? A SER 2 
# 
loop_
_chem_comp_atom.comp_id 
_chem_comp_atom.atom_id 
_chem_comp_atom.type_symbol 
_chem_comp_atom.pdbx_aromatic_flag 
_chem_comp_atom.pdbx_stereo_config 
_chem_comp_atom.pdbx_ordinal 
ALA N    N  N N 1   
ALA CA   C  N S 2   
ALA C    C  N N 3   
ALA O    O  N N 4   
ALA CB   C  N N 5   
ALA OXT  O  N N 6   
ALA H    H  N N 7   
ALA H2   H  N N 8   
ALA HA   H  N N 9   
ALA HB1  H  N N 10  
ALA HB2  H  N N 11  
ALA HB3  H  N N 12  
ALA HXT  H  N N 13  
ARG N    N  N N 14  
ARG CA   C  N S 15  
ARG C    C  N N 16  
ARG O    O  N N 17  
ARG CB   C  N N 18  
ARG CG   C  N N 19  
ARG CD   C  N N 20  
ARG NE   N  N N 21  
ARG CZ   C  N N 22  
ARG NH1  N  N N 23  
ARG NH2  N  N N 24  
ARG OXT  O  N N 25  
ARG H    H  N N 26  
ARG H2   H  N N 27  
ARG HA   H  N N 28  
ARG HB2  H  N N 29  
ARG HB3  H  N N 30  
ARG HG2  H  N N 31  
ARG HG3  H  N N 32  
ARG HD2  H  N N 33  
ARG HD3  H  N N 34  
ARG HE   H  N N 35  
ARG HH11 H  N N 36  
ARG HH12 H  N N 37  
ARG HH21 H  N N 38  
ARG HH22 H  N N 39  
ARG HXT  H  N N 40  
ASN N    N  N N 41  
ASN CA   C  N S 42  
ASN C    C  N N 43  
ASN O    O  N N 44  
ASN CB   C  N N 45  
ASN CG   C  N N 46  
ASN OD1  O  N N 47  
ASN ND2  N  N N 48  
ASN OXT  O  N N 49  
ASN H    H  N N 50  
ASN H2   H  N N 51  
ASN HA   H  N N 52  
ASN HB2  H  N N 53  
ASN HB3  H  N N 54  
ASN HD21 H  N N 55  
ASN HD22 H  N N 56  
ASN HXT  H  N N 57  
ASP N    N  N N 58  
ASP CA   C  N S 59  
ASP C    C  N N 60  
ASP O    O  N N 61  
ASP CB   C  N N 62  
ASP CG   C  N N 63  
ASP OD1  O  N N 64  
ASP OD2  O  N N 65  
ASP OXT  O  N N 66  
ASP H    H  N N 67  
ASP H2   H  N N 68  
ASP HA   H  N N 69  
ASP HB2  H  N N 70  
ASP HB3  H  N N 71  
ASP HD2  H  N N 72  
ASP HXT  H  N N 73  
CYS N    N  N N 74  
CYS CA   C  N R 75  
CYS C    C  N N 76  
CYS O    O  N N 77  
CYS CB   C  N N 78  
CYS SG   S  N N 79  
CYS OXT  O  N N 80  
CYS H    H  N N 81  
CYS H2   H  N N 82  
CYS HA   H  N N 83  
CYS HB2  H  N N 84  
CYS HB3  H  N N 85  
CYS HG   H  N N 86  
CYS HXT  H  N N 87  
GLN N    N  N N 88  
GLN CA   C  N S 89  
GLN C    C  N N 90  
GLN O    O  N N 91  
GLN CB   C  N N 92  
GLN CG   C  N N 93  
GLN CD   C  N N 94  
GLN OE1  O  N N 95  
GLN NE2  N  N N 96  
GLN OXT  O  N N 97  
GLN H    H  N N 98  
GLN H2   H  N N 99  
GLN HA   H  N N 100 
GLN HB2  H  N N 101 
GLN HB3  H  N N 102 
GLN HG2  H  N N 103 
GLN HG3  H  N N 104 
GLN HE21 H  N N 105 
GLN HE22 H  N N 106 
GLN HXT  H  N N 107 
GLU N    N  N N 108 
GLU CA   C  N S 109 
GLU C    C  N N 110 
GLU O    O  N N 111 
GLU CB   C  N N 112 
GLU CG   C  N N 113 
GLU CD   C  N N 114 
GLU OE1  O  N N 115 
GLU OE2  O  N N 116 
GLU OXT  O  N N 117 
GLU H    H  N N 118 
GLU H2   H  N N 119 
GLU HA   H  N N 120 
GLU HB2  H  N N 121 
GLU HB3  H  N N 122 
GLU HG2  H  N N 123 
GLU HG3  H  N N 124 
GLU HE2  H  N N 125 
GLU HXT  H  N N 126 
GLY N    N  N N 127 
GLY CA   C  N N 128 
GLY C    C  N N 129 
GLY O    O  N N 130 
GLY OXT  O  N N 131 
GLY H    H  N N 132 
GLY H2   H  N N 133 
GLY HA2  H  N N 134 
GLY HA3  H  N N 135 
GLY HXT  H  N N 136 
HIS N    N  N N 137 
HIS CA   C  N S 138 
HIS C    C  N N 139 
HIS O    O  N N 140 
HIS CB   C  N N 141 
HIS CG   C  Y N 142 
HIS ND1  N  Y N 143 
HIS CD2  C  Y N 144 
HIS CE1  C  Y N 145 
HIS NE2  N  Y N 146 
HIS OXT  O  N N 147 
HIS H    H  N N 148 
HIS H2   H  N N 149 
HIS HA   H  N N 150 
HIS HB2  H  N N 151 
HIS HB3  H  N N 152 
HIS HD1  H  N N 153 
HIS HD2  H  N N 154 
HIS HE1  H  N N 155 
HIS HE2  H  N N 156 
HIS HXT  H  N N 157 
HOH O    O  N N 158 
HOH H1   H  N N 159 
HOH H2   H  N N 160 
ILE N    N  N N 161 
ILE CA   C  N S 162 
ILE C    C  N N 163 
ILE O    O  N N 164 
ILE CB   C  N S 165 
ILE CG1  C  N N 166 
ILE CG2  C  N N 167 
ILE CD1  C  N N 168 
ILE OXT  O  N N 169 
ILE H    H  N N 170 
ILE H2   H  N N 171 
ILE HA   H  N N 172 
ILE HB   H  N N 173 
ILE HG12 H  N N 174 
ILE HG13 H  N N 175 
ILE HG21 H  N N 176 
ILE HG22 H  N N 177 
ILE HG23 H  N N 178 
ILE HD11 H  N N 179 
ILE HD12 H  N N 180 
ILE HD13 H  N N 181 
ILE HXT  H  N N 182 
LEU N    N  N N 183 
LEU CA   C  N S 184 
LEU C    C  N N 185 
LEU O    O  N N 186 
LEU CB   C  N N 187 
LEU CG   C  N N 188 
LEU CD1  C  N N 189 
LEU CD2  C  N N 190 
LEU OXT  O  N N 191 
LEU H    H  N N 192 
LEU H2   H  N N 193 
LEU HA   H  N N 194 
LEU HB2  H  N N 195 
LEU HB3  H  N N 196 
LEU HG   H  N N 197 
LEU HD11 H  N N 198 
LEU HD12 H  N N 199 
LEU HD13 H  N N 200 
LEU HD21 H  N N 201 
LEU HD22 H  N N 202 
LEU HD23 H  N N 203 
LEU HXT  H  N N 204 
LYS N    N  N N 205 
LYS CA   C  N S 206 
LYS C    C  N N 207 
LYS O    O  N N 208 
LYS CB   C  N N 209 
LYS CG   C  N N 210 
LYS CD   C  N N 211 
LYS CE   C  N N 212 
LYS NZ   N  N N 213 
LYS OXT  O  N N 214 
LYS H    H  N N 215 
LYS H2   H  N N 216 
LYS HA   H  N N 217 
LYS HB2  H  N N 218 
LYS HB3  H  N N 219 
LYS HG2  H  N N 220 
LYS HG3  H  N N 221 
LYS HD2  H  N N 222 
LYS HD3  H  N N 223 
LYS HE2  H  N N 224 
LYS HE3  H  N N 225 
LYS HZ1  H  N N 226 
LYS HZ2  H  N N 227 
LYS HZ3  H  N N 228 
LYS HXT  H  N N 229 
MET N    N  N N 230 
MET CA   C  N S 231 
MET C    C  N N 232 
MET O    O  N N 233 
MET CB   C  N N 234 
MET CG   C  N N 235 
MET SD   S  N N 236 
MET CE   C  N N 237 
MET OXT  O  N N 238 
MET H    H  N N 239 
MET H2   H  N N 240 
MET HA   H  N N 241 
MET HB2  H  N N 242 
MET HB3  H  N N 243 
MET HG2  H  N N 244 
MET HG3  H  N N 245 
MET HE1  H  N N 246 
MET HE2  H  N N 247 
MET HE3  H  N N 248 
MET HXT  H  N N 249 
PHE N    N  N N 250 
PHE CA   C  N S 251 
PHE C    C  N N 252 
PHE O    O  N N 253 
PHE CB   C  N N 254 
PHE CG   C  Y N 255 
PHE CD1  C  Y N 256 
PHE CD2  C  Y N 257 
PHE CE1  C  Y N 258 
PHE CE2  C  Y N 259 
PHE CZ   C  Y N 260 
PHE OXT  O  N N 261 
PHE H    H  N N 262 
PHE H2   H  N N 263 
PHE HA   H  N N 264 
PHE HB2  H  N N 265 
PHE HB3  H  N N 266 
PHE HD1  H  N N 267 
PHE HD2  H  N N 268 
PHE HE1  H  N N 269 
PHE HE2  H  N N 270 
PHE HZ   H  N N 271 
PHE HXT  H  N N 272 
PRO N    N  N N 273 
PRO CA   C  N S 274 
PRO C    C  N N 275 
PRO O    O  N N 276 
PRO CB   C  N N 277 
PRO CG   C  N N 278 
PRO CD   C  N N 279 
PRO OXT  O  N N 280 
PRO H    H  N N 281 
PRO HA   H  N N 282 
PRO HB2  H  N N 283 
PRO HB3  H  N N 284 
PRO HG2  H  N N 285 
PRO HG3  H  N N 286 
PRO HD2  H  N N 287 
PRO HD3  H  N N 288 
PRO HXT  H  N N 289 
SER N    N  N N 290 
SER CA   C  N S 291 
SER C    C  N N 292 
SER O    O  N N 293 
SER CB   C  N N 294 
SER OG   O  N N 295 
SER OXT  O  N N 296 
SER H    H  N N 297 
SER H2   H  N N 298 
SER HA   H  N N 299 
SER HB2  H  N N 300 
SER HB3  H  N N 301 
SER HG   H  N N 302 
SER HXT  H  N N 303 
SO4 S    S  N N 304 
SO4 O1   O  N N 305 
SO4 O2   O  N N 306 
SO4 O3   O  N N 307 
SO4 O4   O  N N 308 
THR N    N  N N 309 
THR CA   C  N S 310 
THR C    C  N N 311 
THR O    O  N N 312 
THR CB   C  N R 313 
THR OG1  O  N N 314 
THR CG2  C  N N 315 
THR OXT  O  N N 316 
THR H    H  N N 317 
THR H2   H  N N 318 
THR HA   H  N N 319 
THR HB   H  N N 320 
THR HG1  H  N N 321 
THR HG21 H  N N 322 
THR HG22 H  N N 323 
THR HG23 H  N N 324 
THR HXT  H  N N 325 
TRP N    N  N N 326 
TRP CA   C  N S 327 
TRP C    C  N N 328 
TRP O    O  N N 329 
TRP CB   C  N N 330 
TRP CG   C  Y N 331 
TRP CD1  C  Y N 332 
TRP CD2  C  Y N 333 
TRP NE1  N  Y N 334 
TRP CE2  C  Y N 335 
TRP CE3  C  Y N 336 
TRP CZ2  C  Y N 337 
TRP CZ3  C  Y N 338 
TRP CH2  C  Y N 339 
TRP OXT  O  N N 340 
TRP H    H  N N 341 
TRP H2   H  N N 342 
TRP HA   H  N N 343 
TRP HB2  H  N N 344 
TRP HB3  H  N N 345 
TRP HD1  H  N N 346 
TRP HE1  H  N N 347 
TRP HE3  H  N N 348 
TRP HZ2  H  N N 349 
TRP HZ3  H  N N 350 
TRP HH2  H  N N 351 
TRP HXT  H  N N 352 
TYR N    N  N N 353 
TYR CA   C  N S 354 
TYR C    C  N N 355 
TYR O    O  N N 356 
TYR CB   C  N N 357 
TYR CG   C  Y N 358 
TYR CD1  C  Y N 359 
TYR CD2  C  Y N 360 
TYR CE1  C  Y N 361 
TYR CE2  C  Y N 362 
TYR CZ   C  Y N 363 
TYR OH   O  N N 364 
TYR OXT  O  N N 365 
TYR H    H  N N 366 
TYR H2   H  N N 367 
TYR HA   H  N N 368 
TYR HB2  H  N N 369 
TYR HB3  H  N N 370 
TYR HD1  H  N N 371 
TYR HD2  H  N N 372 
TYR HE1  H  N N 373 
TYR HE2  H  N N 374 
TYR HH   H  N N 375 
TYR HXT  H  N N 376 
VAL N    N  N N 377 
VAL CA   C  N S 378 
VAL C    C  N N 379 
VAL O    O  N N 380 
VAL CB   C  N N 381 
VAL CG1  C  N N 382 
VAL CG2  C  N N 383 
VAL OXT  O  N N 384 
VAL H    H  N N 385 
VAL H2   H  N N 386 
VAL HA   H  N N 387 
VAL HB   H  N N 388 
VAL HG11 H  N N 389 
VAL HG12 H  N N 390 
VAL HG13 H  N N 391 
VAL HG21 H  N N 392 
VAL HG22 H  N N 393 
VAL HG23 H  N N 394 
VAL HXT  H  N N 395 
WOB C11  C  N N 396 
WOB O12  O  N N 397 
WOB C15  C  Y N 398 
WOB C16  C  N N 399 
WOB C17  C  N N 400 
WOB C21  C  Y N 401 
WOB C22  C  Y N 402 
WOB C23  C  Y N 403 
WOB C24  C  Y N 404 
WOB C25  C  Y N 405 
WOB C1   C  Y N 406 
WOB C2   C  Y N 407 
WOB N3   N  Y N 408 
WOB C4   C  Y N 409 
WOB C5   C  Y N 410 
WOB C6   C  Y N 411 
WOB O7   O  N N 412 
WOB C8   C  N N 413 
WOB F9   F  N N 414 
WOB F10  F  N N 415 
WOB O13  O  N N 416 
WOB F14  F  N N 417 
WOB F18  F  N N 418 
WOB F19  F  N N 419 
WOB F20  F  N N 420 
WOB CL26 CL N N 421 
WOB H30  H  N N 422 
WOB H29  H  N N 423 
WOB H31  H  N N 424 
WOB H32  H  N N 425 
WOB H33  H  N N 426 
WOB H34  H  N N 427 
WOB H27  H  N N 428 
WOB H2   H  N N 429 
# 
loop_
_chem_comp_bond.comp_id 
_chem_comp_bond.atom_id_1 
_chem_comp_bond.atom_id_2 
_chem_comp_bond.value_order 
_chem_comp_bond.pdbx_aromatic_flag 
_chem_comp_bond.pdbx_stereo_config 
_chem_comp_bond.pdbx_ordinal 
ALA N    CA   sing N N 1   
ALA N    H    sing N N 2   
ALA N    H2   sing N N 3   
ALA CA   C    sing N N 4   
ALA CA   CB   sing N N 5   
ALA CA   HA   sing N N 6   
ALA C    O    doub N N 7   
ALA C    OXT  sing N N 8   
ALA CB   HB1  sing N N 9   
ALA CB   HB2  sing N N 10  
ALA CB   HB3  sing N N 11  
ALA OXT  HXT  sing N N 12  
ARG N    CA   sing N N 13  
ARG N    H    sing N N 14  
ARG N    H2   sing N N 15  
ARG CA   C    sing N N 16  
ARG CA   CB   sing N N 17  
ARG CA   HA   sing N N 18  
ARG C    O    doub N N 19  
ARG C    OXT  sing N N 20  
ARG CB   CG   sing N N 21  
ARG CB   HB2  sing N N 22  
ARG CB   HB3  sing N N 23  
ARG CG   CD   sing N N 24  
ARG CG   HG2  sing N N 25  
ARG CG   HG3  sing N N 26  
ARG CD   NE   sing N N 27  
ARG CD   HD2  sing N N 28  
ARG CD   HD3  sing N N 29  
ARG NE   CZ   sing N N 30  
ARG NE   HE   sing N N 31  
ARG CZ   NH1  sing N N 32  
ARG CZ   NH2  doub N N 33  
ARG NH1  HH11 sing N N 34  
ARG NH1  HH12 sing N N 35  
ARG NH2  HH21 sing N N 36  
ARG NH2  HH22 sing N N 37  
ARG OXT  HXT  sing N N 38  
ASN N    CA   sing N N 39  
ASN N    H    sing N N 40  
ASN N    H2   sing N N 41  
ASN CA   C    sing N N 42  
ASN CA   CB   sing N N 43  
ASN CA   HA   sing N N 44  
ASN C    O    doub N N 45  
ASN C    OXT  sing N N 46  
ASN CB   CG   sing N N 47  
ASN CB   HB2  sing N N 48  
ASN CB   HB3  sing N N 49  
ASN CG   OD1  doub N N 50  
ASN CG   ND2  sing N N 51  
ASN ND2  HD21 sing N N 52  
ASN ND2  HD22 sing N N 53  
ASN OXT  HXT  sing N N 54  
ASP N    CA   sing N N 55  
ASP N    H    sing N N 56  
ASP N    H2   sing N N 57  
ASP CA   C    sing N N 58  
ASP CA   CB   sing N N 59  
ASP CA   HA   sing N N 60  
ASP C    O    doub N N 61  
ASP C    OXT  sing N N 62  
ASP CB   CG   sing N N 63  
ASP CB   HB2  sing N N 64  
ASP CB   HB3  sing N N 65  
ASP CG   OD1  doub N N 66  
ASP CG   OD2  sing N N 67  
ASP OD2  HD2  sing N N 68  
ASP OXT  HXT  sing N N 69  
CYS N    CA   sing N N 70  
CYS N    H    sing N N 71  
CYS N    H2   sing N N 72  
CYS CA   C    sing N N 73  
CYS CA   CB   sing N N 74  
CYS CA   HA   sing N N 75  
CYS C    O    doub N N 76  
CYS C    OXT  sing N N 77  
CYS CB   SG   sing N N 78  
CYS CB   HB2  sing N N 79  
CYS CB   HB3  sing N N 80  
CYS SG   HG   sing N N 81  
CYS OXT  HXT  sing N N 82  
GLN N    CA   sing N N 83  
GLN N    H    sing N N 84  
GLN N    H2   sing N N 85  
GLN CA   C    sing N N 86  
GLN CA   CB   sing N N 87  
GLN CA   HA   sing N N 88  
GLN C    O    doub N N 89  
GLN C    OXT  sing N N 90  
GLN CB   CG   sing N N 91  
GLN CB   HB2  sing N N 92  
GLN CB   HB3  sing N N 93  
GLN CG   CD   sing N N 94  
GLN CG   HG2  sing N N 95  
GLN CG   HG3  sing N N 96  
GLN CD   OE1  doub N N 97  
GLN CD   NE2  sing N N 98  
GLN NE2  HE21 sing N N 99  
GLN NE2  HE22 sing N N 100 
GLN OXT  HXT  sing N N 101 
GLU N    CA   sing N N 102 
GLU N    H    sing N N 103 
GLU N    H2   sing N N 104 
GLU CA   C    sing N N 105 
GLU CA   CB   sing N N 106 
GLU CA   HA   sing N N 107 
GLU C    O    doub N N 108 
GLU C    OXT  sing N N 109 
GLU CB   CG   sing N N 110 
GLU CB   HB2  sing N N 111 
GLU CB   HB3  sing N N 112 
GLU CG   CD   sing N N 113 
GLU CG   HG2  sing N N 114 
GLU CG   HG3  sing N N 115 
GLU CD   OE1  doub N N 116 
GLU CD   OE2  sing N N 117 
GLU OE2  HE2  sing N N 118 
GLU OXT  HXT  sing N N 119 
GLY N    CA   sing N N 120 
GLY N    H    sing N N 121 
GLY N    H2   sing N N 122 
GLY CA   C    sing N N 123 
GLY CA   HA2  sing N N 124 
GLY CA   HA3  sing N N 125 
GLY C    O    doub N N 126 
GLY C    OXT  sing N N 127 
GLY OXT  HXT  sing N N 128 
HIS N    CA   sing N N 129 
HIS N    H    sing N N 130 
HIS N    H2   sing N N 131 
HIS CA   C    sing N N 132 
HIS CA   CB   sing N N 133 
HIS CA   HA   sing N N 134 
HIS C    O    doub N N 135 
HIS C    OXT  sing N N 136 
HIS CB   CG   sing N N 137 
HIS CB   HB2  sing N N 138 
HIS CB   HB3  sing N N 139 
HIS CG   ND1  sing Y N 140 
HIS CG   CD2  doub Y N 141 
HIS ND1  CE1  doub Y N 142 
HIS ND1  HD1  sing N N 143 
HIS CD2  NE2  sing Y N 144 
HIS CD2  HD2  sing N N 145 
HIS CE1  NE2  sing Y N 146 
HIS CE1  HE1  sing N N 147 
HIS NE2  HE2  sing N N 148 
HIS OXT  HXT  sing N N 149 
HOH O    H1   sing N N 150 
HOH O    H2   sing N N 151 
ILE N    CA   sing N N 152 
ILE N    H    sing N N 153 
ILE N    H2   sing N N 154 
ILE CA   C    sing N N 155 
ILE CA   CB   sing N N 156 
ILE CA   HA   sing N N 157 
ILE C    O    doub N N 158 
ILE C    OXT  sing N N 159 
ILE CB   CG1  sing N N 160 
ILE CB   CG2  sing N N 161 
ILE CB   HB   sing N N 162 
ILE CG1  CD1  sing N N 163 
ILE CG1  HG12 sing N N 164 
ILE CG1  HG13 sing N N 165 
ILE CG2  HG21 sing N N 166 
ILE CG2  HG22 sing N N 167 
ILE CG2  HG23 sing N N 168 
ILE CD1  HD11 sing N N 169 
ILE CD1  HD12 sing N N 170 
ILE CD1  HD13 sing N N 171 
ILE OXT  HXT  sing N N 172 
LEU N    CA   sing N N 173 
LEU N    H    sing N N 174 
LEU N    H2   sing N N 175 
LEU CA   C    sing N N 176 
LEU CA   CB   sing N N 177 
LEU CA   HA   sing N N 178 
LEU C    O    doub N N 179 
LEU C    OXT  sing N N 180 
LEU CB   CG   sing N N 181 
LEU CB   HB2  sing N N 182 
LEU CB   HB3  sing N N 183 
LEU CG   CD1  sing N N 184 
LEU CG   CD2  sing N N 185 
LEU CG   HG   sing N N 186 
LEU CD1  HD11 sing N N 187 
LEU CD1  HD12 sing N N 188 
LEU CD1  HD13 sing N N 189 
LEU CD2  HD21 sing N N 190 
LEU CD2  HD22 sing N N 191 
LEU CD2  HD23 sing N N 192 
LEU OXT  HXT  sing N N 193 
LYS N    CA   sing N N 194 
LYS N    H    sing N N 195 
LYS N    H2   sing N N 196 
LYS CA   C    sing N N 197 
LYS CA   CB   sing N N 198 
LYS CA   HA   sing N N 199 
LYS C    O    doub N N 200 
LYS C    OXT  sing N N 201 
LYS CB   CG   sing N N 202 
LYS CB   HB2  sing N N 203 
LYS CB   HB3  sing N N 204 
LYS CG   CD   sing N N 205 
LYS CG   HG2  sing N N 206 
LYS CG   HG3  sing N N 207 
LYS CD   CE   sing N N 208 
LYS CD   HD2  sing N N 209 
LYS CD   HD3  sing N N 210 
LYS CE   NZ   sing N N 211 
LYS CE   HE2  sing N N 212 
LYS CE   HE3  sing N N 213 
LYS NZ   HZ1  sing N N 214 
LYS NZ   HZ2  sing N N 215 
LYS NZ   HZ3  sing N N 216 
LYS OXT  HXT  sing N N 217 
MET N    CA   sing N N 218 
MET N    H    sing N N 219 
MET N    H2   sing N N 220 
MET CA   C    sing N N 221 
MET CA   CB   sing N N 222 
MET CA   HA   sing N N 223 
MET C    O    doub N N 224 
MET C    OXT  sing N N 225 
MET CB   CG   sing N N 226 
MET CB   HB2  sing N N 227 
MET CB   HB3  sing N N 228 
MET CG   SD   sing N N 229 
MET CG   HG2  sing N N 230 
MET CG   HG3  sing N N 231 
MET SD   CE   sing N N 232 
MET CE   HE1  sing N N 233 
MET CE   HE2  sing N N 234 
MET CE   HE3  sing N N 235 
MET OXT  HXT  sing N N 236 
PHE N    CA   sing N N 237 
PHE N    H    sing N N 238 
PHE N    H2   sing N N 239 
PHE CA   C    sing N N 240 
PHE CA   CB   sing N N 241 
PHE CA   HA   sing N N 242 
PHE C    O    doub N N 243 
PHE C    OXT  sing N N 244 
PHE CB   CG   sing N N 245 
PHE CB   HB2  sing N N 246 
PHE CB   HB3  sing N N 247 
PHE CG   CD1  doub Y N 248 
PHE CG   CD2  sing Y N 249 
PHE CD1  CE1  sing Y N 250 
PHE CD1  HD1  sing N N 251 
PHE CD2  CE2  doub Y N 252 
PHE CD2  HD2  sing N N 253 
PHE CE1  CZ   doub Y N 254 
PHE CE1  HE1  sing N N 255 
PHE CE2  CZ   sing Y N 256 
PHE CE2  HE2  sing N N 257 
PHE CZ   HZ   sing N N 258 
PHE OXT  HXT  sing N N 259 
PRO N    CA   sing N N 260 
PRO N    CD   sing N N 261 
PRO N    H    sing N N 262 
PRO CA   C    sing N N 263 
PRO CA   CB   sing N N 264 
PRO CA   HA   sing N N 265 
PRO C    O    doub N N 266 
PRO C    OXT  sing N N 267 
PRO CB   CG   sing N N 268 
PRO CB   HB2  sing N N 269 
PRO CB   HB3  sing N N 270 
PRO CG   CD   sing N N 271 
PRO CG   HG2  sing N N 272 
PRO CG   HG3  sing N N 273 
PRO CD   HD2  sing N N 274 
PRO CD   HD3  sing N N 275 
PRO OXT  HXT  sing N N 276 
SER N    CA   sing N N 277 
SER N    H    sing N N 278 
SER N    H2   sing N N 279 
SER CA   C    sing N N 280 
SER CA   CB   sing N N 281 
SER CA   HA   sing N N 282 
SER C    O    doub N N 283 
SER C    OXT  sing N N 284 
SER CB   OG   sing N N 285 
SER CB   HB2  sing N N 286 
SER CB   HB3  sing N N 287 
SER OG   HG   sing N N 288 
SER OXT  HXT  sing N N 289 
SO4 S    O1   doub N N 290 
SO4 S    O2   doub N N 291 
SO4 S    O3   sing N N 292 
SO4 S    O4   sing N N 293 
THR N    CA   sing N N 294 
THR N    H    sing N N 295 
THR N    H2   sing N N 296 
THR CA   C    sing N N 297 
THR CA   CB   sing N N 298 
THR CA   HA   sing N N 299 
THR C    O    doub N N 300 
THR C    OXT  sing N N 301 
THR CB   OG1  sing N N 302 
THR CB   CG2  sing N N 303 
THR CB   HB   sing N N 304 
THR OG1  HG1  sing N N 305 
THR CG2  HG21 sing N N 306 
THR CG2  HG22 sing N N 307 
THR CG2  HG23 sing N N 308 
THR OXT  HXT  sing N N 309 
TRP N    CA   sing N N 310 
TRP N    H    sing N N 311 
TRP N    H2   sing N N 312 
TRP CA   C    sing N N 313 
TRP CA   CB   sing N N 314 
TRP CA   HA   sing N N 315 
TRP C    O    doub N N 316 
TRP C    OXT  sing N N 317 
TRP CB   CG   sing N N 318 
TRP CB   HB2  sing N N 319 
TRP CB   HB3  sing N N 320 
TRP CG   CD1  doub Y N 321 
TRP CG   CD2  sing Y N 322 
TRP CD1  NE1  sing Y N 323 
TRP CD1  HD1  sing N N 324 
TRP CD2  CE2  doub Y N 325 
TRP CD2  CE3  sing Y N 326 
TRP NE1  CE2  sing Y N 327 
TRP NE1  HE1  sing N N 328 
TRP CE2  CZ2  sing Y N 329 
TRP CE3  CZ3  doub Y N 330 
TRP CE3  HE3  sing N N 331 
TRP CZ2  CH2  doub Y N 332 
TRP CZ2  HZ2  sing N N 333 
TRP CZ3  CH2  sing Y N 334 
TRP CZ3  HZ3  sing N N 335 
TRP CH2  HH2  sing N N 336 
TRP OXT  HXT  sing N N 337 
TYR N    CA   sing N N 338 
TYR N    H    sing N N 339 
TYR N    H2   sing N N 340 
TYR CA   C    sing N N 341 
TYR CA   CB   sing N N 342 
TYR CA   HA   sing N N 343 
TYR C    O    doub N N 344 
TYR C    OXT  sing N N 345 
TYR CB   CG   sing N N 346 
TYR CB   HB2  sing N N 347 
TYR CB   HB3  sing N N 348 
TYR CG   CD1  doub Y N 349 
TYR CG   CD2  sing Y N 350 
TYR CD1  CE1  sing Y N 351 
TYR CD1  HD1  sing N N 352 
TYR CD2  CE2  doub Y N 353 
TYR CD2  HD2  sing N N 354 
TYR CE1  CZ   doub Y N 355 
TYR CE1  HE1  sing N N 356 
TYR CE2  CZ   sing Y N 357 
TYR CE2  HE2  sing N N 358 
TYR CZ   OH   sing N N 359 
TYR OH   HH   sing N N 360 
TYR OXT  HXT  sing N N 361 
VAL N    CA   sing N N 362 
VAL N    H    sing N N 363 
VAL N    H2   sing N N 364 
VAL CA   C    sing N N 365 
VAL CA   CB   sing N N 366 
VAL CA   HA   sing N N 367 
VAL C    O    doub N N 368 
VAL C    OXT  sing N N 369 
VAL CB   CG1  sing N N 370 
VAL CB   CG2  sing N N 371 
VAL CB   HB   sing N N 372 
VAL CG1  HG11 sing N N 373 
VAL CG1  HG12 sing N N 374 
VAL CG1  HG13 sing N N 375 
VAL CG2  HG21 sing N N 376 
VAL CG2  HG22 sing N N 377 
VAL CG2  HG23 sing N N 378 
VAL OXT  HXT  sing N N 379 
WOB C1   C2   doub Y N 380 
WOB C2   N3   sing Y N 381 
WOB N3   C4   doub Y N 382 
WOB C4   C5   sing Y N 383 
WOB C1   C6   sing Y N 384 
WOB C5   C6   doub Y N 385 
WOB C2   O7   sing N N 386 
WOB C4   C8   sing N N 387 
WOB C8   F9   sing N N 388 
WOB C8   F10  sing N N 389 
WOB C5   C11  sing N N 390 
WOB C11  O12  doub N N 391 
WOB C11  O13  sing N N 392 
WOB C8   F14  sing N N 393 
WOB C1   C15  sing N N 394 
WOB O7   C16  sing N N 395 
WOB C16  C17  sing N N 396 
WOB C17  F18  sing N N 397 
WOB C17  F19  sing N N 398 
WOB C17  F20  sing N N 399 
WOB C15  C21  doub Y N 400 
WOB C21  C22  sing Y N 401 
WOB C22  C23  doub Y N 402 
WOB C23  C24  sing Y N 403 
WOB C15  C25  sing Y N 404 
WOB C24  C25  doub Y N 405 
WOB C16  H30  sing N N 406 
WOB C16  H29  sing N N 407 
WOB C21  H31  sing N N 408 
WOB C22  H32  sing N N 409 
WOB C24  H33  sing N N 410 
WOB C25  H34  sing N N 411 
WOB C6   H27  sing N N 412 
WOB O13  H2   sing N N 413 
WOB CL26 C23  sing N N 414 
# 
_pdbx_audit_support.ordinal                1 
_pdbx_audit_support.funding_organization   'F. Hoffmann-La Roche LTD' 
_pdbx_audit_support.grant_number           ? 
_pdbx_audit_support.country                Switzerland 
# 
_pdbx_deposit_group.group_id            G_1002264 
_pdbx_deposit_group.group_description   'A set of fabp crystal structures' 
_pdbx_deposit_group.group_title         'To be published' 
_pdbx_deposit_group.group_type          undefined 
# 
_pdbx_initial_refinement_model.accession_code   ? 
_pdbx_initial_refinement_model.id               1 
_pdbx_initial_refinement_model.entity_id_list   ? 
_pdbx_initial_refinement_model.type             other 
_pdbx_initial_refinement_model.source_name      ? 
_pdbx_initial_refinement_model.details          'inhouse model' 
# 
_atom_sites.entry_id                    7G1I 
_atom_sites.fract_transf_matrix[1][1]   -0.01347054 
_atom_sites.fract_transf_matrix[1][2]   0.02752053 
_atom_sites.fract_transf_matrix[1][3]   0.00317036 
_atom_sites.fract_transf_matrix[2][1]   -0.01078807 
_atom_sites.fract_transf_matrix[2][2]   -0.00358063 
_atom_sites.fract_transf_matrix[2][3]   -0.01475549 
_atom_sites.fract_transf_matrix[3][1]   -0.00912249 
_atom_sites.fract_transf_matrix[3][2]   -0.00538406 
_atom_sites.fract_transf_matrix[3][3]   0.00797619 
_atom_sites.fract_transf_vector[1]      0.247324 
_atom_sites.fract_transf_vector[2]      0.176520 
_atom_sites.fract_transf_vector[3]      0.202160 
# 
loop_
_atom_type.symbol 
C  
CL 
F  
N  
O  
S  
# 
loop_
_atom_site.group_PDB 
_atom_site.id 
_atom_site.type_symbol 
_atom_site.label_atom_id 
_atom_site.label_alt_id 
_atom_site.label_comp_id 
_atom_site.label_asym_id 
_atom_site.label_entity_id 
_atom_site.label_seq_id 
_atom_site.pdbx_PDB_ins_code 
_atom_site.Cartn_x 
_atom_site.Cartn_y 
_atom_site.Cartn_z 
_atom_site.occupancy 
_atom_site.B_iso_or_equiv 
_atom_site.pdbx_formal_charge 
_atom_site.auth_seq_id 
_atom_site.auth_comp_id 
_atom_site.auth_asym_id 
_atom_site.auth_atom_id 
_atom_site.pdbx_PDB_model_num 
ATOM   1    N  N    . HIS A 1 3   ? 6.279   7.011   -19.296 1.00 32.55 ?  -1  HIS A N    1 
ATOM   2    C  CA   . HIS A 1 3   ? 7.027   7.750   -18.231 1.00 38.51 ?  -1  HIS A CA   1 
ATOM   3    C  C    . HIS A 1 3   ? 6.167   8.194   -17.047 1.00 37.94 ?  -1  HIS A C    1 
ATOM   4    O  O    . HIS A 1 3   ? 6.621   8.961   -16.169 1.00 40.31 ?  -1  HIS A O    1 
ATOM   5    C  CB   . HIS A 1 3   ? 7.756   8.946   -18.849 1.00 39.30 ?  -1  HIS A CB   1 
ATOM   6    C  CG   . HIS A 1 3   ? 8.925   8.560   -19.736 1.00 40.55 ?  -1  HIS A CG   1 
ATOM   7    N  ND1  . HIS A 1 3   ? 10.139  8.219   -19.242 1.00 40.89 ?  -1  HIS A ND1  1 
ATOM   8    C  CD2  . HIS A 1 3   ? 9.033   8.487   -21.127 1.00 42.74 ?  -1  HIS A CD2  1 
ATOM   9    C  CE1  . HIS A 1 3   ? 10.972  7.929   -20.262 1.00 45.01 ?  -1  HIS A CE1  1 
ATOM   10   N  NE2  . HIS A 1 3   ? 10.288  8.091   -21.415 1.00 42.80 ?  -1  HIS A NE2  1 
ATOM   11   N  N    . MET A 1 4   ? 4.925   7.706   -16.994 1.00 38.88 ?  0   MET A N    1 
ATOM   12   C  CA   . MET A 1 4   ? 3.923   8.152   -15.988 1.00 37.02 ?  0   MET A CA   1 
ATOM   13   C  C    . MET A 1 4   ? 4.316   7.954   -14.524 1.00 34.65 ?  0   MET A C    1 
ATOM   14   O  O    . MET A 1 4   ? 4.040   8.810   -13.682 1.00 40.48 ?  0   MET A O    1 
ATOM   15   C  CB   . MET A 1 4   ? 2.549   7.468   -16.218 1.00 39.77 ?  0   MET A CB   1 
ATOM   16   C  CG   . MET A 1 4   ? 2.595   5.945   -16.381 1.00 39.76 ?  0   MET A CG   1 
ATOM   17   S  SD   . MET A 1 4   ? 1.002   5.140   -16.687 1.00 43.82 ?  0   MET A SD   1 
ATOM   18   C  CE   . MET A 1 4   ? 1.570   3.451   -16.729 1.00 34.61 ?  0   MET A CE   1 
ATOM   19   N  N    . CYS A 1 5   ? 4.961   6.835   -14.234 1.00 26.75 ?  1   CYS A N    1 
ATOM   20   C  CA   . CYS A 1 5   ? 5.279   6.484   -12.864 1.00 22.22 ?  1   CYS A CA   1 
ATOM   21   C  C    . CYS A 1 5   ? 6.779   6.342   -12.599 1.00 21.22 ?  1   CYS A C    1 
ATOM   22   O  O    . CYS A 1 5   ? 7.164   5.569   -11.687 1.00 19.70 ?  1   CYS A O    1 
ATOM   23   C  CB   . CYS A 1 5   ? 4.568   5.167   -12.529 1.00 26.10 ?  1   CYS A CB   1 
ATOM   24   S  SG   . CYS A 1 5   ? 2.881   5.527   -12.080 1.00 35.22 ?  1   CYS A SG   1 
ATOM   25   N  N    . ASP A 1 6   ? 7.605   7.086   -13.341 1.00 18.43 ?  2   ASP A N    1 
ATOM   26   C  CA   . ASP A 1 6   ? 9.052   6.812   -13.432 1.00 20.58 ?  2   ASP A CA   1 
ATOM   27   C  C    . ASP A 1 6   ? 9.738   6.886   -12.074 1.00 20.22 ?  2   ASP A C    1 
ATOM   28   O  O    . ASP A 1 6   ? 10.572  6.056   -11.713 1.00 22.95 ?  2   ASP A O    1 
ATOM   29   C  CB   . ASP A 1 6   ? 9.775   7.761   -14.403 1.00 22.55 ?  2   ASP A CB   1 
ATOM   30   C  CG   . ASP A 1 6   ? 9.734   7.293   -15.852 1.00 27.37 ?  2   ASP A CG   1 
ATOM   31   O  OD1  . ASP A 1 6   ? 9.080   6.254   -16.207 1.00 27.39 ?  2   ASP A OD1  1 
ATOM   32   O  OD2  . ASP A 1 6   ? 10.355  7.990   -16.681 1.00 33.15 ?  2   ASP A OD2  1 
ATOM   33   N  N    . ALA A 1 7   ? 9.325   7.840   -11.267 1.00 18.13 ?  3   ALA A N    1 
ATOM   34   C  CA   . ALA A 1 7   ? 9.984   8.057   -9.973  1.00 20.51 ?  3   ALA A CA   1 
ATOM   35   C  C    . ALA A 1 7   ? 9.538   7.085   -8.917  1.00 17.67 ?  3   ALA A C    1 
ATOM   36   O  O    . ALA A 1 7   ? 10.135  7.078   -7.845  1.00 19.59 ?  3   ALA A O    1 
ATOM   37   C  CB   . ALA A 1 7   ? 9.771   9.461   -9.469  1.00 18.46 ?  3   ALA A CB   1 
ATOM   38   N  N    . PHE A 1 8   ? 8.527   6.255   -9.224  1.00 15.20 ?  4   PHE A N    1 
ATOM   39   C  CA   . PHE A 1 8   ? 8.055   5.236   -8.308  1.00 13.68 ?  4   PHE A CA   1 
ATOM   40   C  C    . PHE A 1 8   ? 8.711   3.899   -8.596  1.00 13.59 ?  4   PHE A C    1 
ATOM   41   O  O    . PHE A 1 8   ? 8.801   3.110   -7.711  1.00 15.05 ?  4   PHE A O    1 
ATOM   42   C  CB   . PHE A 1 8   ? 6.547   4.993   -8.434  1.00 13.49 ?  4   PHE A CB   1 
ATOM   43   C  CG   . PHE A 1 8   ? 5.727   6.084   -7.860  1.00 14.19 ?  4   PHE A CG   1 
ATOM   44   C  CD1  . PHE A 1 8   ? 5.509   6.120   -6.505  1.00 15.20 ?  4   PHE A CD1  1 
ATOM   45   C  CD2  . PHE A 1 8   ? 5.200   7.030   -8.677  1.00 15.83 ?  4   PHE A CD2  1 
ATOM   46   C  CE1  . PHE A 1 8   ? 4.790   7.132   -5.896  1.00 17.71 ?  4   PHE A CE1  1 
ATOM   47   C  CE2  . PHE A 1 8   ? 4.439   8.080   -8.098  1.00 14.74 ?  4   PHE A CE2  1 
ATOM   48   C  CZ   . PHE A 1 8   ? 4.234   8.092   -6.719  1.00 17.29 ?  4   PHE A CZ   1 
ATOM   49   N  N    . VAL A 1 9   ? 9.178   3.707   -9.821  1.00 14.44 ?  5   VAL A N    1 
ATOM   50   C  CA   A VAL A 1 9   ? 9.793   2.435   -10.249 0.70 14.04 ?  5   VAL A CA   1 
ATOM   51   C  CA   B VAL A 1 9   ? 9.689   2.382   -10.151 0.30 13.13 ?  5   VAL A CA   1 
ATOM   52   C  C    . VAL A 1 9   ? 11.054  2.090   -9.468  1.00 13.35 ?  5   VAL A C    1 
ATOM   53   O  O    . VAL A 1 9   ? 11.947  2.949   -9.303  1.00 18.06 ?  5   VAL A O    1 
ATOM   54   C  CB   A VAL A 1 9   ? 10.082  2.422   -11.789 0.70 14.53 ?  5   VAL A CB   1 
ATOM   55   C  CB   B VAL A 1 9   ? 9.656   2.041   -11.675 0.30 11.81 ?  5   VAL A CB   1 
ATOM   56   C  CG1  A VAL A 1 9   ? 10.966  1.197   -12.210 0.70 14.18 ?  5   VAL A CG1  1 
ATOM   57   C  CG1  B VAL A 1 9   ? 8.264   2.279   -12.301 0.30 11.60 ?  5   VAL A CG1  1 
ATOM   58   C  CG2  A VAL A 1 9   ? 8.750   2.528   -12.562 0.70 16.40 ?  5   VAL A CG2  1 
ATOM   59   C  CG2  B VAL A 1 9   ? 10.791  2.759   -12.398 0.30 11.01 ?  5   VAL A CG2  1 
ATOM   60   N  N    . GLY A 1 10  ? 11.171  0.849   -9.015  1.00 13.96 ?  6   GLY A N    1 
ATOM   61   C  CA   . GLY A 1 10  ? 12.334  0.371   -8.320  1.00 14.30 ?  6   GLY A CA   1 
ATOM   62   C  C    . GLY A 1 10  ? 11.985  -0.600  -7.218  1.00 14.34 ?  6   GLY A C    1 
ATOM   63   O  O    . GLY A 1 10  ? 10.862  -1.151  -7.174  1.00 15.34 ?  6   GLY A O    1 
ATOM   64   N  N    . THR A 1 11  ? 12.996  -0.887  -6.406  1.00 15.83 ?  7   THR A N    1 
ATOM   65   C  CA   . THR A 1 11  ? 12.870  -1.846  -5.321  1.00 16.85 ?  7   THR A CA   1 
ATOM   66   C  C    . THR A 1 11  ? 13.082  -1.055  -4.032  1.00 15.78 ?  7   THR A C    1 
ATOM   67   O  O    . THR A 1 11  ? 14.095  -0.349  -3.871  1.00 17.24 ?  7   THR A O    1 
ATOM   68   C  CB   . THR A 1 11  ? 13.902  -2.990  -5.422  1.00 19.46 ?  7   THR A CB   1 
ATOM   69   O  OG1  . THR A 1 11  ? 13.641  -3.769  -6.592  1.00 25.27 ?  7   THR A OG1  1 
ATOM   70   C  CG2  . THR A 1 11  ? 13.828  -3.880  -4.205  1.00 19.75 ?  7   THR A CG2  1 
ATOM   71   N  N    . TRP A 1 12  ? 12.099  -1.143  -3.167  1.00 14.99 ?  8   TRP A N    1 
ATOM   72   C  CA   . TRP A 1 12  ? 12.050  -0.335  -1.970  1.00 15.65 ?  8   TRP A CA   1 
ATOM   73   C  C    . TRP A 1 12  ? 11.950  -1.213  -0.756  1.00 16.61 ?  8   TRP A C    1 
ATOM   74   O  O    . TRP A 1 12  ? 11.336  -2.266  -0.812  1.00 18.92 ?  8   TRP A O    1 
ATOM   75   C  CB   . TRP A 1 12  ? 10.785  0.555   -2.026  1.00 14.18 ?  8   TRP A CB   1 
ATOM   76   C  CG   . TRP A 1 12  ? 10.734  1.442   -3.255  1.00 14.92 ?  8   TRP A CG   1 
ATOM   77   C  CD1  . TRP A 1 12  ? 10.168  1.168   -4.512  1.00 13.51 ?  8   TRP A CD1  1 
ATOM   78   C  CD2  . TRP A 1 12  ? 11.235  2.794   -3.350  1.00 13.74 ?  8   TRP A CD2  1 
ATOM   79   N  NE1  . TRP A 1 12  ? 10.344  2.220   -5.371  1.00 13.88 ?  8   TRP A NE1  1 
ATOM   80   C  CE2  . TRP A 1 12  ? 10.979  3.247   -4.725  1.00 13.80 ?  8   TRP A CE2  1 
ATOM   81   C  CE3  . TRP A 1 12  ? 11.845  3.661   -2.458  1.00 14.76 ?  8   TRP A CE3  1 
ATOM   82   C  CZ2  . TRP A 1 12  ? 11.325  4.503   -5.149  1.00 14.98 ?  8   TRP A CZ2  1 
ATOM   83   C  CZ3  . TRP A 1 12  ? 12.215  4.914   -2.906  1.00 15.18 ?  8   TRP A CZ3  1 
ATOM   84   C  CH2  . TRP A 1 12  ? 11.929  5.340   -4.207  1.00 14.41 ?  8   TRP A CH2  1 
ATOM   85   N  N    . LYS A 1 13  ? 12.498  -0.763  0.360   1.00 17.51 ?  9   LYS A N    1 
ATOM   86   C  CA   A LYS A 1 13  ? 12.469  -1.513  1.613   0.50 18.17 ?  9   LYS A CA   1 
ATOM   87   C  CA   B LYS A 1 13  ? 12.467  -1.504  1.618   0.50 18.28 ?  9   LYS A CA   1 
ATOM   88   C  C    . LYS A 1 13  ? 11.830  -0.625  2.685   1.00 15.86 ?  9   LYS A C    1 
ATOM   89   O  O    . LYS A 1 13  ? 12.145  0.563   2.791   1.00 16.81 ?  9   LYS A O    1 
ATOM   90   C  CB   A LYS A 1 13  ? 13.882  -1.929  2.037   0.50 19.63 ?  9   LYS A CB   1 
ATOM   91   C  CB   B LYS A 1 13  ? 13.873  -1.867  2.064   0.50 19.93 ?  9   LYS A CB   1 
ATOM   92   C  CG   A LYS A 1 13  ? 14.898  -0.790  2.088   0.50 20.78 ?  9   LYS A CG   1 
ATOM   93   C  CG   B LYS A 1 13  ? 13.915  -2.702  3.340   0.50 20.82 ?  9   LYS A CG   1 
ATOM   94   C  CD   A LYS A 1 13  ? 16.279  -1.201  2.574   0.50 20.59 ?  9   LYS A CD   1 
ATOM   95   C  CD   B LYS A 1 13  ? 14.105  -1.877  4.605   0.50 23.17 ?  9   LYS A CD   1 
ATOM   96   C  CE   A LYS A 1 13  ? 17.234  -0.024  2.584   0.50 21.70 ?  9   LYS A CE   1 
ATOM   97   C  CE   B LYS A 1 13  ? 14.032  -2.738  5.861   0.50 23.35 ?  9   LYS A CE   1 
ATOM   98   N  NZ   A LYS A 1 13  ? 16.870  1.069   3.543   0.50 23.02 ?  9   LYS A NZ   1 
ATOM   99   N  NZ   B LYS A 1 13  ? 14.239  -1.991  7.153   0.50 21.98 ?  9   LYS A NZ   1 
ATOM   100  N  N    . LEU A 1 14  ? 10.963  -1.245  3.467   1.00 17.75 ?  10  LEU A N    1 
ATOM   101  C  CA   . LEU A 1 14  ? 10.267  -0.515  4.561   1.00 16.58 ?  10  LEU A CA   1 
ATOM   102  C  C    . LEU A 1 14  ? 11.285  -0.180  5.645   1.00 18.73 ?  10  LEU A C    1 
ATOM   103  O  O    . LEU A 1 14  ? 11.960  -1.143  6.108   1.00 21.28 ?  10  LEU A O    1 
ATOM   104  C  CB   . LEU A 1 14  ? 9.125   -1.314  5.154   1.00 16.84 ?  10  LEU A CB   1 
ATOM   105  C  CG   . LEU A 1 14  ? 8.464   -0.643  6.360   1.00 17.19 ?  10  LEU A CG   1 
ATOM   106  C  CD1  . LEU A 1 14  ? 7.527   0.438   5.837   1.00 17.30 ?  10  LEU A CD1  1 
ATOM   107  C  CD2  . LEU A 1 14  ? 7.700   -1.659  7.218   1.00 18.25 ?  10  LEU A CD2  1 
ATOM   108  N  N    . VAL A 1 15  ? 11.399  1.102   6.040   1.00 18.42 ?  11  VAL A N    1 
ATOM   109  C  CA   . VAL A 1 15  ? 12.333  1.573   7.080   1.00 20.03 ?  11  VAL A CA   1 
ATOM   110  C  C    . VAL A 1 15  ? 11.691  2.183   8.329   1.00 22.89 ?  11  VAL A C    1 
ATOM   111  O  O    . VAL A 1 15  ? 12.366  2.347   9.387   1.00 24.08 ?  11  VAL A O    1 
ATOM   112  C  CB   . VAL A 1 15  ? 13.367  2.546   6.502   1.00 23.22 ?  11  VAL A CB   1 
ATOM   113  C  CG1  . VAL A 1 15  ? 14.157  1.852   5.399   1.00 24.30 ?  11  VAL A CG1  1 
ATOM   114  C  CG2  . VAL A 1 15  ? 12.743  3.863   6.008   1.00 25.05 ?  11  VAL A CG2  1 
ATOM   115  N  N    . SER A 1 16  ? 10.407  2.523   8.245   1.00 20.37 ?  12  SER A N    1 
ATOM   116  C  CA   . SER A 1 16  ? 9.748   3.015   9.417   1.00 20.18 ?  12  SER A CA   1 
ATOM   117  C  C    . SER A 1 16  ? 8.284   2.973   9.279   1.00 16.55 ?  12  SER A C    1 
ATOM   118  O  O    . SER A 1 16  ? 7.756   3.014   8.188   1.00 15.55 ?  12  SER A O    1 
ATOM   119  C  CB   . SER A 1 16  ? 10.174  4.432   9.777   1.00 20.13 ?  12  SER A CB   1 
ATOM   120  O  OG   . SER A 1 16  ? 9.595   5.459   8.985   1.00 23.14 ?  12  SER A OG   1 
ATOM   121  N  N    . SER A 1 17  ? 7.609   2.952   10.411  1.00 17.57 ?  13  SER A N    1 
ATOM   122  C  CA   . SER A 1 17  ? 6.127   2.788   10.402  1.00 18.16 ?  13  SER A CA   1 
ATOM   123  C  C    . SER A 1 17  ? 5.602   3.481   11.659  1.00 17.90 ?  13  SER A C    1 
ATOM   124  O  O    . SER A 1 17  ? 6.270   3.513   12.676  1.00 17.91 ?  13  SER A O    1 
ATOM   125  C  CB   . SER A 1 17  ? 5.806   1.291   10.353  1.00 19.85 ?  13  SER A CB   1 
ATOM   126  O  OG   . SER A 1 17  ? 4.455   0.967   10.469  1.00 23.08 ?  13  SER A OG   1 
ATOM   127  N  N    . GLU A 1 18  ? 4.467   4.178   11.525  1.00 16.06 ?  14  GLU A N    1 
ATOM   128  C  CA   A GLU A 1 18  ? 3.821   4.857   12.617  0.50 16.06 ?  14  GLU A CA   1 
ATOM   129  C  CA   B GLU A 1 18  ? 3.796   4.817   12.667  0.50 16.97 ?  14  GLU A CA   1 
ATOM   130  C  C    . GLU A 1 18  ? 2.312   4.539   12.570  1.00 15.09 ?  14  GLU A C    1 
ATOM   131  O  O    . GLU A 1 18  ? 1.704   4.652   11.503  1.00 14.08 ?  14  GLU A O    1 
ATOM   132  C  CB   A GLU A 1 18  ? 4.043   6.369   12.477  0.50 16.05 ?  14  GLU A CB   1 
ATOM   133  C  CB   B GLU A 1 18  ? 4.019   6.353   12.802  0.50 18.28 ?  14  GLU A CB   1 
ATOM   134  C  CG   A GLU A 1 18  ? 5.405   6.916   12.969  0.50 16.92 ?  14  GLU A CG   1 
ATOM   135  C  CG   B GLU A 1 18  ? 2.772   7.127   13.343  0.50 20.21 ?  14  GLU A CG   1 
ATOM   136  C  CD   A GLU A 1 18  ? 5.766   6.508   14.400  0.50 17.93 ?  14  GLU A CD   1 
ATOM   137  C  CD   B GLU A 1 18  ? 2.927   8.061   14.551  0.50 21.97 ?  14  GLU A CD   1 
ATOM   138  O  OE1  A GLU A 1 18  ? 4.902   5.921   15.084  0.50 20.53 ?  14  GLU A OE1  1 
ATOM   139  O  OE1  B GLU A 1 18  ? 3.267   9.271   14.381  0.50 19.92 ?  14  GLU A OE1  1 
ATOM   140  O  OE2  A GLU A 1 18  ? 6.917   6.770   14.864  0.50 21.03 ?  14  GLU A OE2  1 
ATOM   141  O  OE2  B GLU A 1 18  ? 2.598   7.592   15.665  0.50 17.29 ?  14  GLU A OE2  1 
ATOM   142  N  N    . ASN A 1 19  ? 1.764   4.124   13.674  1.00 14.31 ?  15  ASN A N    1 
ATOM   143  C  CA   A ASN A 1 19  ? 0.320   3.942   13.875  0.50 13.73 ?  15  ASN A CA   1 
ATOM   144  C  CA   B ASN A 1 19  ? 0.308   3.994   13.828  0.50 15.77 ?  15  ASN A CA   1 
ATOM   145  C  C    . ASN A 1 19  ? -0.286  2.830   13.068  1.00 14.99 ?  15  ASN A C    1 
ATOM   146  O  O    . ASN A 1 19  ? -1.477  2.757   12.923  1.00 16.52 ?  15  ASN A O    1 
ATOM   147  C  CB   A ASN A 1 19  ? -0.433  5.278   13.652  0.50 12.88 ?  15  ASN A CB   1 
ATOM   148  C  CB   B ASN A 1 19  ? -0.441  5.293   13.391  0.50 17.49 ?  15  ASN A CB   1 
ATOM   149  C  CG   A ASN A 1 19  ? -1.674  5.431   14.561  0.50 12.03 ?  15  ASN A CG   1 
ATOM   150  C  CG   B ASN A 1 19  ? -0.217  6.488   14.316  0.50 20.02 ?  15  ASN A CG   1 
ATOM   151  O  OD1  A ASN A 1 19  ? -1.646  5.132   15.762  0.50 11.01 ?  15  ASN A OD1  1 
ATOM   152  O  OD1  B ASN A 1 19  ? -0.001  6.356   15.528  0.50 26.71 ?  15  ASN A OD1  1 
ATOM   153  N  ND2  A ASN A 1 19  ? -2.781  5.945   13.981  0.50 10.08 ?  15  ASN A ND2  1 
ATOM   154  N  ND2  B ASN A 1 19  ? -0.280  7.670   13.731  0.50 20.94 ?  15  ASN A ND2  1 
ATOM   155  N  N    . PHE A 1 20  ? 0.565   1.905   12.584  1.00 13.56 ?  16  PHE A N    1 
ATOM   156  C  CA   . PHE A 1 20  ? 0.083   0.806   11.761  1.00 14.58 ?  16  PHE A CA   1 
ATOM   157  C  C    . PHE A 1 20  ? -0.812  -0.170  12.499  1.00 13.95 ?  16  PHE A C    1 
ATOM   158  O  O    . PHE A 1 20  ? -1.754  -0.692  11.920  1.00 14.34 ?  16  PHE A O    1 
ATOM   159  C  CB   . PHE A 1 20  ? 1.238   0.067   11.109  1.00 15.97 ?  16  PHE A CB   1 
ATOM   160  C  CG   . PHE A 1 20  ? 0.830   -0.839  9.964   1.00 15.73 ?  16  PHE A CG   1 
ATOM   161  C  CD1  . PHE A 1 20  ? 0.086   -0.363  8.863   1.00 18.48 ?  16  PHE A CD1  1 
ATOM   162  C  CD2  . PHE A 1 20  ? 1.263   -2.171  9.958   1.00 16.90 ?  16  PHE A CD2  1 
ATOM   163  C  CE1  . PHE A 1 20  ? -0.261  -1.198  7.802   1.00 18.64 ?  16  PHE A CE1  1 
ATOM   164  C  CE2  . PHE A 1 20  ? 0.909   -3.006  8.874   1.00 18.98 ?  16  PHE A CE2  1 
ATOM   165  C  CZ   . PHE A 1 20  ? 0.158   -2.513  7.837   1.00 17.81 ?  16  PHE A CZ   1 
ATOM   166  N  N    . ASP A 1 21  ? -0.572  -0.427  13.795  1.00 15.68 ?  17  ASP A N    1 
ATOM   167  C  CA   . ASP A 1 21  ? -1.455  -1.336  14.530  1.00 17.44 ?  17  ASP A CA   1 
ATOM   168  C  C    . ASP A 1 21  ? -2.852  -0.766  14.576  1.00 16.75 ?  17  ASP A C    1 
ATOM   169  O  O    . ASP A 1 21  ? -3.802  -1.445  14.326  1.00 16.59 ?  17  ASP A O    1 
ATOM   170  C  CB   . ASP A 1 21  ? -0.937  -1.567  15.957  1.00 19.45 ?  17  ASP A CB   1 
ATOM   171  C  CG   . ASP A 1 21  ? -1.558  -2.754  16.618  1.00 22.03 ?  17  ASP A CG   1 
ATOM   172  O  OD1  . ASP A 1 21  ? -1.842  -3.793  15.975  1.00 24.48 ?  17  ASP A OD1  1 
ATOM   173  O  OD2  . ASP A 1 21  ? -1.826  -2.632  17.835  1.00 27.48 ?  17  ASP A OD2  1 
ATOM   174  N  N    . ASP A 1 22  ? -2.968  0.530   14.889  1.00 16.76 ?  18  ASP A N    1 
ATOM   175  C  CA   . ASP A 1 22  ? -4.253  1.122   14.985  1.00 18.77 ?  18  ASP A CA   1 
ATOM   176  C  C    . ASP A 1 22  ? -4.944  1.106   13.650  1.00 15.26 ?  18  ASP A C    1 
ATOM   177  O  O    . ASP A 1 22  ? -6.159  0.923   13.602  1.00 15.34 ?  18  ASP A O    1 
ATOM   178  C  CB   . ASP A 1 22  ? -4.165  2.565   15.501  1.00 20.01 ?  18  ASP A CB   1 
ATOM   179  C  CG   . ASP A 1 22  ? -3.924  2.620   16.994  1.00 26.04 ?  18  ASP A CG   1 
ATOM   180  O  OD1  . ASP A 1 22  ? -4.377  1.709   17.708  1.00 33.40 ?  18  ASP A OD1  1 
ATOM   181  O  OD2  . ASP A 1 22  ? -3.240  3.547   17.456  1.00 31.74 ?  18  ASP A OD2  1 
ATOM   182  N  N    . TYR A 1 23  ? -4.198  1.397   12.589  1.00 14.42 ?  19  TYR A N    1 
ATOM   183  C  CA   . TYR A 1 23  ? -4.757  1.353   11.238  1.00 13.16 ?  19  TYR A CA   1 
ATOM   184  C  C    . TYR A 1 23  ? -5.385  -0.025  10.961  1.00 13.87 ?  19  TYR A C    1 
ATOM   185  O  O    . TYR A 1 23  ? -6.529  -0.139  10.550  1.00 15.32 ?  19  TYR A O    1 
ATOM   186  C  CB   . TYR A 1 23  ? -3.762  1.741   10.129  1.00 13.36 ?  19  TYR A CB   1 
ATOM   187  C  CG   . TYR A 1 23  ? -4.261  1.463   8.759   1.00 12.65 ?  19  TYR A CG   1 
ATOM   188  C  CD1  . TYR A 1 23  ? -5.146  2.279   8.087   1.00 12.18 ?  19  TYR A CD1  1 
ATOM   189  C  CD2  . TYR A 1 23  ? -3.811  0.319   8.082   1.00 14.28 ?  19  TYR A CD2  1 
ATOM   190  C  CE1  . TYR A 1 23  ? -5.566  1.982   6.814   1.00 14.02 ?  19  TYR A CE1  1 
ATOM   191  C  CE2  . TYR A 1 23  ? -4.231  0.022   6.831   1.00 13.20 ?  19  TYR A CE2  1 
ATOM   192  C  CZ   . TYR A 1 23  ? -5.136  0.842   6.179   1.00 13.27 ?  19  TYR A CZ   1 
ATOM   193  O  OH   . TYR A 1 23  ? -5.563  0.581   4.898   1.00 15.56 ?  19  TYR A OH   1 
ATOM   194  N  N    . MET A 1 24  ? -4.577  -1.062  11.185  1.00 14.69 ?  20  MET A N    1 
ATOM   195  C  CA   . MET A 1 24  ? -5.045  -2.419  11.047  1.00 14.60 ?  20  MET A CA   1 
ATOM   196  C  C    . MET A 1 24  ? -6.283  -2.733  11.950  1.00 13.88 ?  20  MET A C    1 
ATOM   197  O  O    . MET A 1 24  ? -7.213  -3.446  11.511  1.00 14.43 ?  20  MET A O    1 
ATOM   198  C  CB   . MET A 1 24  ? -3.915  -3.412  11.384  1.00 14.55 ?  20  MET A CB   1 
ATOM   199  C  CG   . MET A 1 24  ? -2.891  -3.466  10.287  1.00 14.95 ?  20  MET A CG   1 
ATOM   200  S  SD   . MET A 1 24  ? -1.735  -4.823  10.432  1.00 18.17 ?  20  MET A SD   1 
ATOM   201  C  CE   . MET A 1 24  ? -0.782  -4.247  11.829  1.00 16.90 ?  20  MET A CE   1 
ATOM   202  N  N    . LYS A 1 25  ? -6.295  -2.264  13.194  1.00 15.53 ?  21  LYS A N    1 
ATOM   203  C  CA   . LYS A 1 25  ? -7.469  -2.459  14.047  1.00 17.57 ?  21  LYS A CA   1 
ATOM   204  C  C    . LYS A 1 25  ? -8.722  -1.884  13.372  1.00 19.00 ?  21  LYS A C    1 
ATOM   205  O  O    . LYS A 1 25  ? -9.764  -2.525  13.351  1.00 19.02 ?  21  LYS A O    1 
ATOM   206  C  CB   . LYS A 1 25  ? -7.293  -1.782  15.395  1.00 20.38 ?  21  LYS A CB   1 
ATOM   207  C  CG   . LYS A 1 25  ? -6.367  -2.519  16.315  1.00 22.10 ?  21  LYS A CG   1 
ATOM   208  C  CD   . LYS A 1 25  ? -6.390  -1.833  17.687  1.00 24.24 ?  21  LYS A CD   1 
ATOM   209  C  CE   . LYS A 1 25  ? -5.372  -2.493  18.591  1.00 25.92 ?  21  LYS A CE   1 
ATOM   210  N  NZ   . LYS A 1 25  ? -5.706  -2.329  20.030  1.00 33.05 ?  21  LYS A NZ   1 
ATOM   211  N  N    . GLU A 1 26  ? -8.593  -0.675  12.833  1.00 19.03 ?  22  GLU A N    1 
ATOM   212  C  CA   . GLU A 1 26  ? -9.724  -0.005  12.186  1.00 21.10 ?  22  GLU A CA   1 
ATOM   213  C  C    . GLU A 1 26  ? -10.180 -0.783  10.958  1.00 19.98 ?  22  GLU A C    1 
ATOM   214  O  O    . GLU A 1 26  ? -11.349 -0.905  10.691  1.00 21.64 ?  22  GLU A O    1 
ATOM   215  C  CB   . GLU A 1 26  ? -9.384  1.434   11.809  1.00 21.47 ?  22  GLU A CB   1 
ATOM   216  C  CG   . GLU A 1 26  ? -10.579 2.363   11.735  1.00 26.82 ?  22  GLU A CG   1 
ATOM   217  C  CD   . GLU A 1 26  ? -11.019 2.849   13.125  1.00 28.55 ?  22  GLU A CD   1 
ATOM   218  O  OE1  . GLU A 1 26  ? -10.497 2.361   14.166  1.00 33.19 ?  22  GLU A OE1  1 
ATOM   219  O  OE2  . GLU A 1 26  ? -11.867 3.767   13.195  1.00 33.74 ?  22  GLU A OE2  1 
ATOM   220  N  N    . VAL A 1 27  ? -9.242  -1.333  10.196  1.00 20.91 ?  23  VAL A N    1 
ATOM   221  C  CA   . VAL A 1 27  ? -9.580  -2.136  9.035   1.00 19.31 ?  23  VAL A CA   1 
ATOM   222  C  C    . VAL A 1 27  ? -10.333 -3.408  9.406   1.00 20.50 ?  23  VAL A C    1 
ATOM   223  O  O    . VAL A 1 27  ? -11.112 -3.930  8.619   1.00 23.23 ?  23  VAL A O    1 
ATOM   224  C  CB   . VAL A 1 27  ? -8.294  -2.435  8.191   1.00 18.80 ?  23  VAL A CB   1 
ATOM   225  C  CG1  . VAL A 1 27  ? -8.493  -3.573  7.147   1.00 17.48 ?  23  VAL A CG1  1 
ATOM   226  C  CG2  . VAL A 1 27  ? -7.839  -1.112  7.583   1.00 19.06 ?  23  VAL A CG2  1 
ATOM   227  N  N    . GLY A 1 28  ? -10.063 -3.894  10.606  1.00 20.11 ?  24  GLY A N    1 
ATOM   228  C  CA   . GLY A 1 28  ? -10.720 -5.079  11.120  1.00 19.48 ?  24  GLY A CA   1 
ATOM   229  C  C    . GLY A 1 28  ? -9.809  -6.293  11.204  1.00 17.96 ?  24  GLY A C    1 
ATOM   230  O  O    . GLY A 1 28  ? -10.287 -7.394  11.358  1.00 21.87 ?  24  GLY A O    1 
ATOM   231  N  N    . VAL A 1 29  ? -8.509  -6.089  11.017  1.00 16.88 ?  25  VAL A N    1 
ATOM   232  C  CA   . VAL A 1 29  ? -7.517  -7.162  11.135  1.00 17.21 ?  25  VAL A CA   1 
ATOM   233  C  C    . VAL A 1 29  ? -7.493  -7.674  12.578  1.00 19.57 ?  25  VAL A C    1 
ATOM   234  O  O    . VAL A 1 29  ? -7.464  -6.902  13.512  1.00 19.65 ?  25  VAL A O    1 
ATOM   235  C  CB   . VAL A 1 29  ? -6.117  -6.678  10.760  1.00 15.89 ?  25  VAL A CB   1 
ATOM   236  C  CG1  . VAL A 1 29  ? -5.126  -7.855  10.817  1.00 15.87 ?  25  VAL A CG1  1 
ATOM   237  C  CG2  . VAL A 1 29  ? -6.092  -6.028  9.377   1.00 16.77 ?  25  VAL A CG2  1 
ATOM   238  N  N    . GLY A 1 30  ? -7.452  -8.985  12.701  1.00 19.52 ?  26  GLY A N    1 
ATOM   239  C  CA   . GLY A 1 30  ? -7.452  -9.696  13.955  1.00 20.11 ?  26  GLY A CA   1 
ATOM   240  C  C    . GLY A 1 30  ? -6.094  -9.735  14.616  1.00 18.80 ?  26  GLY A C    1 
ATOM   241  O  O    . GLY A 1 30  ? -5.080  -9.341  14.015  1.00 17.66 ?  26  GLY A O    1 
ATOM   242  N  N    . PHE A 1 31  ? -6.097  -10.147 15.899  1.00 17.68 ?  27  PHE A N    1 
ATOM   243  C  CA   . PHE A 1 31  ? -4.933  -10.005 16.774  1.00 17.73 ?  27  PHE A CA   1 
ATOM   244  C  C    . PHE A 1 31  ? -3.667  -10.649 16.217  1.00 18.28 ?  27  PHE A C    1 
ATOM   245  O  O    . PHE A 1 31  ? -2.641  -9.965  16.108  1.00 18.59 ?  27  PHE A O    1 
ATOM   246  C  CB   . PHE A 1 31  ? -5.233  -10.602 18.174  1.00 17.79 ?  27  PHE A CB   1 
ATOM   247  C  CG   . PHE A 1 31  ? -4.097  -10.485 19.122  1.00 17.62 ?  27  PHE A CG   1 
ATOM   248  C  CD1  . PHE A 1 31  ? -3.937  -9.373  19.933  1.00 18.71 ?  27  PHE A CD1  1 
ATOM   249  C  CD2  . PHE A 1 31  ? -3.129  -11.531 19.196  1.00 20.87 ?  27  PHE A CD2  1 
ATOM   250  C  CE1  . PHE A 1 31  ? -2.830  -9.268  20.777  1.00 20.43 ?  27  PHE A CE1  1 
ATOM   251  C  CE2  . PHE A 1 31  ? -2.038  -11.435 20.053  1.00 21.30 ?  27  PHE A CE2  1 
ATOM   252  C  CZ   . PHE A 1 31  ? -1.879  -10.282 20.823  1.00 19.47 ?  27  PHE A CZ   1 
ATOM   253  N  N    . ALA A 1 32  ? -3.764  -11.915 15.838  1.00 17.94 ?  28  ALA A N    1 
ATOM   254  C  CA   . ALA A 1 32  ? -2.564  -12.691 15.452  1.00 18.47 ?  28  ALA A CA   1 
ATOM   255  C  C    . ALA A 1 32  ? -1.983  -12.123 14.180  1.00 16.72 ?  28  ALA A C    1 
ATOM   256  O  O    . ALA A 1 32  ? -0.765  -11.838 14.105  1.00 17.79 ?  28  ALA A O    1 
ATOM   257  C  CB   . ALA A 1 32  ? -2.899  -14.174 15.306  1.00 17.44 ?  28  ALA A CB   1 
ATOM   258  N  N    . THR A 1 33  ? -2.831  -11.882 13.197  1.00 16.06 ?  29  THR A N    1 
ATOM   259  C  CA   . THR A 1 33  ? -2.406  -11.220 11.980  1.00 17.11 ?  29  THR A CA   1 
ATOM   260  C  C    . THR A 1 33  ? -1.788  -9.859  12.247  1.00 16.43 ?  29  THR A C    1 
ATOM   261  O  O    . THR A 1 33  ? -0.717  -9.583  11.691  1.00 18.93 ?  29  THR A O    1 
ATOM   262  C  CB   . THR A 1 33  ? -3.543  -11.145 10.943  1.00 18.33 ?  29  THR A CB   1 
ATOM   263  O  OG1  . THR A 1 33  ? -3.924  -12.492 10.640  1.00 22.08 ?  29  THR A OG1  1 
ATOM   264  C  CG2  . THR A 1 33  ? -3.110  -10.420 9.631   1.00 18.35 ?  29  THR A CG2  1 
ATOM   265  N  N    . ARG A 1 34  ? -2.404  -9.005  13.078  1.00 16.10 ?  30  ARG A N    1 
ATOM   266  C  CA   . ARG A 1 34  ? -1.810  -7.737  13.424  1.00 17.11 ?  30  ARG A CA   1 
ATOM   267  C  C    . ARG A 1 34  ? -0.406  -7.826  13.962  1.00 17.24 ?  30  ARG A C    1 
ATOM   268  O  O    . ARG A 1 34  ? 0.488   -7.067  13.566  1.00 17.64 ?  30  ARG A O    1 
ATOM   269  C  CB   . ARG A 1 34  ? -2.666  -6.925  14.414  1.00 16.37 ?  30  ARG A CB   1 
ATOM   270  C  CG   . ARG A 1 34  ? -3.935  -6.359  13.782  1.00 17.76 ?  30  ARG A CG   1 
ATOM   271  C  CD   . ARG A 1 34  ? -4.399  -5.138  14.584  1.00 18.07 ?  30  ARG A CD   1 
ATOM   272  N  NE   . ARG A 1 34  ? -4.283  -5.383  16.022  1.00 17.06 ?  30  ARG A NE   1 
ATOM   273  C  CZ   . ARG A 1 34  ? -5.178  -6.066  16.742  1.00 18.93 ?  30  ARG A CZ   1 
ATOM   274  N  NH1  . ARG A 1 34  ? -6.284  -6.583  16.191  1.00 17.67 ?  30  ARG A NH1  1 
ATOM   275  N  NH2  . ARG A 1 34  ? -4.960  -6.252  18.061  1.00 20.42 ?  30  ARG A NH2  1 
ATOM   276  N  N    . LYS A 1 35  ? -0.218  -8.804  14.868  1.00 19.58 ?  31  LYS A N    1 
ATOM   277  C  CA   . LYS A 1 35  ? 1.082   -8.963  15.524  1.00 20.81 ?  31  LYS A CA   1 
ATOM   278  C  C    . LYS A 1 35  ? 2.207   -9.345  14.551  1.00 18.27 ?  31  LYS A C    1 
ATOM   279  O  O    . LYS A 1 35  ? 3.331   -8.767  14.566  1.00 20.37 ?  31  LYS A O    1 
ATOM   280  C  CB   . LYS A 1 35  ? 0.961   -9.998  16.643  1.00 21.97 ?  31  LYS A CB   1 
ATOM   281  C  CG   . LYS A 1 35  ? 0.307   -9.453  17.894  1.00 26.02 ?  31  LYS A CG   1 
ATOM   282  C  CD   . LYS A 1 35  ? 0.721   -8.015  18.284  1.00 30.52 ?  31  LYS A CD   1 
ATOM   283  C  CE   . LYS A 1 35  ? -0.304  -7.381  19.226  1.00 34.49 ?  31  LYS A CE   1 
ATOM   284  N  NZ   . LYS A 1 35  ? -0.199  -5.896  19.373  1.00 40.93 ?  31  LYS A NZ   1 
ATOM   285  N  N    . VAL A 1 36  ? 1.875   -10.296 13.696  1.00 15.97 ?  32  VAL A N    1 
ATOM   286  C  CA   . VAL A 1 36  ? 2.878   -10.895 12.769  1.00 20.06 ?  32  VAL A CA   1 
ATOM   287  C  C    . VAL A 1 36  ? 3.094   -9.902  11.618  1.00 20.79 ?  32  VAL A C    1 
ATOM   288  O  O    . VAL A 1 36  ? 4.241   -9.618  11.215  1.00 21.46 ?  32  VAL A O    1 
ATOM   289  C  CB   . VAL A 1 36  ? 2.352   -12.294 12.295  1.00 20.39 ?  32  VAL A CB   1 
ATOM   290  C  CG1  . VAL A 1 36  ? 2.984   -12.745 10.963  1.00 25.03 ?  32  VAL A CG1  1 
ATOM   291  C  CG2  . VAL A 1 36  ? 2.520   -13.357 13.408  1.00 21.18 ?  32  VAL A CG2  1 
ATOM   292  N  N    . ALA A 1 37  ? 1.998   -9.340  11.092  1.00 21.73 ?  33  ALA A N    1 
ATOM   293  C  CA   . ALA A 1 37  ? 2.135   -8.353  9.992   1.00 20.26 ?  33  ALA A CA   1 
ATOM   294  C  C    . ALA A 1 37  ? 2.898   -7.104  10.423  1.00 22.34 ?  33  ALA A C    1 
ATOM   295  O  O    . ALA A 1 37  ? 3.613   -6.497  9.623   1.00 22.28 ?  33  ALA A O    1 
ATOM   296  C  CB   . ALA A 1 37  ? 0.760   -7.936  9.447   1.00 22.35 ?  33  ALA A CB   1 
ATOM   297  N  N    . GLY A 1 38  ? 2.736   -6.710  11.669  1.00 21.99 ?  34  GLY A N    1 
ATOM   298  C  CA   . GLY A 1 38  ? 3.413   -5.566  12.216  1.00 21.73 ?  34  GLY A CA   1 
ATOM   299  C  C    . GLY A 1 38  ? 4.909   -5.697  12.333  1.00 21.25 ?  34  GLY A C    1 
ATOM   300  O  O    . GLY A 1 38  ? 5.627   -4.713  12.266  1.00 26.66 ?  34  GLY A O    1 
ATOM   301  N  N    . MET A 1 39  ? 5.418   -6.921  12.452  1.00 20.27 ?  35  MET A N    1 
ATOM   302  C  CA   . MET A 1 39  ? 6.853   -7.128  12.487  1.00 21.38 ?  35  MET A CA   1 
ATOM   303  C  C    . MET A 1 39  ? 7.492   -7.039  11.104  1.00 20.74 ?  35  MET A C    1 
ATOM   304  O  O    . MET A 1 39  ? 8.692   -6.833  10.991  1.00 21.98 ?  35  MET A O    1 
ATOM   305  C  CB   . MET A 1 39  ? 7.190   -8.512  12.992  1.00 23.33 ?  35  MET A CB   1 
ATOM   306  C  CG   . MET A 1 39  ? 6.775   -8.764  14.409  1.00 23.44 ?  35  MET A CG   1 
ATOM   307  S  SD   . MET A 1 39  ? 7.707   -7.793  15.545  1.00 22.47 ?  35  MET A SD   1 
ATOM   308  C  CE   . MET A 1 39  ? 9.427   -8.036  15.176  1.00 28.29 ?  35  MET A CE   1 
ATOM   309  N  N    . ALA A 1 40  ? 6.712   -7.268  10.073  1.00 17.86 ?  36  ALA A N    1 
ATOM   310  C  CA   . ALA A 1 40  ? 7.221   -7.434  8.745   1.00 18.80 ?  36  ALA A CA   1 
ATOM   311  C  C    . ALA A 1 40  ? 7.895   -6.204  8.209   1.00 20.40 ?  36  ALA A C    1 
ATOM   312  O  O    . ALA A 1 40  ? 7.428   -5.095  8.430   1.00 20.12 ?  36  ALA A O    1 
ATOM   313  C  CB   . ALA A 1 40  ? 6.116   -7.887  7.824   1.00 19.87 ?  36  ALA A CB   1 
ATOM   314  N  N    . LYS A 1 41  ? 8.985   -6.408  7.487   1.00 21.46 ?  37  LYS A N    1 
ATOM   315  C  CA   . LYS A 1 41  ? 9.663   -5.297  6.790   1.00 21.12 ?  37  LYS A CA   1 
ATOM   316  C  C    . LYS A 1 41  ? 9.687   -5.612  5.284   1.00 18.56 ?  37  LYS A C    1 
ATOM   317  O  O    . LYS A 1 41  ? 10.722  -6.012  4.733   1.00 19.19 ?  37  LYS A O    1 
ATOM   318  C  CB   . LYS A 1 41  ? 11.088  -5.120  7.366   1.00 22.86 ?  37  LYS A CB   1 
ATOM   319  C  CG   . LYS A 1 41  ? 11.125  -4.726  8.827   1.00 23.14 ?  37  LYS A CG   1 
ATOM   320  C  CD   . LYS A 1 41  ? 10.798  -3.250  9.004   1.00 27.24 ?  37  LYS A CD   1 
ATOM   321  C  CE   . LYS A 1 41  ? 11.014  -2.800  10.439  1.00 27.92 ?  37  LYS A CE   1 
ATOM   322  N  NZ   . LYS A 1 41  ? 11.386  -1.347  10.589  1.00 34.13 ?  37  LYS A NZ   1 
ATOM   323  N  N    . PRO A 1 42  ? 8.513   -5.469  4.611   1.00 18.11 ?  38  PRO A N    1 
ATOM   324  C  CA   . PRO A 1 42  ? 8.416   -5.840  3.194   1.00 18.80 ?  38  PRO A CA   1 
ATOM   325  C  C    . PRO A 1 42  ? 9.323   -5.069  2.230   1.00 18.86 ?  38  PRO A C    1 
ATOM   326  O  O    . PRO A 1 42  ? 9.779   -3.949  2.507   1.00 19.53 ?  38  PRO A O    1 
ATOM   327  C  CB   . PRO A 1 42  ? 6.981   -5.560  2.828   1.00 19.89 ?  38  PRO A CB   1 
ATOM   328  C  CG   . PRO A 1 42  ? 6.320   -4.977  4.023   1.00 21.68 ?  38  PRO A CG   1 
ATOM   329  C  CD   . PRO A 1 42  ? 7.274   -4.919  5.161   1.00 20.87 ?  38  PRO A CD   1 
ATOM   330  N  N    . ASN A 1 43  ? 9.709   -5.767  1.168   1.00 18.99 ?  39  ASN A N    1 
ATOM   331  C  CA   . ASN A 1 43  ? 10.282  -5.128  -0.061  1.00 20.96 ?  39  ASN A CA   1 
ATOM   332  C  C    . ASN A 1 43  ? 9.136   -4.915  -1.018  1.00 20.77 ?  39  ASN A C    1 
ATOM   333  O  O    . ASN A 1 43  ? 8.467   -5.868  -1.411  1.00 21.17 ?  39  ASN A O    1 
ATOM   334  C  CB   . ASN A 1 43  ? 11.334  -6.012  -0.718  1.00 25.07 ?  39  ASN A CB   1 
ATOM   335  C  CG   . ASN A 1 43  ? 12.648  -6.009  0.028   1.00 27.99 ?  39  ASN A CG   1 
ATOM   336  O  OD1  . ASN A 1 43  ? 13.296  -7.074  0.107   1.00 33.15 ?  39  ASN A OD1  1 
ATOM   337  N  ND2  . ASN A 1 43  ? 13.055  -4.866  0.620   1.00 29.22 ?  39  ASN A ND2  1 
ATOM   338  N  N    . MET A 1 44  ? 8.970   -3.658  -1.424  1.00 18.21 ?  40  MET A N    1 
ATOM   339  C  CA   . MET A 1 44  ? 7.982   -3.285  -2.416  1.00 18.15 ?  40  MET A CA   1 
ATOM   340  C  C    . MET A 1 44  ? 8.734   -3.081  -3.738  1.00 16.78 ?  40  MET A C    1 
ATOM   341  O  O    . MET A 1 44  ? 9.674   -2.279  -3.828  1.00 17.61 ?  40  MET A O    1 
ATOM   342  C  CB   . MET A 1 44  ? 7.301   -1.988  -1.958  1.00 20.78 ?  40  MET A CB   1 
ATOM   343  C  CG   . MET A 1 44  ? 6.231   -1.570  -2.915  1.00 22.72 ?  40  MET A CG   1 
ATOM   344  S  SD   . MET A 1 44  ? 5.302   -0.106  -2.424  1.00 24.63 ?  40  MET A SD   1 
ATOM   345  C  CE   . MET A 1 44  ? 6.555   1.032   -1.862  1.00 27.99 ?  40  MET A CE   1 
ATOM   346  N  N    . ILE A 1 45  ? 8.282   -3.760  -4.782  1.00 16.03 ?  41  ILE A N    1 
ATOM   347  C  CA   . ILE A 1 45  ? 8.921   -3.688  -6.089  1.00 16.09 ?  41  ILE A CA   1 
ATOM   348  C  C    . ILE A 1 45  ? 7.917   -3.155  -7.089  1.00 15.03 ?  41  ILE A C    1 
ATOM   349  O  O    . ILE A 1 45  ? 6.845   -3.749  -7.298  1.00 14.24 ?  41  ILE A O    1 
ATOM   350  C  CB   . ILE A 1 45  ? 9.405   -5.082  -6.535  1.00 18.61 ?  41  ILE A CB   1 
ATOM   351  C  CG1  . ILE A 1 45  ? 10.290  -5.702  -5.460  1.00 19.81 ?  41  ILE A CG1  1 
ATOM   352  C  CG2  . ILE A 1 45  ? 10.102  -4.936  -7.874  1.00 18.97 ?  41  ILE A CG2  1 
ATOM   353  C  CD1  . ILE A 1 45  ? 10.120  -7.189  -5.233  1.00 23.53 ?  41  ILE A CD1  1 
ATOM   354  N  N    . ILE A 1 46  ? 8.196   -1.972  -7.636  1.00 14.24 ?  42  ILE A N    1 
ATOM   355  C  CA   . ILE A 1 46  ? 7.229   -1.318  -8.534  1.00 14.19 ?  42  ILE A CA   1 
ATOM   356  C  C    . ILE A 1 46  ? 7.859   -1.324  -9.901  1.00 12.84 ?  42  ILE A C    1 
ATOM   357  O  O    . ILE A 1 46  ? 8.976   -0.940  -10.068 1.00 13.71 ?  42  ILE A O    1 
ATOM   358  C  CB   . ILE A 1 46  ? 6.885   0.095   -8.077  1.00 14.23 ?  42  ILE A CB   1 
ATOM   359  C  CG1  . ILE A 1 46  ? 6.295   -0.009  -6.679  1.00 15.80 ?  42  ILE A CG1  1 
ATOM   360  C  CG2  . ILE A 1 46  ? 6.041   0.850   -9.120  1.00 15.10 ?  42  ILE A CG2  1 
ATOM   361  C  CD1  . ILE A 1 46  ? 6.108   1.356   -6.019  1.00 16.36 ?  42  ILE A CD1  1 
ATOM   362  N  N    . SER A 1 47  ? 7.099   -1.785  -10.885 1.00 13.55 ?  43  SER A N    1 
ATOM   363  C  CA   . SER A 1 47  ? 7.480   -1.734  -12.301 1.00 14.48 ?  43  SER A CA   1 
ATOM   364  C  C    . SER A 1 47  ? 6.371   -1.323  -13.215 1.00 14.02 ?  43  SER A C    1 
ATOM   365  O  O    . SER A 1 47  ? 5.214   -1.369  -12.871 1.00 13.33 ?  43  SER A O    1 
ATOM   366  C  CB   . SER A 1 47  ? 8.057   -3.118  -12.777 1.00 14.36 ?  43  SER A CB   1 
ATOM   367  O  OG   . SER A 1 47  ? 7.159   -4.109  -12.486 1.00 18.37 ?  43  SER A OG   1 
ATOM   368  N  N    . VAL A 1 48  ? 6.747   -0.920  -14.422 1.00 16.45 ?  44  VAL A N    1 
ATOM   369  C  CA   . VAL A 1 48  ? 5.815   -0.465  -15.416 1.00 16.35 ?  44  VAL A CA   1 
ATOM   370  C  C    . VAL A 1 48  ? 6.204   -1.120  -16.752 1.00 15.50 ?  44  VAL A C    1 
ATOM   371  O  O    . VAL A 1 48  ? 7.383   -1.115  -17.145 1.00 15.75 ?  44  VAL A O    1 
ATOM   372  C  CB   . VAL A 1 48  ? 5.784   1.092   -15.510 1.00 16.86 ?  44  VAL A CB   1 
ATOM   373  C  CG1  . VAL A 1 48  ? 4.758   1.525   -16.539 1.00 18.11 ?  44  VAL A CG1  1 
ATOM   374  C  CG2  . VAL A 1 48  ? 5.398   1.679   -14.173 1.00 17.90 ?  44  VAL A CG2  1 
ATOM   375  N  N    . ASN A 1 49  ? 5.191   -1.611  -17.459 1.00 14.44 ?  45  ASN A N    1 
ATOM   376  C  CA   . ASN A 1 49  ? 5.395   -2.106  -18.806 1.00 15.52 ?  45  ASN A CA   1 
ATOM   377  C  C    . ASN A 1 49  ? 4.192   -1.632  -19.608 1.00 14.66 ?  45  ASN A C    1 
ATOM   378  O  O    . ASN A 1 49  ? 3.081   -2.092  -19.378 1.00 15.04 ?  45  ASN A O    1 
ATOM   379  C  CB   . ASN A 1 49  ? 5.562   -3.630  -18.700 1.00 14.91 ?  45  ASN A CB   1 
ATOM   380  C  CG   . ASN A 1 49  ? 5.702   -4.323  -20.051 1.00 14.25 ?  45  ASN A CG   1 
ATOM   381  O  OD1  . ASN A 1 49  ? 5.143   -3.832  -21.014 1.00 16.93 ?  45  ASN A OD1  1 
ATOM   382  N  ND2  . ASN A 1 49  ? 6.357   -5.571  -20.082 1.00 13.40 ?  45  ASN A ND2  1 
ATOM   383  N  N    . GLY A 1 50  ? 4.426   -0.679  -20.498 1.00 16.56 ?  46  GLY A N    1 
ATOM   384  C  CA   . GLY A 1 50  ? 3.307   0.006   -21.214 1.00 16.61 ?  46  GLY A CA   1 
ATOM   385  C  C    . GLY A 1 50  ? 2.346   0.667   -20.240 1.00 19.30 ?  46  GLY A C    1 
ATOM   386  O  O    . GLY A 1 50  ? 2.747   1.527   -19.435 1.00 20.88 ?  46  GLY A O    1 
ATOM   387  N  N    . ASP A 1 51  ? 1.073   0.309   -20.288 1.00 19.47 ?  47  ASP A N    1 
ATOM   388  C  CA   . ASP A 1 51  ? 0.061   0.958   -19.420 1.00 20.71 ?  47  ASP A CA   1 
ATOM   389  C  C    . ASP A 1 51  ? -0.128  0.200   -18.078 1.00 16.60 ?  47  ASP A C    1 
ATOM   390  O  O    . ASP A 1 51  ? -0.875  0.617   -17.200 1.00 17.75 ?  47  ASP A O    1 
ATOM   391  C  CB   . ASP A 1 51  ? -1.279  1.129   -20.177 1.00 22.25 ?  47  ASP A CB   1 
ATOM   392  C  CG   . ASP A 1 51  ? -1.203  2.239   -21.295 1.00 26.65 ?  47  ASP A CG   1 
ATOM   393  O  OD1  . ASP A 1 51  ? -0.486  3.261   -21.106 1.00 32.84 ?  47  ASP A OD1  1 
ATOM   394  O  OD2  . ASP A 1 51  ? -1.826  2.067   -22.355 1.00 32.86 ?  47  ASP A OD2  1 
ATOM   395  N  N    . VAL A 1 52  ? 0.565   -0.945  -17.905 1.00 14.77 ?  48  VAL A N    1 
ATOM   396  C  CA   . VAL A 1 52  ? 0.368   -1.782  -16.756 1.00 14.90 ?  48  VAL A CA   1 
ATOM   397  C  C    . VAL A 1 52  ? 1.434   -1.576  -15.705 1.00 13.07 ?  48  VAL A C    1 
ATOM   398  O  O    . VAL A 1 52  ? 2.629   -1.756  -15.980 1.00 15.04 ?  48  VAL A O    1 
ATOM   399  C  CB   . VAL A 1 52  ? 0.356   -3.307  -17.139 1.00 13.60 ?  48  VAL A CB   1 
ATOM   400  C  CG1  . VAL A 1 52  ? 0.149   -4.208  -15.921 1.00 15.76 ?  48  VAL A CG1  1 
ATOM   401  C  CG2  . VAL A 1 52  ? -0.607  -3.573  -18.272 1.00 14.85 ?  48  VAL A CG2  1 
ATOM   402  N  N    . ILE A 1 53  ? 1.008   -1.202  -14.514 1.00 13.83 ?  49  ILE A N    1 
ATOM   403  C  CA   . ILE A 1 53  ? 1.853   -0.969  -13.362 1.00 13.56 ?  49  ILE A CA   1 
ATOM   404  C  C    . ILE A 1 53  ? 1.703   -2.266  -12.528 1.00 13.34 ?  49  ILE A C    1 
ATOM   405  O  O    . ILE A 1 53  ? 0.597   -2.791  -12.364 1.00 13.14 ?  49  ILE A O    1 
ATOM   406  C  CB   . ILE A 1 53  ? 1.368   0.273   -12.571 1.00 15.01 ?  49  ILE A CB   1 
ATOM   407  C  CG1  . ILE A 1 53  ? 1.386   1.460   -13.500 1.00 15.86 ?  49  ILE A CG1  1 
ATOM   408  C  CG2  . ILE A 1 53  ? 2.178   0.488   -11.298 1.00 15.17 ?  49  ILE A CG2  1 
ATOM   409  C  CD1  . ILE A 1 53  ? 0.611   2.641   -12.939 1.00 15.69 ?  49  ILE A CD1  1 
ATOM   410  N  N    . THR A 1 54  ? 2.831   -2.765  -11.981 1.00 14.06 ?  50  THR A N    1 
ATOM   411  C  CA   . THR A 1 54  ? 2.881   -3.929  -11.058 1.00 13.59 ?  50  THR A CA   1 
ATOM   412  C  C    . THR A 1 54  ? 3.545   -3.451  -9.795  1.00 12.28 ?  50  THR A C    1 
ATOM   413  O  O    . THR A 1 54  ? 4.641   -2.856  -9.824  1.00 14.39 ?  50  THR A O    1 
ATOM   414  C  CB   . THR A 1 54  ? 3.629   -5.093  -11.735 1.00 14.48 ?  50  THR A CB   1 
ATOM   415  O  OG1  . THR A 1 54  ? 2.927   -5.548  -12.910 1.00 15.68 ?  50  THR A OG1  1 
ATOM   416  C  CG2  . THR A 1 54  ? 3.805   -6.274  -10.786 1.00 17.73 ?  50  THR A CG2  1 
ATOM   417  N  N    . ILE A 1 55  ? 2.865   -3.692  -8.668  1.00 12.96 ?  51  ILE A N    1 
ATOM   418  C  CA   . ILE A 1 55  ? 3.377   -3.496  -7.322  1.00 14.00 ?  51  ILE A CA   1 
ATOM   419  C  C    . ILE A 1 55  ? 3.424   -4.847  -6.611  1.00 15.61 ?  51  ILE A C    1 
ATOM   420  O  O    . ILE A 1 55  ? 2.397   -5.444  -6.366  1.00 16.52 ?  51  ILE A O    1 
ATOM   421  C  CB   . ILE A 1 55  ? 2.575   -2.490  -6.478  1.00 15.53 ?  51  ILE A CB   1 
ATOM   422  C  CG1  . ILE A 1 55  ? 2.400   -1.199  -7.269  1.00 14.21 ?  51  ILE A CG1  1 
ATOM   423  C  CG2  . ILE A 1 55  ? 3.293   -2.227  -5.106  1.00 16.82 ?  51  ILE A CG2  1 
ATOM   424  C  CD1  . ILE A 1 55  ? 1.597   -0.093  -6.545  1.00 14.83 ?  51  ILE A CD1  1 
ATOM   425  N  N    . LYS A 1 56  ? 4.631   -5.314  -6.374  1.00 17.84 ?  52  LYS A N    1 
ATOM   426  C  CA   . LYS A 1 56  ? 4.833   -6.541  -5.582  1.00 20.56 ?  52  LYS A CA   1 
ATOM   427  C  C    . LYS A 1 56  ? 5.265   -6.204  -4.166  1.00 20.70 ?  52  LYS A C    1 
ATOM   428  O  O    . LYS A 1 56  ? 6.037   -5.273  -3.962  1.00 23.21 ?  52  LYS A O    1 
ATOM   429  C  CB   . LYS A 1 56  ? 5.897   -7.427  -6.198  1.00 23.33 ?  52  LYS A CB   1 
ATOM   430  C  CG   . LYS A 1 56  ? 5.574   -8.050  -7.510  1.00 28.01 ?  52  LYS A CG   1 
ATOM   431  C  CD   . LYS A 1 56  ? 6.763   -8.867  -8.001  1.00 31.31 ?  52  LYS A CD   1 
ATOM   432  C  CE   . LYS A 1 56  ? 6.583   -9.182  -9.486  1.00 35.61 ?  52  LYS A CE   1 
ATOM   433  N  NZ   . LYS A 1 56  ? 7.455   -10.310 -9.955  1.00 38.55 ?  52  LYS A NZ   1 
ATOM   434  N  N    . SER A 1 57  ? 4.771   -6.995  -3.200  1.00 20.41 ?  53  SER A N    1 
ATOM   435  C  CA   . SER A 1 57  ? 5.222   -6.909  -1.815  1.00 20.50 ?  53  SER A CA   1 
ATOM   436  C  C    . SER A 1 57  ? 5.788   -8.273  -1.408  1.00 21.55 ?  53  SER A C    1 
ATOM   437  O  O    . SER A 1 57  ? 5.065   -9.299  -1.448  1.00 20.87 ?  53  SER A O    1 
ATOM   438  C  CB   . SER A 1 57  ? 4.087   -6.523  -0.903  1.00 19.80 ?  53  SER A CB   1 
ATOM   439  O  OG   . SER A 1 57  ? 4.613   -6.392  0.419   1.00 26.51 ?  53  SER A OG   1 
ATOM   440  N  N    . GLU A 1 58  ? 7.070   -8.271  -1.081  1.00 20.85 ?  54  GLU A N    1 
ATOM   441  C  CA   . GLU A 1 58  ? 7.759   -9.508  -0.647  1.00 24.38 ?  54  GLU A CA   1 
ATOM   442  C  C    . GLU A 1 58  ? 8.119   -9.393  0.843   1.00 23.39 ?  54  GLU A C    1 
ATOM   443  O  O    . GLU A 1 58  ? 8.827   -8.457  1.247   1.00 23.13 ?  54  GLU A O    1 
ATOM   444  C  CB   . GLU A 1 58  ? 9.025   -9.713  -1.487  1.00 29.17 ?  54  GLU A CB   1 
ATOM   445  C  CG   . GLU A 1 58  ? 8.780   -10.021 -2.963  1.00 36.54 ?  54  GLU A CG   1 
ATOM   446  C  CD   . GLU A 1 58  ? 8.555   -11.510 -3.237  1.00 45.11 ?  54  GLU A CD   1 
ATOM   447  O  OE1  . GLU A 1 58  ? 9.012   -11.990 -4.305  1.00 54.91 ?  54  GLU A OE1  1 
ATOM   448  O  OE2  . GLU A 1 58  ? 7.923   -12.206 -2.394  1.00 44.71 ?  54  GLU A OE2  1 
ATOM   449  N  N    . SER A 1 59  ? 7.589   -10.288 1.673   1.00 24.53 ?  55  SER A N    1 
ATOM   450  C  CA   . SER A 1 59  ? 7.945   -10.251 3.088   1.00 25.90 ?  55  SER A CA   1 
ATOM   451  C  C    . SER A 1 59  ? 7.893   -11.630 3.663   1.00 30.34 ?  55  SER A C    1 
ATOM   452  O  O    . SER A 1 59  ? 7.586   -12.568 2.942   1.00 27.40 ?  55  SER A O    1 
ATOM   453  C  CB   . SER A 1 59  ? 7.098   -9.254  3.909   1.00 27.30 ?  55  SER A CB   1 
ATOM   454  O  OG   . SER A 1 59  ? 5.827   -9.777  4.205   1.00 27.21 ?  55  SER A OG   1 
ATOM   455  N  N    . THR A 1 60  ? 8.216   -11.718 4.950   1.00 33.59 ?  56  THR A N    1 
ATOM   456  C  CA   . THR A 1 60  ? 8.284   -12.976 5.695   1.00 34.71 ?  56  THR A CA   1 
ATOM   457  C  C    . THR A 1 60  ? 6.891   -13.498 5.989   1.00 33.81 ?  56  THR A C    1 
ATOM   458  O  O    . THR A 1 60  ? 6.685   -14.706 6.092   1.00 36.83 ?  56  THR A O    1 
ATOM   459  C  CB   . THR A 1 60  ? 8.999   -12.777 7.058   1.00 35.25 ?  56  THR A CB   1 
ATOM   460  O  OG1  . THR A 1 60  ? 8.393   -11.676 7.760   1.00 37.88 ?  56  THR A OG1  1 
ATOM   461  C  CG2  . THR A 1 60  ? 10.522  -12.526 6.850   1.00 32.81 ?  56  THR A CG2  1 
ATOM   462  N  N    . PHE A 1 61  ? 5.948   -12.575 6.118   1.00 36.16 ?  57  PHE A N    1 
ATOM   463  C  CA   . PHE A 1 61  ? 4.577   -12.925 6.424   1.00 37.28 ?  57  PHE A CA   1 
ATOM   464  C  C    . PHE A 1 61  ? 3.832   -13.381 5.155   1.00 34.20 ?  57  PHE A C    1 
ATOM   465  O  O    . PHE A 1 61  ? 3.413   -14.539 5.067   1.00 32.90 ?  57  PHE A O    1 
ATOM   466  C  CB   . PHE A 1 61  ? 3.874   -11.757 7.129   1.00 40.07 ?  57  PHE A CB   1 
ATOM   467  C  CG   . PHE A 1 61  ? 2.397   -11.978 7.368   1.00 43.62 ?  57  PHE A CG   1 
ATOM   468  C  CD1  . PHE A 1 61  ? 1.931   -13.190 7.873   1.00 45.83 ?  57  PHE A CD1  1 
ATOM   469  C  CD2  . PHE A 1 61  ? 1.472   -10.976 7.082   1.00 44.32 ?  57  PHE A CD2  1 
ATOM   470  C  CE1  . PHE A 1 61  ? 0.571   -13.389 8.094   1.00 47.51 ?  57  PHE A CE1  1 
ATOM   471  C  CE2  . PHE A 1 61  ? 0.115   -11.172 7.298   1.00 47.11 ?  57  PHE A CE2  1 
ATOM   472  C  CZ   . PHE A 1 61  ? -0.338  -12.382 7.798   1.00 48.66 ?  57  PHE A CZ   1 
ATOM   473  N  N    . LYS A 1 62  ? 3.664   -12.475 4.186   1.00 32.37 ?  58  LYS A N    1 
ATOM   474  C  CA   A LYS A 1 62  ? 2.974   -12.813 2.947   0.50 30.06 ?  58  LYS A CA   1 
ATOM   475  C  CA   B LYS A 1 62  ? 2.923   -12.761 2.959   0.50 29.34 ?  58  LYS A CA   1 
ATOM   476  C  C    . LYS A 1 62  ? 3.636   -12.127 1.753   1.00 29.42 ?  58  LYS A C    1 
ATOM   477  O  O    . LYS A 1 62  ? 4.259   -11.049 1.882   1.00 27.65 ?  58  LYS A O    1 
ATOM   478  C  CB   A LYS A 1 62  ? 1.488   -12.434 3.023   0.50 29.52 ?  58  LYS A CB   1 
ATOM   479  C  CB   B LYS A 1 62  ? 1.491   -12.203 3.049   0.50 28.00 ?  58  LYS A CB   1 
ATOM   480  C  CG   A LYS A 1 62  ? 0.553   -13.324 2.195   0.50 29.82 ?  58  LYS A CG   1 
ATOM   481  C  CG   B LYS A 1 62  ? 0.612   -12.732 4.185   0.50 26.97 ?  58  LYS A CG   1 
ATOM   482  C  CD   A LYS A 1 62  ? -0.055  -14.437 3.053   0.50 29.03 ?  58  LYS A CD   1 
ATOM   483  C  CD   B LYS A 1 62  ? -0.178  -13.990 3.803   0.50 27.20 ?  58  LYS A CD   1 
ATOM   484  C  CE   A LYS A 1 62  ? -1.571  -14.531 2.893   0.50 30.45 ?  58  LYS A CE   1 
ATOM   485  C  CE   B LYS A 1 62  ? -0.445  -14.869 5.023   0.50 26.58 ?  58  LYS A CE   1 
ATOM   486  N  NZ   A LYS A 1 62  ? -2.311  -15.129 4.046   0.50 28.31 ?  58  LYS A NZ   1 
ATOM   487  N  NZ   B LYS A 1 62  ? -0.842  -16.257 4.648   0.50 29.16 ?  58  LYS A NZ   1 
ATOM   488  N  N    . ASN A 1 63  ? 3.557   -12.798 0.606   1.00 26.07 ?  59  ASN A N    1 
ATOM   489  C  CA   . ASN A 1 63  ? 3.932   -12.228 -0.709  1.00 26.06 ?  59  ASN A CA   1 
ATOM   490  C  C    . ASN A 1 63  ? 2.676   -11.864 -1.473  1.00 25.93 ?  59  ASN A C    1 
ATOM   491  O  O    . ASN A 1 63  ? 1.766   -12.705 -1.665  1.00 31.42 ?  59  ASN A O    1 
ATOM   492  C  CB   . ASN A 1 63  ? 4.738   -13.210 -1.527  1.00 25.65 ?  59  ASN A CB   1 
ATOM   493  C  CG   . ASN A 1 63  ? 6.048   -13.527 -0.884  1.00 29.80 ?  59  ASN A CG   1 
ATOM   494  O  OD1  . ASN A 1 63  ? 6.606   -12.724 -0.139  1.00 31.44 ?  59  ASN A OD1  1 
ATOM   495  N  ND2  . ASN A 1 63  ? 6.544   -14.717 -1.165  1.00 31.14 ?  59  ASN A ND2  1 
ATOM   496  N  N    . THR A 1 64  ? 2.601   -10.597 -1.877  1.00 23.52 ?  60  THR A N    1 
ATOM   497  C  CA   . THR A 1 64  ? 1.412   -10.065 -2.577  1.00 26.14 ?  60  THR A CA   1 
ATOM   498  C  C    . THR A 1 64  ? 1.821   -9.451  -3.915  1.00 22.89 ?  60  THR A C    1 
ATOM   499  O  O    . THR A 1 64  ? 2.955   -9.063  -4.099  1.00 20.62 ?  60  THR A O    1 
ATOM   500  C  CB   . THR A 1 64  ? 0.623   -9.008  -1.758  1.00 27.24 ?  60  THR A CB   1 
ATOM   501  O  OG1  . THR A 1 64  ? 1.421   -7.836  -1.532  1.00 31.43 ?  60  THR A OG1  1 
ATOM   502  C  CG2  . THR A 1 64  ? 0.095   -9.554  -0.422  1.00 28.79 ?  60  THR A CG2  1 
ATOM   503  N  N    . GLU A 1 65  ? 0.875   -9.369  -4.851  1.00 20.82 ?  61  GLU A N    1 
ATOM   504  C  CA   . GLU A 1 65  ? 1.185   -8.746  -6.126  1.00 21.39 ?  61  GLU A CA   1 
ATOM   505  C  C    . GLU A 1 65  ? -0.064  -8.218  -6.759  1.00 19.54 ?  61  GLU A C    1 
ATOM   506  O  O    . GLU A 1 65  ? -1.057  -8.936  -6.842  1.00 20.10 ?  61  GLU A O    1 
ATOM   507  C  CB   . GLU A 1 65  ? 1.811   -9.763  -7.074  1.00 25.53 ?  61  GLU A CB   1 
ATOM   508  C  CG   . GLU A 1 65  ? 2.154   -9.267  -8.453  1.00 29.10 ?  61  GLU A CG   1 
ATOM   509  C  CD   . GLU A 1 65  ? 2.779   -10.358 -9.306  1.00 35.88 ?  61  GLU A CD   1 
ATOM   510  O  OE1  . GLU A 1 65  ? 3.247   -11.402 -8.734  1.00 36.32 ?  61  GLU A OE1  1 
ATOM   511  O  OE2  . GLU A 1 65  ? 2.817   -10.176 -10.549 1.00 35.78 ?  61  GLU A OE2  1 
ATOM   512  N  N    . ILE A 1 66  ? -0.002  -6.967  -7.218  1.00 18.56 ?  62  ILE A N    1 
ATOM   513  C  CA   . ILE A 1 66  ? -1.091  -6.435  -8.012  1.00 15.44 ?  62  ILE A CA   1 
ATOM   514  C  C    . ILE A 1 66  ? -0.552  -5.811  -9.307  1.00 15.16 ?  62  ILE A C    1 
ATOM   515  O  O    . ILE A 1 66  ? 0.517   -5.161  -9.317  1.00 16.10 ?  62  ILE A O    1 
ATOM   516  C  CB   . ILE A 1 66  ? -1.927  -5.349  -7.219  1.00 15.61 ?  62  ILE A CB   1 
ATOM   517  C  CG1  . ILE A 1 66  ? -1.042  -4.259  -6.741  1.00 17.06 ?  62  ILE A CG1  1 
ATOM   518  C  CG2  . ILE A 1 66  ? -2.694  -5.992  -6.092  1.00 16.19 ?  62  ILE A CG2  1 
ATOM   519  C  CD1  . ILE A 1 66  ? -1.846  -3.081  -6.225  1.00 18.63 ?  62  ILE A CD1  1 
ATOM   520  N  N    . SER A 1 67  ? -1.293  -6.043  -10.393 1.00 15.72 ?  63  SER A N    1 
ATOM   521  C  CA   . SER A 1 67  ? -1.047  -5.416  -11.661 1.00 16.35 ?  63  SER A CA   1 
ATOM   522  C  C    . SER A 1 67  ? -2.330  -4.730  -12.095 1.00 14.53 ?  63  SER A C    1 
ATOM   523  O  O    . SER A 1 67  ? -3.403  -5.283  -11.895 1.00 15.10 ?  63  SER A O    1 
ATOM   524  C  CB   . SER A 1 67  ? -0.631  -6.448  -12.726 1.00 17.71 ?  63  SER A CB   1 
ATOM   525  O  OG   . SER A 1 67  ? 0.642   -6.974  -12.492 1.00 21.88 ?  63  SER A OG   1 
ATOM   526  N  N    . PHE A 1 68  ? -2.187  -3.535  -12.656 1.00 13.22 ?  64  PHE A N    1 
ATOM   527  C  CA   . PHE A 1 68  ? -3.340  -2.722  -12.872 1.00 14.19 ?  64  PHE A CA   1 
ATOM   528  C  C    . PHE A 1 68  ? -3.078  -1.656  -13.908 1.00 14.17 ?  64  PHE A C    1 
ATOM   529  O  O    . PHE A 1 68  ? -1.964  -1.257  -14.148 1.00 15.03 ?  64  PHE A O    1 
ATOM   530  C  CB   . PHE A 1 68  ? -3.806  -2.100  -11.508 1.00 13.93 ?  64  PHE A CB   1 
ATOM   531  C  CG   . PHE A 1 68  ? -2.817  -1.241  -10.863 1.00 14.26 ?  64  PHE A CG   1 
ATOM   532  C  CD1  . PHE A 1 68  ? -1.866  -1.765  -9.995  1.00 15.29 ?  64  PHE A CD1  1 
ATOM   533  C  CD2  . PHE A 1 68  ? -2.819  0.136   -11.109 1.00 16.72 ?  64  PHE A CD2  1 
ATOM   534  C  CE1  . PHE A 1 68  ? -0.950  -0.962  -9.398  1.00 16.14 ?  64  PHE A CE1  1 
ATOM   535  C  CE2  . PHE A 1 68  ? -1.865  0.956   -10.539 1.00 17.25 ?  64  PHE A CE2  1 
ATOM   536  C  CZ   . PHE A 1 68  ? -0.940  0.410   -9.695  1.00 14.27 ?  64  PHE A CZ   1 
ATOM   537  N  N    . ILE A 1 69  ? -4.185  -1.083  -14.373 1.00 15.42 ?  65  ILE A N    1 
ATOM   538  C  CA   . ILE A 1 69  ? -4.173  0.080   -15.282 1.00 15.67 ?  65  ILE A CA   1 
ATOM   539  C  C    . ILE A 1 69  ? -4.838  1.204   -14.459 1.00 13.36 ?  65  ILE A C    1 
ATOM   540  O  O    . ILE A 1 69  ? -5.813  0.943   -13.813 1.00 14.28 ?  65  ILE A O    1 
ATOM   541  C  CB   . ILE A 1 69  ? -4.877  -0.237  -16.635 1.00 17.89 ?  65  ILE A CB   1 
ATOM   542  C  CG1  . ILE A 1 69  ? -4.181  -1.420  -17.306 1.00 18.34 ?  65  ILE A CG1  1 
ATOM   543  C  CG2  . ILE A 1 69  ? -4.942  0.983   -17.529 1.00 17.44 ?  65  ILE A CG2  1 
ATOM   544  C  CD1  . ILE A 1 69  ? -4.695  -1.759  -18.668 1.00 19.48 ?  65  ILE A CD1  1 
ATOM   545  N  N    . LEU A 1 70  ? -4.237  2.397   -14.486 1.00 13.47 ?  66  LEU A N    1 
ATOM   546  C  CA   . LEU A 1 70  ? -4.786  3.537   -13.768 1.00 14.92 ?  66  LEU A CA   1 
ATOM   547  C  C    . LEU A 1 70  ? -6.229  3.747   -14.219 1.00 15.11 ?  66  LEU A C    1 
ATOM   548  O  O    . LEU A 1 70  ? -6.573  3.699   -15.410 1.00 15.45 ?  66  LEU A O    1 
ATOM   549  C  CB   . LEU A 1 70  ? -3.955  4.777   -14.012 1.00 14.57 ?  66  LEU A CB   1 
ATOM   550  C  CG   . LEU A 1 70  ? -2.511  4.803   -13.526 1.00 15.76 ?  66  LEU A CG   1 
ATOM   551  C  CD1  . LEU A 1 70  ? -1.655  5.958   -14.122 1.00 15.83 ?  66  LEU A CD1  1 
ATOM   552  C  CD2  . LEU A 1 70  ? -2.456  4.794   -12.002 1.00 15.29 ?  66  LEU A CD2  1 
ATOM   553  N  N    . GLY A 1 71  ? -7.036  4.003   -13.207 1.00 13.99 ?  67  GLY A N    1 
ATOM   554  C  CA   . GLY A 1 71  ? -8.450  4.192   -13.306 1.00 14.74 ?  67  GLY A CA   1 
ATOM   555  C  C    . GLY A 1 71  ? -9.347  3.056   -13.582 1.00 16.05 ?  67  GLY A C    1 
ATOM   556  O  O    . GLY A 1 71  ? -10.571 3.240   -13.738 1.00 16.91 ?  67  GLY A O    1 
ATOM   557  N  N    . GLN A 1 72  ? -8.781  1.823   -13.641 1.00 13.32 ?  68  GLN A N    1 
ATOM   558  C  CA   . GLN A 1 72  ? -9.554  0.636   -14.035 1.00 15.04 ?  68  GLN A CA   1 
ATOM   559  C  C    . GLN A 1 72  ? -9.612  -0.329  -12.833 1.00 14.97 ?  68  GLN A C    1 
ATOM   560  O  O    . GLN A 1 72  ? -8.612  -0.917  -12.346 1.00 14.34 ?  68  GLN A O    1 
ATOM   561  C  CB   . GLN A 1 72  ? -8.985  -0.043  -15.286 1.00 16.37 ?  68  GLN A CB   1 
ATOM   562  C  CG   . GLN A 1 72  ? -8.906  0.951   -16.447 1.00 17.45 ?  68  GLN A CG   1 
ATOM   563  C  CD   . GLN A 1 72  ? -8.720  0.319   -17.812 1.00 21.00 ?  68  GLN A CD   1 
ATOM   564  O  OE1  . GLN A 1 72  ? -8.566  -0.944  -17.964 1.00 20.18 ?  68  GLN A OE1  1 
ATOM   565  N  NE2  . GLN A 1 72  ? -8.674  1.170   -18.796 1.00 23.97 ?  68  GLN A NE2  1 
ATOM   566  N  N    . GLU A 1 73  ? -10.800 -0.530  -12.347 1.00 15.25 ?  69  GLU A N    1 
ATOM   567  C  CA   . GLU A 1 73  ? -11.039 -1.367  -11.159 1.00 16.09 ?  69  GLU A CA   1 
ATOM   568  C  C    . GLU A 1 73  ? -10.584 -2.824  -11.340 1.00 15.27 ?  69  GLU A C    1 
ATOM   569  O  O    . GLU A 1 73  ? -10.735 -3.415  -12.443 1.00 16.90 ?  69  GLU A O    1 
ATOM   570  C  CB   . GLU A 1 73  ? -12.536 -1.290  -10.758 1.00 19.96 ?  69  GLU A CB   1 
ATOM   571  C  CG   . GLU A 1 73  ? -12.828 -1.809  -9.342  1.00 23.67 ?  69  GLU A CG   1 
ATOM   572  C  CD   . GLU A 1 73  ? -14.300 -1.703  -8.920  1.00 30.24 ?  69  GLU A CD   1 
ATOM   573  O  OE1  . GLU A 1 73  ? -15.153 -2.172  -9.692  1.00 34.03 ?  69  GLU A OE1  1 
ATOM   574  O  OE2  . GLU A 1 73  ? -14.601 -1.129  -7.819  1.00 31.92 ?  69  GLU A OE2  1 
ATOM   575  N  N    . PHE A 1 74  ? -10.089 -3.370  -10.239 1.00 15.45 ?  70  PHE A N    1 
ATOM   576  C  CA   . PHE A 1 74  ? -9.593  -4.738  -10.270 1.00 15.21 ?  70  PHE A CA   1 
ATOM   577  C  C    . PHE A 1 74  ? -9.882  -5.388  -8.896  1.00 17.29 ?  70  PHE A C    1 
ATOM   578  O  O    . PHE A 1 74  ? -10.146 -4.711  -7.899  1.00 16.62 ?  70  PHE A O    1 
ATOM   579  C  CB   . PHE A 1 74  ? -8.111  -4.739  -10.634 1.00 15.57 ?  70  PHE A CB   1 
ATOM   580  C  CG   . PHE A 1 74  ? -7.174  -4.095  -9.642  1.00 14.16 ?  70  PHE A CG   1 
ATOM   581  C  CD1  . PHE A 1 74  ? -6.927  -2.727  -9.709  1.00 15.39 ?  70  PHE A CD1  1 
ATOM   582  C  CD2  . PHE A 1 74  ? -6.500  -4.841  -8.670  1.00 17.22 ?  70  PHE A CD2  1 
ATOM   583  C  CE1  . PHE A 1 74  ? -6.042  -2.110  -8.856  1.00 16.50 ?  70  PHE A CE1  1 
ATOM   584  C  CE2  . PHE A 1 74  ? -5.623  -4.211  -7.782  1.00 17.72 ?  70  PHE A CE2  1 
ATOM   585  C  CZ   . PHE A 1 74  ? -5.421  -2.831  -7.852  1.00 17.28 ?  70  PHE A CZ   1 
ATOM   586  N  N    . ASP A 1 75  ? -9.861  -6.730  -8.918  1.00 17.42 ?  71  ASP A N    1 
ATOM   587  C  CA   . ASP A 1 75  ? -9.859  -7.582  -7.716  1.00 19.01 ?  71  ASP A CA   1 
ATOM   588  C  C    . ASP A 1 75  ? -8.499  -7.703  -7.115  1.00 18.97 ?  71  ASP A C    1 
ATOM   589  O  O    . ASP A 1 75  ? -7.512  -7.883  -7.821  1.00 21.06 ?  71  ASP A O    1 
ATOM   590  C  CB   . ASP A 1 75  ? -10.317 -8.985  -8.101  1.00 19.46 ?  71  ASP A CB   1 
ATOM   591  C  CG   . ASP A 1 75  ? -11.725 -8.985  -8.634  1.00 22.60 ?  71  ASP A CG   1 
ATOM   592  O  OD1  . ASP A 1 75  ? -12.535 -8.316  -7.982  1.00 22.33 ?  71  ASP A OD1  1 
ATOM   593  O  OD2  . ASP A 1 75  ? -12.063 -9.657  -9.662  1.00 21.72 ?  71  ASP A OD2  1 
ATOM   594  N  N    . GLU A 1 76  ? -8.439  -7.570  -5.787  1.00 17.57 ?  72  GLU A N    1 
ATOM   595  C  CA   . GLU A 1 76  ? -7.194  -7.690  -5.019  1.00 20.09 ?  72  GLU A CA   1 
ATOM   596  C  C    . GLU A 1 76  ? -7.434  -8.570  -3.759  1.00 19.18 ?  72  GLU A C    1 
ATOM   597  O  O    . GLU A 1 76  ? -8.454  -8.436  -3.126  1.00 20.69 ?  72  GLU A O    1 
ATOM   598  C  CB   . GLU A 1 76  ? -6.667  -6.272  -4.603  1.00 19.50 ?  72  GLU A CB   1 
ATOM   599  C  CG   . GLU A 1 76  ? -5.419  -6.218  -3.698  1.00 21.57 ?  72  GLU A CG   1 
ATOM   600  C  CD   . GLU A 1 76  ? -5.013  -4.813  -3.267  1.00 21.12 ?  72  GLU A CD   1 
ATOM   601  O  OE1  . GLU A 1 76  ? -5.793  -3.871  -3.511  1.00 25.10 ?  72  GLU A OE1  1 
ATOM   602  O  OE2  . GLU A 1 76  ? -3.910  -4.655  -2.688  1.00 24.29 ?  72  GLU A OE2  1 
ATOM   603  N  N    . VAL A 1 77  ? -6.505  -9.473  -3.426  1.00 22.21 ?  73  VAL A N    1 
ATOM   604  C  CA   . VAL A 1 77  ? -6.532  -10.112 -2.112  1.00 22.06 ?  73  VAL A CA   1 
ATOM   605  C  C    . VAL A 1 77  ? -5.393  -9.456  -1.317  1.00 20.77 ?  73  VAL A C    1 
ATOM   606  O  O    . VAL A 1 77  ? -4.258  -9.420  -1.742  1.00 22.48 ?  73  VAL A O    1 
ATOM   607  C  CB   . VAL A 1 77  ? -6.451  -11.680 -2.207  1.00 25.98 ?  73  VAL A CB   1 
ATOM   608  C  CG1  . VAL A 1 77  ? -6.464  -12.307 -0.801  1.00 27.71 ?  73  VAL A CG1  1 
ATOM   609  C  CG2  . VAL A 1 77  ? -7.638  -12.221 -3.019  1.00 28.76 ?  73  VAL A CG2  1 
ATOM   610  N  N    . THR A 1 78  ? -5.751  -8.806  -0.220  1.00 20.22 ?  74  THR A N    1 
ATOM   611  C  CA   . THR A 1 78  ? -4.809  -8.019  0.550   1.00 19.03 ?  74  THR A CA   1 
ATOM   612  C  C    . THR A 1 78  ? -3.951  -8.957  1.447   1.00 18.52 ?  74  THR A C    1 
ATOM   613  O  O    . THR A 1 78  ? -4.262  -10.166 1.498   1.00 20.39 ?  74  THR A O    1 
ATOM   614  C  CB   . THR A 1 78  ? -5.516  -6.966  1.405   1.00 18.11 ?  74  THR A CB   1 
ATOM   615  O  OG1  . THR A 1 78  ? -6.298  -7.603  2.393   1.00 18.71 ?  74  THR A OG1  1 
ATOM   616  C  CG2  . THR A 1 78  ? -6.352  -6.029  0.594   1.00 17.16 ?  74  THR A CG2  1 
ATOM   617  N  N    . ALA A 1 79  ? -2.894  -8.448  2.088   1.00 18.63 ?  75  ALA A N    1 
ATOM   618  C  CA   . ALA A 1 79  ? -1.979  -9.223  2.954   1.00 18.71 ?  75  ALA A CA   1 
ATOM   619  C  C    . ALA A 1 79  ? -2.745  -9.851  4.130   1.00 20.95 ?  75  ALA A C    1 
ATOM   620  O  O    . ALA A 1 79  ? -2.468  -10.960 4.547   1.00 24.93 ?  75  ALA A O    1 
ATOM   621  C  CB   . ALA A 1 79  ? -0.804  -8.375  3.455   1.00 19.35 ?  75  ALA A CB   1 
ATOM   622  N  N    . ASP A 1 80  ? -3.737  -9.140  4.652   1.00 20.81 ?  76  ASP A N    1 
ATOM   623  C  CA   . ASP A 1 80  ? -4.613  -9.687  5.704   1.00 19.27 ?  76  ASP A CA   1 
ATOM   624  C  C    . ASP A 1 80  ? -5.808  -10.516 5.201   1.00 22.56 ?  76  ASP A C    1 
ATOM   625  O  O    . ASP A 1 80  ? -6.805  -10.813 5.927   1.00 24.08 ?  76  ASP A O    1 
ATOM   626  C  CB   . ASP A 1 80  ? -5.082  -8.482  6.586   1.00 19.19 ?  76  ASP A CB   1 
ATOM   627  C  CG   . ASP A 1 80  ? -5.843  -7.425  5.805   1.00 19.12 ?  76  ASP A CG   1 
ATOM   628  O  OD1  . ASP A 1 80  ? -5.346  -6.926  4.744   1.00 18.18 ?  76  ASP A OD1  1 
ATOM   629  O  OD2  . ASP A 1 80  ? -6.981  -7.140  6.256   1.00 20.65 ?  76  ASP A OD2  1 
ATOM   630  N  N    . ASP A 1 81  ? -5.721  -10.884 3.927   1.00 23.85 ?  77  ASP A N    1 
ATOM   631  C  CA   . ASP A 1 81  ? -6.723  -11.700 3.246   1.00 27.44 ?  77  ASP A CA   1 
ATOM   632  C  C    . ASP A 1 81  ? -8.109  -11.124 3.031   1.00 25.57 ?  77  ASP A C    1 
ATOM   633  O  O    . ASP A 1 81  ? -9.065  -11.883 2.902   1.00 30.19 ?  77  ASP A O    1 
ATOM   634  C  CB   . ASP A 1 81  ? -6.870  -13.059 3.966   1.00 28.88 ?  77  ASP A CB   1 
ATOM   635  C  CG   . ASP A 1 81  ? -6.292  -14.170 3.144   1.00 35.61 ?  77  ASP A CG   1 
ATOM   636  O  OD1  . ASP A 1 81  ? -6.877  -14.503 2.055   1.00 41.51 ?  77  ASP A OD1  1 
ATOM   637  O  OD2  . ASP A 1 81  ? -5.229  -14.647 3.569   1.00 41.79 ?  77  ASP A OD2  1 
ATOM   638  N  N    . ARG A 1 82  ? -8.267  -9.799  2.974   1.00 23.84 ?  78  ARG A N    1 
ATOM   639  C  CA   . ARG A 1 82  ? -9.516  -9.251  2.479   1.00 20.97 ?  78  ARG A CA   1 
ATOM   640  C  C    . ARG A 1 82  ? -9.582  -9.420  0.946   1.00 20.60 ?  78  ARG A C    1 
ATOM   641  O  O    . ARG A 1 82  ? -8.571  -9.292  0.269   1.00 19.30 ?  78  ARG A O    1 
ATOM   642  C  CB   . ARG A 1 82  ? -9.632  -7.755  2.854   1.00 19.13 ?  78  ARG A CB   1 
ATOM   643  C  CG   . ARG A 1 82  ? -10.014 -7.449  4.292   1.00 20.23 ?  78  ARG A CG   1 
ATOM   644  C  CD   . ARG A 1 82  ? -9.865  -5.959  4.563   1.00 20.43 ?  78  ARG A CD   1 
ATOM   645  N  NE   . ARG A 1 82  ? -8.446  -5.613  4.481   1.00 20.01 ?  78  ARG A NE   1 
ATOM   646  C  CZ   . ARG A 1 82  ? -7.918  -4.582  3.822   1.00 19.89 ?  78  ARG A CZ   1 
ATOM   647  N  NH1  . ARG A 1 82  ? -8.666  -3.643  3.228   1.00 18.02 ?  78  ARG A NH1  1 
ATOM   648  N  NH2  . ARG A 1 82  ? -6.595  -4.432  3.846   1.00 19.94 ?  78  ARG A NH2  1 
ATOM   649  N  N    . LYS A 1 83  ? -10.761 -9.733  0.430   1.00 22.40 ?  79  LYS A N    1 
ATOM   650  C  CA   . LYS A 1 83  ? -11.052 -9.682  -1.009  1.00 22.03 ?  79  LYS A CA   1 
ATOM   651  C  C    . LYS A 1 83  ? -11.720 -8.329  -1.246  1.00 20.98 ?  79  LYS A C    1 
ATOM   652  O  O    . LYS A 1 83  ? -12.814 -8.073  -0.764  1.00 22.01 ?  79  LYS A O    1 
ATOM   653  C  CB   . LYS A 1 83  ? -11.991 -10.823 -1.390  1.00 26.19 ?  79  LYS A CB   1 
ATOM   654  C  CG   . LYS A 1 83  ? -11.314 -12.198 -1.379  1.00 31.53 ?  79  LYS A CG   1 
ATOM   655  C  CD   . LYS A 1 83  ? -10.862 -12.609 0.012   1.00 34.27 ?  79  LYS A CD   1 
ATOM   656  C  CE   . LYS A 1 83  ? -10.715 -14.129 0.143   1.00 37.12 ?  79  LYS A CE   1 
ATOM   657  N  NZ   . LYS A 1 83  ? -9.706  -14.512 1.179   1.00 38.29 ?  79  LYS A NZ   1 
ATOM   658  N  N    . VAL A 1 84  ? -10.997 -7.437  -1.942  1.00 19.49 ?  80  VAL A N    1 
ATOM   659  C  CA   . VAL A 1 84  ? -11.446 -6.056  -2.139  1.00 17.27 ?  80  VAL A CA   1 
ATOM   660  C  C    . VAL A 1 84  ? -11.552 -5.732  -3.618  1.00 17.60 ?  80  VAL A C    1 
ATOM   661  O  O    . VAL A 1 84  ? -10.973 -6.427  -4.440  1.00 19.93 ?  80  VAL A O    1 
ATOM   662  C  CB   . VAL A 1 84  ? -10.569 -4.997  -1.403  1.00 16.77 ?  80  VAL A CB   1 
ATOM   663  C  CG1  . VAL A 1 84  ? -10.265 -5.471  0.044   1.00 17.56 ?  80  VAL A CG1  1 
ATOM   664  C  CG2  . VAL A 1 84  ? -9.235  -4.853  -2.108  1.00 14.24 ?  80  VAL A CG2  1 
ATOM   665  N  N    . LYS A 1 85  ? -12.234 -4.635  -3.919  1.00 16.49 ?  81  LYS A N    1 
ATOM   666  C  CA   . LYS A 1 85  ? -12.323 -4.023  -5.244  1.00 17.94 ?  81  LYS A CA   1 
ATOM   667  C  C    . LYS A 1 85  ? -11.495 -2.779  -5.119  1.00 15.94 ?  81  LYS A C    1 
ATOM   668  O  O    . LYS A 1 85  ? -11.840 -1.837  -4.307  1.00 15.81 ?  81  LYS A O    1 
ATOM   669  C  CB   . LYS A 1 85  ? -13.752 -3.625  -5.595  1.00 18.93 ?  81  LYS A CB   1 
ATOM   670  C  CG   . LYS A 1 85  ? -14.719 -4.786  -5.736  1.00 24.12 ?  81  LYS A CG   1 
ATOM   671  C  CD   . LYS A 1 85  ? -14.273 -5.829  -6.755  1.00 26.14 ?  81  LYS A CD   1 
ATOM   672  C  CE   . LYS A 1 85  ? -15.458 -6.772  -7.069  1.00 28.74 ?  81  LYS A CE   1 
ATOM   673  N  NZ   . LYS A 1 85  ? -15.094 -7.823  -8.089  1.00 31.83 ?  81  LYS A NZ   1 
ATOM   674  N  N    . SER A 1 86  ? -10.479 -2.700  -5.944  1.00 13.92 ?  82  SER A N    1 
ATOM   675  C  CA   . SER A 1 86  ? -9.463  -1.654  -5.933  1.00 13.30 ?  82  SER A CA   1 
ATOM   676  C  C    . SER A 1 86  ? -9.466  -0.826  -7.177  1.00 13.20 ?  82  SER A C    1 
ATOM   677  O  O    . SER A 1 86  ? -9.622  -1.330  -8.265  1.00 13.29 ?  82  SER A O    1 
ATOM   678  C  CB   . SER A 1 86  ? -8.032  -2.205  -5.711  1.00 13.83 ?  82  SER A CB   1 
ATOM   679  O  OG   . SER A 1 86  ? -8.033  -2.749  -4.435  1.00 16.76 ?  82  SER A OG   1 
ATOM   680  N  N    . THR A 1 87  ? -9.277  0.504   -6.996  1.00 13.37 ?  83  THR A N    1 
ATOM   681  C  CA   . THR A 1 87  ? -9.087  1.412   -8.118  1.00 13.02 ?  83  THR A CA   1 
ATOM   682  C  C    . THR A 1 87  ? -7.910  2.312   -7.804  1.00 12.56 ?  83  THR A C    1 
ATOM   683  O  O    . THR A 1 87  ? -7.887  2.941   -6.712  1.00 13.12 ?  83  THR A O    1 
ATOM   684  C  CB   . THR A 1 87  ? -10.342 2.245   -8.462  1.00 13.47 ?  83  THR A CB   1 
ATOM   685  O  OG1  . THR A 1 87  ? -11.464 1.414   -8.548  1.00 15.66 ?  83  THR A OG1  1 
ATOM   686  C  CG2  . THR A 1 87  ? -10.115 3.026   -9.743  1.00 14.72 ?  83  THR A CG2  1 
ATOM   687  N  N    . ILE A 1 88  ? -6.898  2.379   -8.677  1.00 11.31 ?  84  ILE A N    1 
ATOM   688  C  CA   . ILE A 1 88  ? -5.711  3.219   -8.447  1.00 12.79 ?  84  ILE A CA   1 
ATOM   689  C  C    . ILE A 1 88  ? -5.620  4.292   -9.529  1.00 13.54 ?  84  ILE A C    1 
ATOM   690  O  O    . ILE A 1 88  ? -5.730  4.011   -10.733 1.00 14.96 ?  84  ILE A O    1 
ATOM   691  C  CB   . ILE A 1 88  ? -4.411  2.331   -8.330  1.00 12.60 ?  84  ILE A CB   1 
ATOM   692  C  CG1  . ILE A 1 88  ? -4.632  1.302   -7.190  1.00 12.68 ?  84  ILE A CG1  1 
ATOM   693  C  CG2  . ILE A 1 88  ? -3.213  3.244   -8.161  1.00 13.32 ?  84  ILE A CG2  1 
ATOM   694  C  CD1  . ILE A 1 88  ? -3.465  0.325   -7.108  1.00 13.24 ?  84  ILE A CD1  1 
ATOM   695  N  N    . THR A 1 89  ? -5.476  5.558   -9.084  1.00 14.97 ?  85  THR A N    1 
ATOM   696  C  CA   . THR A 1 89  ? -5.395  6.657   -10.012 1.00 16.11 ?  85  THR A CA   1 
ATOM   697  C  C    . THR A 1 89  ? -4.119  7.464   -9.664  1.00 16.85 ?  85  THR A C    1 
ATOM   698  O  O    . THR A 1 89  ? -3.509  7.288   -8.596  1.00 17.26 ?  85  THR A O    1 
ATOM   699  C  CB   . THR A 1 89  ? -6.620  7.581   -9.979  1.00 16.16 ?  85  THR A CB   1 
ATOM   700  O  OG1  . THR A 1 89  ? -6.850  8.002   -8.634  1.00 19.90 ?  85  THR A OG1  1 
ATOM   701  C  CG2  . THR A 1 89  ? -7.846  6.890   -10.477 1.00 16.72 ?  85  THR A CG2  1 
ATOM   702  N  N    . LEU A 1 90  ? -3.698  8.335   -10.568 1.00 18.79 ?  86  LEU A N    1 
ATOM   703  C  CA   A LEU A 1 90  ? -2.665  9.332   -10.281 0.50 19.56 ?  86  LEU A CA   1 
ATOM   704  C  CA   B LEU A 1 90  ? -2.681  9.359   -10.259 0.50 18.57 ?  86  LEU A CA   1 
ATOM   705  C  C    . LEU A 1 90  ? -3.339  10.703  -10.093 1.00 20.19 ?  86  LEU A C    1 
ATOM   706  O  O    . LEU A 1 90  ? -4.128  11.124  -10.932 1.00 25.12 ?  86  LEU A O    1 
ATOM   707  C  CB   A LEU A 1 90  ? -1.630  9.326   -11.412 0.50 20.12 ?  86  LEU A CB   1 
ATOM   708  C  CB   B LEU A 1 90  ? -1.637  9.508   -11.347 0.50 17.71 ?  86  LEU A CB   1 
ATOM   709  C  CG   A LEU A 1 90  ? -0.138  9.594   -11.196 0.50 18.93 ?  86  LEU A CG   1 
ATOM   710  C  CG   B LEU A 1 90  ? -0.492  8.526   -11.480 0.50 15.53 ?  86  LEU A CG   1 
ATOM   711  C  CD1  A LEU A 1 90  ? 0.364   9.044   -9.877  0.50 18.80 ?  86  LEU A CD1  1 
ATOM   712  C  CD1  B LEU A 1 90  ? 0.115   8.764   -12.854 0.50 15.18 ?  86  LEU A CD1  1 
ATOM   713  C  CD2  A LEU A 1 90  ? 0.652   9.029   -12.381 0.50 18.99 ?  86  LEU A CD2  1 
ATOM   714  C  CD2  B LEU A 1 90  ? 0.564   8.756   -10.388 0.50 15.98 ?  86  LEU A CD2  1 
ATOM   715  N  N    . ASP A 1 91  ? -3.093  11.337  -8.968  1.00 21.48 ?  87  ASP A N    1 
ATOM   716  C  CA   . ASP A 1 91  ? -3.616  12.660  -8.706  1.00 21.94 ?  87  ASP A CA   1 
ATOM   717  C  C    . ASP A 1 91  ? -2.433  13.561  -8.289  1.00 18.70 ?  87  ASP A C    1 
ATOM   718  O  O    . ASP A 1 91  ? -1.896  13.435  -7.211  1.00 19.58 ?  87  ASP A O    1 
ATOM   719  C  CB   . ASP A 1 91  ? -4.676  12.573  -7.602  1.00 25.33 ?  87  ASP A CB   1 
ATOM   720  C  CG   . ASP A 1 91  ? -5.033  13.949  -6.966  1.00 31.69 ?  87  ASP A CG   1 
ATOM   721  O  OD1  . ASP A 1 91  ? -5.170  14.946  -7.704  1.00 34.03 ?  87  ASP A OD1  1 
ATOM   722  O  OD2  . ASP A 1 91  ? -5.120  14.030  -5.705  1.00 42.24 ?  87  ASP A OD2  1 
ATOM   723  N  N    . GLY A 1 92  ? -2.084  14.517  -9.151  1.00 22.31 ?  88  GLY A N    1 
ATOM   724  C  CA   . GLY A 1 92  ? -0.963  15.410  -8.866  1.00 21.88 ?  88  GLY A CA   1 
ATOM   725  C  C    . GLY A 1 92  ? 0.346   14.731  -8.494  1.00 22.89 ?  88  GLY A C    1 
ATOM   726  O  O    . GLY A 1 92  ? 1.063   15.154  -7.599  1.00 24.39 ?  88  GLY A O    1 
ATOM   727  N  N    . GLY A 1 93  ? 0.654   13.671  -9.208  1.00 20.17 ?  89  GLY A N    1 
ATOM   728  C  CA   . GLY A 1 93  ? 1.887   12.943  -8.955  1.00 18.52 ?  89  GLY A CA   1 
ATOM   729  C  C    . GLY A 1 93  ? 1.879   12.018  -7.741  1.00 17.79 ?  89  GLY A C    1 
ATOM   730  O  O    . GLY A 1 93  ? 2.904   11.454  -7.422  1.00 20.53 ?  89  GLY A O    1 
ATOM   731  N  N    . VAL A 1 94  ? 0.695   11.739  -7.178  1.00 13.98 ?  90  VAL A N    1 
ATOM   732  C  CA   . VAL A 1 94  ? 0.481   10.855  -6.023  1.00 14.25 ?  90  VAL A CA   1 
ATOM   733  C  C    . VAL A 1 94  ? -0.399  9.701   -6.482  1.00 14.02 ?  90  VAL A C    1 
ATOM   734  O  O    . VAL A 1 94  ? -1.460  9.903   -7.124  1.00 14.15 ?  90  VAL A O    1 
ATOM   735  C  CB   . VAL A 1 94  ? -0.277  11.593  -4.888  1.00 13.02 ?  90  VAL A CB   1 
ATOM   736  C  CG1  . VAL A 1 94  ? -0.730  10.642  -3.759  1.00 14.30 ?  90  VAL A CG1  1 
ATOM   737  C  CG2  . VAL A 1 94  ? 0.546   12.774  -4.366  1.00 16.07 ?  90  VAL A CG2  1 
ATOM   738  N  N    . LEU A 1 95  ? 0.043   8.457   -6.234  1.00 13.12 ?  91  LEU A N    1 
ATOM   739  C  CA   . LEU A 1 95  ? -0.770  7.288   -6.512  1.00 13.32 ?  91  LEU A CA   1 
ATOM   740  C  C    . LEU A 1 95  ? -1.777  7.150   -5.437  1.00 12.67 ?  91  LEU A C    1 
ATOM   741  O  O    . LEU A 1 95  ? -1.409  7.068   -4.256  1.00 15.20 ?  91  LEU A O    1 
ATOM   742  C  CB   . LEU A 1 95  ? 0.066   5.983   -6.577  1.00 14.25 ?  91  LEU A CB   1 
ATOM   743  C  CG   . LEU A 1 95  ? 0.824   5.677   -7.826  1.00 14.81 ?  91  LEU A CG   1 
ATOM   744  C  CD1  . LEU A 1 95  ? 1.860   4.564   -7.553  1.00 15.28 ?  91  LEU A CD1  1 
ATOM   745  C  CD2  . LEU A 1 95  ? -0.087  5.383   -9.029  1.00 15.11 ?  91  LEU A CD2  1 
ATOM   746  N  N    . VAL A 1 96  ? -3.053  7.143   -5.777  1.00 12.30 ?  92  VAL A N    1 
ATOM   747  C  CA   . VAL A 1 96  ? -4.146  7.037   -4.854  1.00 14.59 ?  92  VAL A CA   1 
ATOM   748  C  C    . VAL A 1 96  ? -4.895  5.709   -5.101  1.00 13.69 ?  92  VAL A C    1 
ATOM   749  O  O    . VAL A 1 96  ? -5.449  5.474   -6.179  1.00 15.57 ?  92  VAL A O    1 
ATOM   750  C  CB   . VAL A 1 96  ? -5.141  8.204   -5.038  1.00 16.55 ?  92  VAL A CB   1 
ATOM   751  C  CG1  . VAL A 1 96  ? -6.242  8.226   -3.997  1.00 15.79 ?  92  VAL A CG1  1 
ATOM   752  C  CG2  . VAL A 1 96  ? -4.353  9.486   -4.980  1.00 17.64 ?  92  VAL A CG2  1 
ATOM   753  N  N    . HIS A 1 97  ? -4.914  4.848   -4.075  1.00 13.86 ?  93  HIS A N    1 
ATOM   754  C  CA   . HIS A 1 97  ? -5.464  3.491   -4.147  1.00 14.79 ?  93  HIS A CA   1 
ATOM   755  C  C    . HIS A 1 97  ? -6.622  3.371   -3.189  1.00 14.31 ?  93  HIS A C    1 
ATOM   756  O  O    . HIS A 1 97  ? -6.426  3.516   -1.983  1.00 14.74 ?  93  HIS A O    1 
ATOM   757  C  CB   . HIS A 1 97  ? -4.319  2.614   -3.759  1.00 14.21 ?  93  HIS A CB   1 
ATOM   758  C  CG   . HIS A 1 97  ? -4.595  1.134   -3.751  1.00 14.50 ?  93  HIS A CG   1 
ATOM   759  N  ND1  . HIS A 1 97  ? -3.593  0.286   -3.456  1.00 16.83 ?  93  HIS A ND1  1 
ATOM   760  C  CD2  . HIS A 1 97  ? -5.746  0.377   -3.885  1.00 15.04 ?  93  HIS A CD2  1 
ATOM   761  C  CE1  . HIS A 1 97  ? -4.067  -0.992  -3.557  1.00 14.57 ?  93  HIS A CE1  1 
ATOM   762  N  NE2  . HIS A 1 97  ? -5.362  -0.958  -3.798  1.00 15.39 ?  93  HIS A NE2  1 
ATOM   763  N  N    . VAL A 1 98  ? -7.834  3.221   -3.707  1.00 14.64 ?  94  VAL A N    1 
ATOM   764  C  CA   . VAL A 1 98  ? -8.971  2.954   -2.904  1.00 14.26 ?  94  VAL A CA   1 
ATOM   765  C  C    . VAL A 1 98  ? -9.382  1.503   -2.937  1.00 15.14 ?  94  VAL A C    1 
ATOM   766  O  O    . VAL A 1 98  ? -9.396  0.885   -4.010  1.00 15.79 ?  94  VAL A O    1 
ATOM   767  C  CB   . VAL A 1 98  ? -10.110 3.918   -3.334  1.00 16.64 ?  94  VAL A CB   1 
ATOM   768  C  CG1  . VAL A 1 98  ? -11.349 3.759   -2.474  1.00 19.56 ?  94  VAL A CG1  1 
ATOM   769  C  CG2  . VAL A 1 98  ? -9.539  5.349   -3.383  1.00 19.53 ?  94  VAL A CG2  1 
ATOM   770  N  N    . GLN A 1 99  ? -9.635  0.915   -1.767  1.00 15.31 ?  95  GLN A N    1 
ATOM   771  C  CA   . GLN A 1 99  ? -10.083 -0.461  -1.654  1.00 15.15 ?  95  GLN A CA   1 
ATOM   772  C  C    . GLN A 1 99  ? -11.462 -0.469  -1.040  1.00 15.94 ?  95  GLN A C    1 
ATOM   773  O  O    . GLN A 1 99  ? -11.635 0.154   0.049   1.00 14.77 ?  95  GLN A O    1 
ATOM   774  C  CB   . GLN A 1 99  ? -9.151  -1.275  -0.692  1.00 14.57 ?  95  GLN A CB   1 
ATOM   775  C  CG   . GLN A 1 99  ? -7.712  -1.443  -1.190  1.00 15.63 ?  95  GLN A CG   1 
ATOM   776  C  CD   . GLN A 1 99  ? -6.856  -2.131  -0.151  1.00 16.13 ?  95  GLN A CD   1 
ATOM   777  O  OE1  . GLN A 1 99  ? -7.127  -2.068  1.060   1.00 14.68 ?  95  GLN A OE1  1 
ATOM   778  N  NE2  . GLN A 1 99  ? -5.734  -2.733  -0.601  1.00 16.59 ?  95  GLN A NE2  1 
ATOM   779  N  N    . LYS A 1 100 ? -12.387 -1.222  -1.641  1.00 16.80 ?  96  LYS A N    1 
ATOM   780  C  CA   . LYS A 1 100 ? -13.770 -1.351  -1.176  1.00 18.15 ?  96  LYS A CA   1 
ATOM   781  C  C    . LYS A 1 100 ? -14.110 -2.791  -0.873  1.00 20.33 ?  96  LYS A C    1 
ATOM   782  O  O    . LYS A 1 100 ? -13.762 -3.674  -1.640  1.00 17.85 ?  96  LYS A O    1 
ATOM   783  C  CB   . LYS A 1 100 ? -14.700 -0.836  -2.278  1.00 20.27 ?  96  LYS A CB   1 
ATOM   784  C  CG   . LYS A 1 100 ? -14.446 0.544   -2.769  1.00 20.49 ?  96  LYS A CG   1 
ATOM   785  C  CD   . LYS A 1 100 ? -14.883 1.582   -1.786  1.00 22.38 ?  96  LYS A CD   1 
ATOM   786  C  CE   . LYS A 1 100 ? -15.087 2.924   -2.432  1.00 21.48 ?  96  LYS A CE   1 
ATOM   787  N  NZ   . LYS A 1 100 ? -15.087 4.069   -1.478  1.00 25.50 ?  96  LYS A NZ   1 
ATOM   788  N  N    . TRP A 1 101 ? -14.689 -3.043  0.295   1.00 18.39 ?  97  TRP A N    1 
ATOM   789  C  CA   . TRP A 1 101 ? -15.112 -4.406  0.649   1.00 19.01 ?  97  TRP A CA   1 
ATOM   790  C  C    . TRP A 1 101 ? -16.128 -4.331  1.776   1.00 22.38 ?  97  TRP A C    1 
ATOM   791  O  O    . TRP A 1 101 ? -16.019 -3.485  2.634   1.00 22.15 ?  97  TRP A O    1 
ATOM   792  C  CB   . TRP A 1 101 ? -13.926 -5.278  1.023   1.00 19.45 ?  97  TRP A CB   1 
ATOM   793  C  CG   . TRP A 1 101 ? -13.428 -4.981  2.405   1.00 20.47 ?  97  TRP A CG   1 
ATOM   794  C  CD1  . TRP A 1 101 ? -13.666 -5.749  3.529   1.00 19.85 ?  97  TRP A CD1  1 
ATOM   795  C  CD2  . TRP A 1 101 ? -12.690 -3.793  2.894   1.00 19.51 ?  97  TRP A CD2  1 
ATOM   796  N  NE1  . TRP A 1 101 ? -13.156 -5.143  4.646   1.00 18.23 ?  97  TRP A NE1  1 
ATOM   797  C  CE2  . TRP A 1 101 ? -12.544 -3.976  4.330   1.00 17.39 ?  97  TRP A CE2  1 
ATOM   798  C  CE3  . TRP A 1 101 ? -12.210 -2.615  2.306   1.00 19.09 ?  97  TRP A CE3  1 
ATOM   799  C  CZ2  . TRP A 1 101 ? -11.899 -3.022  5.126   1.00 18.56 ?  97  TRP A CZ2  1 
ATOM   800  C  CZ3  . TRP A 1 101 ? -11.534 -1.695  3.098   1.00 18.14 ?  97  TRP A CZ3  1 
ATOM   801  C  CH2  . TRP A 1 101 ? -11.386 -1.893  4.466   1.00 18.87 ?  97  TRP A CH2  1 
ATOM   802  N  N    . ASP A 1 102 ? -17.156 -5.188  1.729   1.00 24.89 ?  98  ASP A N    1 
ATOM   803  C  CA   . ASP A 1 102 ? -18.109 -5.382  2.857   1.00 27.60 ?  98  ASP A CA   1 
ATOM   804  C  C    . ASP A 1 102 ? -18.707 -4.044  3.280   1.00 25.36 ?  98  ASP A C    1 
ATOM   805  O  O    . ASP A 1 102 ? -18.924 -3.794  4.486   1.00 30.00 ?  98  ASP A O    1 
ATOM   806  C  CB   . ASP A 1 102 ? -17.457 -6.096  4.060   1.00 32.19 ?  98  ASP A CB   1 
ATOM   807  C  CG   . ASP A 1 102 ? -17.063 -7.565  3.760   1.00 35.71 ?  98  ASP A CG   1 
ATOM   808  O  OD1  . ASP A 1 102 ? -17.438 -8.100  2.701   1.00 38.45 ?  98  ASP A OD1  1 
ATOM   809  O  OD2  . ASP A 1 102 ? -16.359 -8.191  4.591   1.00 40.69 ?  98  ASP A OD2  1 
ATOM   810  N  N    . GLY A 1 103 ? -18.929 -3.167  2.305   1.00 25.98 ?  99  GLY A N    1 
ATOM   811  C  CA   . GLY A 1 103 ? -19.418 -1.787  2.577   1.00 25.99 ?  99  GLY A CA   1 
ATOM   812  C  C    . GLY A 1 103 ? -18.406 -0.831  3.261   1.00 28.48 ?  99  GLY A C    1 
ATOM   813  O  O    . GLY A 1 103 ? -18.736 0.326   3.625   1.00 30.07 ?  99  GLY A O    1 
ATOM   814  N  N    . LYS A 1 104 ? -17.157 -1.281  3.394   1.00 24.66 ?  100 LYS A N    1 
ATOM   815  C  CA   . LYS A 1 104 ? -16.086 -0.484  3.995   1.00 23.09 ?  100 LYS A CA   1 
ATOM   816  C  C    . LYS A 1 104 ? -15.183 0.146   2.897   1.00 22.46 ?  100 LYS A C    1 
ATOM   817  O  O    . LYS A 1 104 ? -15.279 -0.214  1.730   1.00 20.82 ?  100 LYS A O    1 
ATOM   818  C  CB   . LYS A 1 104 ? -15.254 -1.352  4.951   1.00 25.07 ?  100 LYS A CB   1 
ATOM   819  C  CG   . LYS A 1 104 ? -16.038 -2.000  6.112   1.00 29.23 ?  100 LYS A CG   1 
ATOM   820  C  CD   . LYS A 1 104 ? -15.413 -3.310  6.590   1.00 34.08 ?  100 LYS A CD   1 
ATOM   821  C  CE   . LYS A 1 104 ? -15.690 -3.630  8.061   1.00 36.03 ?  100 LYS A CE   1 
ATOM   822  N  NZ   . LYS A 1 104 ? -14.557 -4.434  8.654   1.00 38.85 ?  100 LYS A NZ   1 
ATOM   823  N  N    . SER A 1 105 ? -14.346 1.112   3.271   1.00 17.37 ?  101 SER A N    1 
ATOM   824  C  CA   . SER A 1 105 ? -13.371 1.651   2.339   1.00 18.17 ?  101 SER A CA   1 
ATOM   825  C  C    . SER A 1 105 ? -12.128 2.126   3.080   1.00 16.43 ?  101 SER A C    1 
ATOM   826  O  O    . SER A 1 105 ? -12.203 2.655   4.166   1.00 17.63 ?  101 SER A O    1 
ATOM   827  C  CB   . SER A 1 105 ? -14.052 2.818   1.589   1.00 17.62 ?  101 SER A CB   1 
ATOM   828  O  OG   . SER A 1 105 ? -13.233 3.429   0.618   1.00 19.91 ?  101 SER A OG   1 
ATOM   829  N  N    . THR A 1 106 ? -10.971 2.006   2.423   1.00 15.93 ?  102 THR A N    1 
ATOM   830  C  CA   . THR A 1 106 ? -9.725  2.579   2.878   1.00 14.79 ?  102 THR A CA   1 
ATOM   831  C  C    . THR A 1 106 ? -8.968  3.141   1.671   1.00 14.33 ?  102 THR A C    1 
ATOM   832  O  O    . THR A 1 106 ? -9.099  2.607   0.553   1.00 13.32 ?  102 THR A O    1 
ATOM   833  C  CB   . THR A 1 106 ? -8.923  1.510   3.625   1.00 14.24 ?  102 THR A CB   1 
ATOM   834  O  OG1  . THR A 1 106 ? -7.724  2.098   4.170   1.00 15.41 ?  102 THR A OG1  1 
ATOM   835  C  CG2  . THR A 1 106 ? -8.609  0.346   2.728   1.00 17.30 ?  102 THR A CG2  1 
ATOM   836  N  N    . THR A 1 107 ? -8.188  4.190   1.926   1.00 14.94 ?  103 THR A N    1 
ATOM   837  C  CA   . THR A 1 107 ? -7.389  4.844   0.922   1.00 15.17 ?  103 THR A CA   1 
ATOM   838  C  C    . THR A 1 107 ? -5.942  4.807   1.260   1.00 15.86 ?  103 THR A C    1 
ATOM   839  O  O    . THR A 1 107 ? -5.536  5.148   2.389   1.00 15.21 ?  103 THR A O    1 
ATOM   840  C  CB   . THR A 1 107 ? -7.867  6.283   0.682   1.00 16.69 ?  103 THR A CB   1 
ATOM   841  O  OG1  . THR A 1 107 ? -9.221  6.163   0.183   1.00 20.34 ?  103 THR A OG1  1 
ATOM   842  C  CG2  . THR A 1 107 ? -6.994  7.028   -0.344  1.00 16.92 ?  103 THR A CG2  1 
ATOM   843  N  N    . ILE A 1 108 ? -5.136  4.388   0.300   1.00 14.30 ?  104 ILE A N    1 
ATOM   844  C  CA   . ILE A 1 108 ? -3.699  4.331   0.474   1.00 13.74 ?  104 ILE A CA   1 
ATOM   845  C  C    . ILE A 1 108 ? -3.113  5.253   -0.559  1.00 14.09 ?  104 ILE A C    1 
ATOM   846  O  O    . ILE A 1 108 ? -3.373  5.095   -1.732  1.00 13.81 ?  104 ILE A O    1 
ATOM   847  C  CB   . ILE A 1 108 ? -3.174  2.888   0.192   1.00 14.83 ?  104 ILE A CB   1 
ATOM   848  C  CG1  . ILE A 1 108 ? -3.825  1.887   1.127   1.00 15.30 ?  104 ILE A CG1  1 
ATOM   849  C  CG2  . ILE A 1 108 ? -1.652  2.893   0.290   1.00 15.14 ?  104 ILE A CG2  1 
ATOM   850  C  CD1  . ILE A 1 108 ? -3.870  0.504   0.497   1.00 17.95 ?  104 ILE A CD1  1 
ATOM   851  N  N    . LYS A 1 109 ? -2.293  6.217   -0.138  1.00 13.87 ?  105 LYS A N    1 
ATOM   852  C  CA   . LYS A 1 109 ? -1.644  7.134   -1.036  1.00 13.09 ?  105 LYS A CA   1 
ATOM   853  C  C    . LYS A 1 109 ? -0.158  6.857   -1.000  1.00 12.97 ?  105 LYS A C    1 
ATOM   854  O  O    . LYS A 1 109 ? 0.402   6.649   0.092   1.00 14.34 ?  105 LYS A O    1 
ATOM   855  C  CB   . LYS A 1 109 ? -1.888  8.576   -0.574  1.00 14.21 ?  105 LYS A CB   1 
ATOM   856  C  CG   . LYS A 1 109 ? -3.316  8.981   -0.853  1.00 15.91 ?  105 LYS A CG   1 
ATOM   857  C  CD   . LYS A 1 109 ? -3.628  10.465  -0.564  1.00 17.90 ?  105 LYS A CD   1 
ATOM   858  C  CE   . LYS A 1 109 ? -5.086  10.770  -0.921  1.00 21.37 ?  105 LYS A CE   1 
ATOM   859  N  NZ   . LYS A 1 109 ? -5.636  12.055  -0.368  1.00 26.31 ?  105 LYS A NZ   1 
ATOM   860  N  N    . ARG A 1 110 ? 0.482   6.896   -2.143  1.00 13.72 ?  106 ARG A N    1 
ATOM   861  C  CA   . ARG A 1 110 ? 1.974   6.673   -2.221  1.00 15.54 ?  106 ARG A CA   1 
ATOM   862  C  C    . ARG A 1 110 ? 2.579   7.879   -2.952  1.00 15.50 ?  106 ARG A C    1 
ATOM   863  O  O    . ARG A 1 110 ? 2.100   8.230   -4.017  1.00 14.49 ?  106 ARG A O    1 
ATOM   864  C  CB   . ARG A 1 110 ? 2.248   5.352   -2.969  1.00 16.07 ?  106 ARG A CB   1 
ATOM   865  C  CG   . ARG A 1 110 ? 1.703   4.094   -2.269  1.00 16.89 ?  106 ARG A CG   1 
ATOM   866  C  CD   . ARG A 1 110 ? 1.783   2.924   -3.184  1.00 18.00 ?  106 ARG A CD   1 
ATOM   867  N  NE   . ARG A 1 110 ? 1.438   1.637   -2.535  1.00 18.75 ?  106 ARG A NE   1 
ATOM   868  C  CZ   . ARG A 1 110 ? 0.241   1.069   -2.585  1.00 20.30 ?  106 ARG A CZ   1 
ATOM   869  N  NH1  . ARG A 1 110 ? -0.792  1.667   -3.139  1.00 18.56 ?  106 ARG A NH1  1 
ATOM   870  N  NH2  . ARG A 1 110 ? 0.046   -0.114  -1.999  1.00 19.59 ?  106 ARG A NH2  1 
ATOM   871  N  N    . LYS A 1 111 ? 3.595   8.504   -2.343  1.00 16.32 ?  107 LYS A N    1 
ATOM   872  C  CA   . LYS A 1 111 ? 4.196   9.778   -2.756  1.00 17.86 ?  107 LYS A CA   1 
ATOM   873  C  C    . LYS A 1 111 ? 5.753   9.640   -2.719  1.00 17.10 ?  107 LYS A C    1 
ATOM   874  O  O    . LYS A 1 111 ? 6.282   8.992   -1.852  1.00 17.24 ?  107 LYS A O    1 
ATOM   875  C  CB   . LYS A 1 111 ? 3.830   10.959  -1.802  1.00 21.82 ?  107 LYS A CB   1 
ATOM   876  C  CG   . LYS A 1 111 ? 2.413   10.988  -1.295  1.00 27.97 ?  107 LYS A CG   1 
ATOM   877  C  CD   . LYS A 1 111 ? 2.234   12.231  -0.414  1.00 30.65 ?  107 LYS A CD   1 
ATOM   878  C  CE   . LYS A 1 111 ? 0.798   12.491  0.018   1.00 35.96 ?  107 LYS A CE   1 
ATOM   879  N  NZ   . LYS A 1 111 ? 0.782   13.437  1.179   1.00 37.82 ?  107 LYS A NZ   1 
ATOM   880  N  N    . ARG A 1 112 ? 6.448   10.195  -3.719  1.00 15.19 ?  108 ARG A N    1 
ATOM   881  C  CA   . ARG A 1 112 ? 7.867   10.353  -3.695  1.00 15.09 ?  108 ARG A CA   1 
ATOM   882  C  C    . ARG A 1 112 ? 8.155   11.637  -2.921  1.00 17.70 ?  108 ARG A C    1 
ATOM   883  O  O    . ARG A 1 112 ? 7.628   12.693  -3.240  1.00 17.45 ?  108 ARG A O    1 
ATOM   884  C  CB   . ARG A 1 112 ? 8.501   10.403  -5.055  1.00 17.80 ?  108 ARG A CB   1 
ATOM   885  C  CG   . ARG A 1 112 ? 8.778   9.067   -5.666  1.00 18.17 ?  108 ARG A CG   1 
ATOM   886  C  CD   . ARG A 1 112 ? 9.931   8.367   -4.917  1.00 16.81 ?  108 ARG A CD   1 
ATOM   887  N  NE   . ARG A 1 112 ? 11.149  9.136   -4.641  1.00 16.44 ?  108 ARG A NE   1 
ATOM   888  C  CZ   . ARG A 1 112 ? 12.210  9.341   -5.441  1.00 15.69 ?  108 ARG A CZ   1 
ATOM   889  N  NH1  . ARG A 1 112 ? 12.293  8.820   -6.675  1.00 17.67 ?  108 ARG A NH1  1 
ATOM   890  N  NH2  . ARG A 1 112 ? 13.242  10.067  -5.029  1.00 21.08 ?  108 ARG A NH2  1 
ATOM   891  N  N    . GLU A 1 113 ? 8.978   11.526  -1.890  1.00 16.79 ?  109 GLU A N    1 
ATOM   892  C  CA   . GLU A 1 113 ? 9.370   12.652  -1.020  1.00 18.38 ?  109 GLU A CA   1 
ATOM   893  C  C    . GLU A 1 113 ? 10.872  12.545  -0.781  1.00 18.41 ?  109 GLU A C    1 
ATOM   894  O  O    . GLU A 1 113 ? 11.329  11.546  -0.151  1.00 18.55 ?  109 GLU A O    1 
ATOM   895  C  CB   . GLU A 1 113 ? 8.669   12.647  0.329   1.00 22.20 ?  109 GLU A CB   1 
ATOM   896  C  CG   . GLU A 1 113 ? 7.172   12.772  0.238   1.00 24.79 ?  109 GLU A CG   1 
ATOM   897  C  CD   . GLU A 1 113 ? 6.462   12.903  1.560   1.00 29.59 ?  109 GLU A CD   1 
ATOM   898  O  OE1  . GLU A 1 113 ? 7.101   13.302  2.604   1.00 27.53 ?  109 GLU A OE1  1 
ATOM   899  O  OE2  . GLU A 1 113 ? 5.229   12.615  1.534   1.00 32.48 ?  109 GLU A OE2  1 
ATOM   900  N  N    . ASP A 1 114 ? 11.618  13.504  -1.342  1.00 17.89 ?  110 ASP A N    1 
ATOM   901  C  CA   . ASP A 1 114 ? 13.088  13.440  -1.306  1.00 19.76 ?  110 ASP A CA   1 
ATOM   902  C  C    . ASP A 1 114 ? 13.470  12.076  -1.900  1.00 17.51 ?  110 ASP A C    1 
ATOM   903  O  O    . ASP A 1 114 ? 12.921  11.756  -2.973  1.00 16.52 ?  110 ASP A O    1 
ATOM   904  C  CB   . ASP A 1 114 ? 13.602  13.765  0.091   1.00 20.13 ?  110 ASP A CB   1 
ATOM   905  C  CG   . ASP A 1 114 ? 13.302  15.187  0.476   1.00 25.51 ?  110 ASP A CG   1 
ATOM   906  O  OD1  . ASP A 1 114 ? 13.472  16.060  -0.404  1.00 24.83 ?  110 ASP A OD1  1 
ATOM   907  O  OD2  . ASP A 1 114 ? 12.859  15.443  1.619   1.00 26.43 ?  110 ASP A OD2  1 
ATOM   908  N  N    . ASP A 1 115 ? 14.332  11.278  -1.270  1.00 16.56 ?  111 ASP A N    1 
ATOM   909  C  CA   . ASP A 1 115 ? 14.689  9.979   -1.821  1.00 16.54 ?  111 ASP A CA   1 
ATOM   910  C  C    . ASP A 1 115 ? 13.825  8.846   -1.285  1.00 17.76 ?  111 ASP A C    1 
ATOM   911  O  O    . ASP A 1 115 ? 14.129  7.658   -1.536  1.00 20.88 ?  111 ASP A O    1 
ATOM   912  C  CB   . ASP A 1 115 ? 16.188  9.672   -1.515  1.00 16.27 ?  111 ASP A CB   1 
ATOM   913  C  CG   . ASP A 1 115 ? 17.139  10.484  -2.372  1.00 19.33 ?  111 ASP A CG   1 
ATOM   914  O  OD1  . ASP A 1 115 ? 16.823  10.750  -3.538  1.00 20.79 ?  111 ASP A OD1  1 
ATOM   915  O  OD2  . ASP A 1 115 ? 18.218  10.817  -1.897  1.00 22.31 ?  111 ASP A OD2  1 
ATOM   916  N  N    . LYS A 1 116 ? 12.777  9.185   -0.554  1.00 18.44 ?  112 LYS A N    1 
ATOM   917  C  CA   . LYS A 1 116 ? 11.872  8.168   0.057   1.00 18.53 ?  112 LYS A CA   1 
ATOM   918  C  C    . LYS A 1 116 ? 10.569  8.030   -0.743  1.00 17.52 ?  112 LYS A C    1 
ATOM   919  O  O    . LYS A 1 116 ? 10.217  8.832   -1.590  1.00 15.30 ?  112 LYS A O    1 
ATOM   920  C  CB   . LYS A 1 116 ? 11.509  8.581   1.453   1.00 21.51 ?  112 LYS A CB   1 
ATOM   921  C  CG   . LYS A 1 116 ? 12.724  8.690   2.374   1.00 27.01 ?  112 LYS A CG   1 
ATOM   922  C  CD   . LYS A 1 116 ? 12.414  9.476   3.624   1.00 32.27 ?  112 LYS A CD   1 
ATOM   923  C  CE   . LYS A 1 116 ? 13.681  9.603   4.483   1.00 34.84 ?  112 LYS A CE   1 
ATOM   924  N  NZ   . LYS A 1 116 ? 13.423  9.430   5.953   1.00 37.02 ?  112 LYS A NZ   1 
ATOM   925  N  N    . LEU A 1 117 ? 9.932   6.895   -0.531  1.00 15.22 ?  113 LEU A N    1 
ATOM   926  C  CA   A LEU A 1 117 ? 8.595   6.665   -0.988  0.50 15.08 ?  113 LEU A CA   1 
ATOM   927  C  CA   B LEU A 1 117 ? 8.565   6.646   -0.987  0.50 15.43 ?  113 LEU A CA   1 
ATOM   928  C  C    . LEU A 1 117 ? 7.730   6.530   0.275   1.00 15.11 ?  113 LEU A C    1 
ATOM   929  O  O    . LEU A 1 117 ? 7.962   5.682   1.159   1.00 15.92 ?  113 LEU A O    1 
ATOM   930  C  CB   A LEU A 1 117 ? 8.585   5.438   -1.895  0.50 16.22 ?  113 LEU A CB   1 
ATOM   931  C  CB   B LEU A 1 117 ? 8.452   5.374   -1.849  0.50 17.20 ?  113 LEU A CB   1 
ATOM   932  C  CG   A LEU A 1 117 ? 7.278   5.132   -2.627  0.50 16.60 ?  113 LEU A CG   1 
ATOM   933  C  CG   B LEU A 1 117 ? 7.192   5.137   -2.734  0.50 17.85 ?  113 LEU A CG   1 
ATOM   934  C  CD1  A LEU A 1 117 ? 7.501   4.278   -3.891  0.50 16.32 ?  113 LEU A CD1  1 
ATOM   935  C  CD1  B LEU A 1 117 ? 6.757   6.411   -3.441  0.50 18.86 ?  113 LEU A CD1  1 
ATOM   936  C  CD2  A LEU A 1 117 ? 6.435   4.436   -1.587  0.50 16.06 ?  113 LEU A CD2  1 
ATOM   937  C  CD2  B LEU A 1 117 ? 7.416   4.018   -3.769  0.50 17.60 ?  113 LEU A CD2  1 
ATOM   938  N  N    . VAL A 1 118 ? 6.781   7.468   0.437   1.00 15.57 ?  114 VAL A N    1 
ATOM   939  C  CA   . VAL A 1 118 ? 5.967   7.538   1.624   1.00 16.16 ?  114 VAL A CA   1 
ATOM   940  C  C    . VAL A 1 118 ? 4.603   6.995   1.297   1.00 16.48 ?  114 VAL A C    1 
ATOM   941  O  O    . VAL A 1 118 ? 4.001   7.379   0.315   1.00 15.73 ?  114 VAL A O    1 
ATOM   942  C  CB   . VAL A 1 118 ? 5.880   8.989   2.155   1.00 16.08 ?  114 VAL A CB   1 
ATOM   943  C  CG1  . VAL A 1 118 ? 4.968   9.078   3.398   1.00 15.79 ?  114 VAL A CG1  1 
ATOM   944  C  CG2  . VAL A 1 118 ? 7.331   9.458   2.363   1.00 15.90 ?  114 VAL A CG2  1 
ATOM   945  N  N    . VAL A 1 119 ? 4.124   6.099   2.159   1.00 16.01 ?  115 VAL A N    1 
ATOM   946  C  CA   . VAL A 1 119 ? 2.804   5.446   2.046   1.00 14.86 ?  115 VAL A CA   1 
ATOM   947  C  C    . VAL A 1 119 ? 1.971   5.944   3.249   1.00 14.13 ?  115 VAL A C    1 
ATOM   948  O  O    . VAL A 1 119 ? 2.338   5.772   4.394   1.00 15.64 ?  115 VAL A O    1 
ATOM   949  C  CB   . VAL A 1 119 ? 2.983   3.907   2.044   1.00 15.93 ?  115 VAL A CB   1 
ATOM   950  C  CG1  . VAL A 1 119 ? 1.645   3.193   1.880   1.00 14.56 ?  115 VAL A CG1  1 
ATOM   951  C  CG2  . VAL A 1 119 ? 3.968   3.528   0.929   1.00 15.32 ?  115 VAL A CG2  1 
ATOM   952  N  N    . GLU A 1 120 ? 0.787   6.494   2.983   1.00 15.09 ?  116 GLU A N    1 
ATOM   953  C  CA   . GLU A 1 120 ? -0.076  6.977   4.019   1.00 17.20 ?  116 GLU A CA   1 
ATOM   954  C  C    . GLU A 1 120 ? -1.384  6.243   3.805   1.00 15.47 ?  116 GLU A C    1 
ATOM   955  O  O    . GLU A 1 120 ? -1.996  6.309   2.729   1.00 16.34 ?  116 GLU A O    1 
ATOM   956  C  CB   . GLU A 1 120 ? -0.308  8.467   3.872   1.00 19.80 ?  116 GLU A CB   1 
ATOM   957  C  CG   . GLU A 1 120 ? 0.867   9.370   4.215   1.00 24.09 ?  116 GLU A CG   1 
ATOM   958  C  CD   . GLU A 1 120 ? 0.669   10.832  3.783   1.00 31.77 ?  116 GLU A CD   1 
ATOM   959  O  OE1  . GLU A 1 120 ? -0.291  11.105  2.988   1.00 34.91 ?  116 GLU A OE1  1 
ATOM   960  O  OE2  . GLU A 1 120 ? 1.490   11.691  4.231   1.00 37.29 ?  116 GLU A OE2  1 
ATOM   961  N  N    . CYS A 1 121 ? -1.796  5.494   4.790   1.00 17.43 ?  117 CYS A N    1 
ATOM   962  C  CA   A CYS A 1 121 ? -2.992  4.667   4.765   0.80 18.01 ?  117 CYS A CA   1 
ATOM   963  C  CA   B CYS A 1 121 ? -3.052  4.790   4.663   0.20 16.46 ?  117 CYS A CA   1 
ATOM   964  C  C    . CYS A 1 121 ? -4.061  5.254   5.697   1.00 17.04 ?  117 CYS A C    1 
ATOM   965  O  O    . CYS A 1 121 ? -3.755  5.557   6.838   1.00 16.47 ?  117 CYS A O    1 
ATOM   966  C  CB   A CYS A 1 121 ? -2.655  3.279   5.310   0.80 21.62 ?  117 CYS A CB   1 
ATOM   967  C  CB   B CYS A 1 121 ? -2.870  3.274   4.680   0.20 16.75 ?  117 CYS A CB   1 
ATOM   968  S  SG   A CYS A 1 121 ? -1.116  2.591   4.649   0.80 26.82 ?  117 CYS A SG   1 
ATOM   969  S  SG   B CYS A 1 121 ? -1.895  2.621   6.050   0.20 15.38 ?  117 CYS A SG   1 
ATOM   970  N  N    . VAL A 1 122 ? -5.298  5.389   5.247   1.00 15.86 ?  118 VAL A N    1 
ATOM   971  C  CA   . VAL A 1 122 ? -6.297  5.993   6.062   1.00 17.21 ?  118 VAL A CA   1 
ATOM   972  C  C    . VAL A 1 122 ? -7.557  5.172   6.056   1.00 16.75 ?  118 VAL A C    1 
ATOM   973  O  O    . VAL A 1 122 ? -8.006  4.679   5.004   1.00 16.59 ?  118 VAL A O    1 
ATOM   974  C  CB   . VAL A 1 122 ? -6.622  7.418   5.513   1.00 18.10 ?  118 VAL A CB   1 
ATOM   975  C  CG1  . VAL A 1 122 ? -7.694  8.116   6.340   1.00 19.61 ?  118 VAL A CG1  1 
ATOM   976  C  CG2  . VAL A 1 122 ? -5.365  8.242   5.408   1.00 18.87 ?  118 VAL A CG2  1 
ATOM   977  N  N    . MET A 1 123 ? -8.140  5.025   7.224   1.00 18.17 ?  119 MET A N    1 
ATOM   978  C  CA   A MET A 1 123 ? -9.393  4.253   7.432   0.70 18.65 ?  119 MET A CA   1 
ATOM   979  C  CA   B MET A 1 123 ? -9.468  4.501   7.274   0.30 18.13 ?  119 MET A CA   1 
ATOM   980  C  C    . MET A 1 123 ? -10.179 5.071   8.459   1.00 18.38 ?  119 MET A C    1 
ATOM   981  O  O    . MET A 1 123 ? -9.652  5.205   9.573   1.00 18.70 ?  119 MET A O    1 
ATOM   982  C  CB   A MET A 1 123 ? -9.056  2.866   7.996   0.70 19.00 ?  119 MET A CB   1 
ATOM   983  C  CB   B MET A 1 123 ? -9.461  2.997   7.370   0.30 18.08 ?  119 MET A CB   1 
ATOM   984  C  CG   A MET A 1 123 ? -10.235 1.948   8.369   0.70 20.90 ?  119 MET A CG   1 
ATOM   985  C  CG   B MET A 1 123 ? -10.829 2.424   7.098   0.30 18.60 ?  119 MET A CG   1 
ATOM   986  S  SD   A MET A 1 123 ? -11.173 1.480   6.928   0.70 20.73 ?  119 MET A SD   1 
ATOM   987  S  SD   B MET A 1 123 ? -10.921 0.654   7.339   0.30 19.07 ?  119 MET A SD   1 
ATOM   988  C  CE   A MET A 1 123 ? -12.471 0.447   7.540   0.70 20.53 ?  119 MET A CE   1 
ATOM   989  C  CE   B MET A 1 123 ? -12.657 0.451   6.992   0.30 19.23 ?  119 MET A CE   1 
ATOM   990  N  N    A LYS A 1 124 ? -11.260 5.702   7.965   0.50 20.25 ?  120 LYS A N    1 
ATOM   991  N  N    B LYS A 1 124 ? -11.469 5.368   8.316   0.50 19.30 ?  120 LYS A N    1 
ATOM   992  C  CA   A LYS A 1 124 ? -12.046 6.682   8.690   0.50 21.49 ?  120 LYS A CA   1 
ATOM   993  C  CA   B LYS A 1 124 ? -12.258 5.968   9.439   0.50 19.44 ?  120 LYS A CA   1 
ATOM   994  C  C    A LYS A 1 124 ? -11.097 7.720   9.244   0.50 21.66 ?  120 LYS A C    1 
ATOM   995  C  C    B LYS A 1 124 ? -11.434 6.901   10.402  0.50 18.70 ?  120 LYS A C    1 
ATOM   996  O  O    A LYS A 1 124 ? -10.448 8.427   8.482   0.50 23.91 ?  120 LYS A O    1 
ATOM   997  O  O    B LYS A 1 124 ? -11.452 6.747   11.649  0.50 17.52 ?  120 LYS A O    1 
ATOM   998  C  CB   A LYS A 1 124 ? -12.869 6.003   9.788   0.50 22.33 ?  120 LYS A CB   1 
ATOM   999  C  CB   B LYS A 1 124 ? -13.006 4.867   10.222  0.50 20.67 ?  120 LYS A CB   1 
ATOM   1000 C  CG   A LYS A 1 124 ? -13.914 5.023   9.269   0.50 23.73 ?  120 LYS A CG   1 
ATOM   1001 C  CG   B LYS A 1 124 ? -13.885 3.930   9.386   0.50 21.48 ?  120 LYS A CG   1 
ATOM   1002 C  CD   A LYS A 1 124 ? -14.623 4.311   10.419  0.50 25.59 ?  120 LYS A CD   1 
ATOM   1003 C  CD   B LYS A 1 124 ? -14.490 2.788   10.209  0.50 23.41 ?  120 LYS A CD   1 
ATOM   1004 C  CE   A LYS A 1 124 ? -13.833 3.096   10.887  0.50 27.12 ?  120 LYS A CE   1 
ATOM   1005 C  CE   B LYS A 1 124 ? -15.686 3.233   11.077  0.50 23.25 ?  120 LYS A CE   1 
ATOM   1006 N  NZ   A LYS A 1 124 ? -14.567 2.230   11.865  0.50 28.58 ?  120 LYS A NZ   1 
ATOM   1007 N  NZ   B LYS A 1 124 ? -15.286 4.038   12.278  0.50 23.13 ?  120 LYS A NZ   1 
ATOM   1008 N  N    A GLY A 1 125 ? -10.992 7.797   10.566  0.50 19.72 ?  121 GLY A N    1 
ATOM   1009 N  N    B GLY A 1 125 ? -10.781 7.901   9.796   0.50 19.16 ?  121 GLY A N    1 
ATOM   1010 C  CA   A GLY A 1 125 ? -10.124 8.786   11.208  0.50 20.20 ?  121 GLY A CA   1 
ATOM   1011 C  CA   B GLY A 1 125 ? -9.920  8.878   10.474  0.50 19.01 ?  121 GLY A CA   1 
ATOM   1012 C  C    A GLY A 1 125 ? -8.656  8.422   11.325  0.50 18.63 ?  121 GLY A C    1 
ATOM   1013 C  C    B GLY A 1 125 ? -8.731  8.389   11.302  0.50 18.21 ?  121 GLY A C    1 
ATOM   1014 O  O    A GLY A 1 125 ? -7.816  9.286   11.631  0.50 20.14 ?  121 GLY A O    1 
ATOM   1015 O  O    B GLY A 1 125 ? -8.218  9.095   12.150  0.50 19.70 ?  121 GLY A O    1 
ATOM   1016 N  N    . VAL A 1 126 ? -8.331  7.138   11.121  1.00 17.77 ?  122 VAL A N    1 
ATOM   1017 C  CA   . VAL A 1 126 ? -7.030  6.671   11.576  1.00 18.29 ?  122 VAL A CA   1 
ATOM   1018 C  C    . VAL A 1 126 ? -6.076  6.602   10.396  1.00 16.96 ?  122 VAL A C    1 
ATOM   1019 O  O    . VAL A 1 126 ? -6.412  5.920   9.424   1.00 19.45 ?  122 VAL A O    1 
ATOM   1020 C  CB   . VAL A 1 126 ? -7.179  5.310   12.214  1.00 16.44 ?  122 VAL A CB   1 
ATOM   1021 C  CG1  . VAL A 1 126 ? -5.815  4.683   12.519  1.00 18.61 ?  122 VAL A CG1  1 
ATOM   1022 C  CG2  . VAL A 1 126 ? -8.053  5.397   13.462  1.00 20.78 ?  122 VAL A CG2  1 
ATOM   1023 N  N    . THR A 1 127 ? -4.901  7.231   10.504  1.00 17.48 ?  123 THR A N    1 
ATOM   1024 C  CA   . THR A 1 127 ? -3.867  7.246   9.471   1.00 19.58 ?  123 THR A CA   1 
ATOM   1025 C  C    . THR A 1 127 ? -2.617  6.534   9.969   1.00 19.15 ?  123 THR A C    1 
ATOM   1026 O  O    . THR A 1 127 ? -2.264  6.634   11.132  1.00 21.54 ?  123 THR A O    1 
ATOM   1027 C  CB   . THR A 1 127 ? -3.419  8.687   9.109   1.00 22.03 ?  123 THR A CB   1 
ATOM   1028 O  OG1  . THR A 1 127 ? -4.565  9.482   8.828   1.00 27.59 ?  123 THR A OG1  1 
ATOM   1029 C  CG2  . THR A 1 127 ? -2.430  8.697   7.904   1.00 21.73 ?  123 THR A CG2  1 
ATOM   1030 N  N    . SER A 1 128 ? -1.992  5.766   9.075   1.00 17.53 ?  124 SER A N    1 
ATOM   1031 C  CA   . SER A 1 128 ? -0.663  5.261   9.289   1.00 16.60 ?  124 SER A CA   1 
ATOM   1032 C  C    . SER A 1 128 ? 0.262   5.734   8.206   1.00 14.30 ?  124 SER A C    1 
ATOM   1033 O  O    . SER A 1 128 ? -0.127  5.879   7.063   1.00 15.61 ?  124 SER A O    1 
ATOM   1034 C  CB   . SER A 1 128 ? -0.766  3.784   9.287   1.00 14.69 ?  124 SER A CB   1 
ATOM   1035 O  OG   . SER A 1 128 ? 0.508   3.137   9.350   1.00 16.02 ?  124 SER A OG   1 
ATOM   1036 N  N    . THR A 1 129 ? 1.519   6.009   8.579   1.00 15.98 ?  125 THR A N    1 
ATOM   1037 C  CA   . THR A 1 129 ? 2.547   6.462   7.658   1.00 15.49 ?  125 THR A CA   1 
ATOM   1038 C  C    . THR A 1 129 ? 3.647   5.405   7.657   1.00 16.65 ?  125 THR A C    1 
ATOM   1039 O  O    . THR A 1 129 ? 4.159   5.069   8.729   1.00 16.78 ?  125 THR A O    1 
ATOM   1040 C  CB   . THR A 1 129 ? 3.145   7.820   8.052   1.00 18.93 ?  125 THR A CB   1 
ATOM   1041 O  OG1  . THR A 1 129 ? 2.124   8.816   7.894   1.00 24.29 ?  125 THR A OG1  1 
ATOM   1042 C  CG2  . THR A 1 129 ? 4.300   8.176   7.190   1.00 19.32 ?  125 THR A CG2  1 
ATOM   1043 N  N    . ARG A 1 130 ? 3.953   4.886   6.466   1.00 16.07 ?  126 ARG A N    1 
ATOM   1044 C  CA   . ARG A 1 130 ? 5.009   3.872   6.240   1.00 15.54 ?  126 ARG A CA   1 
ATOM   1045 C  C    . ARG A 1 130 ? 6.061   4.470   5.295   1.00 16.00 ?  126 ARG A C    1 
ATOM   1046 O  O    . ARG A 1 130 ? 5.689   4.893   4.190   1.00 17.69 ?  126 ARG A O    1 
ATOM   1047 C  CB   . ARG A 1 130 ? 4.402   2.656   5.596   1.00 16.47 ?  126 ARG A CB   1 
ATOM   1048 C  CG   . ARG A 1 130 ? 3.109   2.090   6.164   1.00 23.37 ?  126 ARG A CG   1 
ATOM   1049 C  CD   . ARG A 1 130 ? 3.312   1.005   7.145   1.00 23.30 ?  126 ARG A CD   1 
ATOM   1050 N  NE   . ARG A 1 130 ? 3.557   -0.285  6.512   1.00 26.94 ?  126 ARG A NE   1 
ATOM   1051 C  CZ   . ARG A 1 130 ? 3.946   -1.341  7.198   1.00 24.48 ?  126 ARG A CZ   1 
ATOM   1052 N  NH1  . ARG A 1 130 ? 4.186   -1.204  8.502   1.00 25.00 ?  126 ARG A NH1  1 
ATOM   1053 N  NH2  . ARG A 1 130 ? 4.164   -2.493  6.577   1.00 25.01 ?  126 ARG A NH2  1 
ATOM   1054 N  N    . VAL A 1 131 ? 7.336   4.506   5.649   1.00 15.13 ?  127 VAL A N    1 
ATOM   1055 C  CA   . VAL A 1 131 ? 8.363   5.152   4.837   1.00 15.14 ?  127 VAL A CA   1 
ATOM   1056 C  C    . VAL A 1 131 ? 9.245   4.090   4.262   1.00 16.79 ?  127 VAL A C    1 
ATOM   1057 O  O    . VAL A 1 131 ? 9.717   3.206   5.024   1.00 17.18 ?  127 VAL A O    1 
ATOM   1058 C  CB   . VAL A 1 131 ? 9.223   6.138   5.667   1.00 17.41 ?  127 VAL A CB   1 
ATOM   1059 C  CG1  . VAL A 1 131 ? 10.367  6.690   4.830   1.00 17.09 ?  127 VAL A CG1  1 
ATOM   1060 C  CG2  . VAL A 1 131 ? 8.323   7.250   6.209   1.00 17.83 ?  127 VAL A CG2  1 
ATOM   1061 N  N    . TYR A 1 132 ? 9.414   4.129   2.951   1.00 15.26 ?  128 TYR A N    1 
ATOM   1062 C  CA   . TYR A 1 132 ? 10.319  3.157   2.281   1.00 16.73 ?  128 TYR A CA   1 
ATOM   1063 C  C    . TYR A 1 132 ? 11.537  3.871   1.739   1.00 19.41 ?  128 TYR A C    1 
ATOM   1064 O  O    . TYR A 1 132 ? 11.467  4.999   1.283   1.00 18.43 ?  128 TYR A O    1 
ATOM   1065 C  CB   . TYR A 1 132 ? 9.594   2.489   1.163   1.00 16.93 ?  128 TYR A CB   1 
ATOM   1066 C  CG   . TYR A 1 132 ? 8.561   1.503   1.568   1.00 15.09 ?  128 TYR A CG   1 
ATOM   1067 C  CD1  . TYR A 1 132 ? 7.282   1.915   2.015   1.00 17.06 ?  128 TYR A CD1  1 
ATOM   1068 C  CD2  . TYR A 1 132 ? 8.801   0.114   1.424   1.00 15.70 ?  128 TYR A CD2  1 
ATOM   1069 C  CE1  . TYR A 1 132 ? 6.305   0.974   2.378   1.00 16.51 ?  128 TYR A CE1  1 
ATOM   1070 C  CE2  . TYR A 1 132 ? 7.872   -0.819  1.798   1.00 17.16 ?  128 TYR A CE2  1 
ATOM   1071 C  CZ   . TYR A 1 132 ? 6.592   -0.423  2.216   1.00 16.46 ?  128 TYR A CZ   1 
ATOM   1072 O  OH   . TYR A 1 132 ? 5.685   -1.398  2.576   1.00 22.10 ?  128 TYR A OH   1 
ATOM   1073 N  N    . GLU A 1 133 ? 12.657  3.170   1.682   1.00 18.72 ?  129 GLU A N    1 
ATOM   1074 C  CA   . GLU A 1 133 ? 13.829  3.719   0.996   1.00 20.70 ?  129 GLU A CA   1 
ATOM   1075 C  C    . GLU A 1 133 ? 14.325  2.734   -0.048  1.00 17.54 ?  129 GLU A C    1 
ATOM   1076 O  O    . GLU A 1 133 ? 13.930  1.585   -0.030  1.00 19.33 ?  129 GLU A O    1 
ATOM   1077 C  CB   . GLU A 1 133 ? 14.938  4.012   1.987   1.00 24.11 ?  129 GLU A CB   1 
ATOM   1078 C  CG   . GLU A 1 133 ? 14.623  5.261   2.777   1.00 31.58 ?  129 GLU A CG   1 
ATOM   1079 C  CD   . GLU A 1 133 ? 15.664  5.608   3.823   1.00 35.21 ?  129 GLU A CD   1 
ATOM   1080 O  OE1  . GLU A 1 133 ? 16.534  4.745   4.150   1.00 45.07 ?  129 GLU A OE1  1 
ATOM   1081 O  OE2  . GLU A 1 133 ? 15.555  6.755   4.333   1.00 46.24 ?  129 GLU A OE2  1 
ATOM   1082 N  N    . ARG A 1 134 ? 15.165  3.202   -0.988  1.00 19.19 ?  130 ARG A N    1 
ATOM   1083 C  CA   . ARG A 1 134 ? 15.614  2.311   -2.061  1.00 20.78 ?  130 ARG A CA   1 
ATOM   1084 C  C    . ARG A 1 134 ? 16.429  1.196   -1.474  1.00 22.09 ?  130 ARG A C    1 
ATOM   1085 O  O    . ARG A 1 134 ? 17.284  1.445   -0.612  1.00 23.34 ?  130 ARG A O    1 
ATOM   1086 C  CB   . ARG A 1 134 ? 16.446  3.028   -3.121  1.00 21.27 ?  130 ARG A CB   1 
ATOM   1087 C  CG   . ARG A 1 134 ? 15.640  4.022   -3.912  1.00 22.56 ?  130 ARG A CG   1 
ATOM   1088 C  CD   . ARG A 1 134 ? 16.191  4.297   -5.302  1.00 24.36 ?  130 ARG A CD   1 
ATOM   1089 N  NE   . ARG A 1 134 ? 15.312  5.188   -6.030  1.00 25.52 ?  130 ARG A NE   1 
ATOM   1090 C  CZ   . ARG A 1 134 ? 14.366  4.838   -6.909  1.00 24.88 ?  130 ARG A CZ   1 
ATOM   1091 N  NH1  . ARG A 1 134 ? 14.162  3.582   -7.236  1.00 21.91 ?  130 ARG A NH1  1 
ATOM   1092 N  NH2  . ARG A 1 134 ? 13.653  5.785   -7.500  1.00 23.86 ?  130 ARG A NH2  1 
ATOM   1093 N  N    . ALA A 1 135 ? 16.183  0.010   -1.999  1.00 22.42 ?  131 ALA A N    1 
ATOM   1094 C  CA   . ALA A 1 135 ? 16.838  -1.217  -1.544  1.00 28.32 ?  131 ALA A CA   1 
ATOM   1095 C  C    . ALA A 1 135 ? 18.149  -1.387  -2.299  1.00 35.46 ?  131 ALA A C    1 
ATOM   1096 O  O    . ALA A 1 135 ? 18.157  -1.433  -3.534  1.00 43.14 ?  131 ALA A O    1 
ATOM   1097 C  CB   . ALA A 1 135 ? 15.924  -2.437  -1.722  1.00 30.99 ?  131 ALA A CB   1 
ATOM   1098 O  OXT  . ALA A 1 135 ? 19.237  -1.498  -1.696  1.00 42.71 ?  131 ALA A OXT  1 
HETATM 1099 C  C11  . WOB B 2 .   ? 2.252   -1.141  3.101   1.00 37.47 ?  201 WOB A C11  1 
HETATM 1100 O  O12  . WOB B 2 .   ? 3.357   -1.220  3.730   1.00 34.93 -1 201 WOB A O12  1 
HETATM 1101 C  C15  . WOB B 2 .   ? 1.425   -5.351  4.680   1.00 38.53 ?  201 WOB A C15  1 
HETATM 1102 C  C16  . WOB B 2 .   ? -2.895  -4.684  4.856   1.00 24.06 ?  201 WOB A C16  1 
HETATM 1103 C  C17  . WOB B 2 .   ? -3.325  -4.328  6.251   1.00 24.51 ?  201 WOB A C17  1 
HETATM 1104 C  C21  . WOB B 2 .   ? 2.345   -5.887  3.756   1.00 40.04 ?  201 WOB A C21  1 
HETATM 1105 C  C22  . WOB B 2 .   ? 3.074   -7.031  4.079   1.00 41.07 ?  201 WOB A C22  1 
HETATM 1106 C  C23  . WOB B 2 .   ? 2.827   -7.610  5.294   1.00 39.93 ?  201 WOB A C23  1 
HETATM 1107 C  C24  . WOB B 2 .   ? 1.924   -7.096  6.212   1.00 42.59 ?  201 WOB A C24  1 
HETATM 1108 C  C25  . WOB B 2 .   ? 1.217   -5.947  5.912   1.00 40.53 ?  201 WOB A C25  1 
HETATM 1109 C  C1   . WOB B 2 .   ? 0.770   -4.196  4.357   1.00 31.25 ?  201 WOB A C1   1 
HETATM 1110 C  C2   . WOB B 2 .   ? -0.609  -3.973  4.443   1.00 28.40 ?  201 WOB A C2   1 
HETATM 1111 N  N3   . WOB B 2 .   ? -1.049  -2.761  4.075   1.00 30.21 ?  201 WOB A N3   1 
HETATM 1112 C  C4   . WOB B 2 .   ? -0.243  -1.755  3.621   1.00 36.88 ?  201 WOB A C4   1 
HETATM 1113 C  C5   . WOB B 2 .   ? 1.124   -2.024  3.542   1.00 33.82 ?  201 WOB A C5   1 
HETATM 1114 C  C6   . WOB B 2 .   ? 1.593   -3.224  3.912   1.00 32.27 ?  201 WOB A C6   1 
HETATM 1115 O  O7   . WOB B 2 .   ? -1.511  -4.945  4.869   1.00 24.40 ?  201 WOB A O7   1 
HETATM 1116 C  C8   . WOB B 2 .   ? -0.920  -0.464  3.243   1.00 38.60 ?  201 WOB A C8   1 
HETATM 1117 F  F9   . WOB B 2 .   ? -1.176  -0.518  1.918   1.00 37.05 ?  201 WOB A F9   1 
HETATM 1118 F  F10  . WOB B 2 .   ? -0.141  0.610   3.505   1.00 39.27 ?  201 WOB A F10  1 
HETATM 1119 O  O13  . WOB B 2 .   ? 2.135   -0.408  2.092   1.00 36.69 ?  201 WOB A O13  1 
HETATM 1120 F  F14  . WOB B 2 .   ? -2.058  -0.302  3.964   1.00 39.31 ?  201 WOB A F14  1 
HETATM 1121 F  F18  . WOB B 2 .   ? -2.696  -3.261  6.750   1.00 25.97 ?  201 WOB A F18  1 
HETATM 1122 F  F19  . WOB B 2 .   ? -4.631  -4.104  6.308   1.00 22.24 ?  201 WOB A F19  1 
HETATM 1123 F  F20  . WOB B 2 .   ? -3.061  -5.396  7.006   1.00 24.45 ?  201 WOB A F20  1 
HETATM 1124 CL CL26 . WOB B 2 .   ? 3.676   -9.015  5.699   1.00 52.14 ?  201 WOB A CL26 1 
HETATM 1125 S  S    . SO4 C 3 .   ? 3.499   0.605   14.123  1.00 37.73 ?  202 SO4 A S    1 
HETATM 1126 O  O1   . SO4 C 3 .   ? 3.539   1.440   12.920  1.00 22.88 ?  202 SO4 A O1   1 
HETATM 1127 O  O2   . SO4 C 3 .   ? 4.225   -0.654  13.699  1.00 39.85 ?  202 SO4 A O2   1 
HETATM 1128 O  O3   . SO4 C 3 .   ? 4.269   1.326   15.208  1.00 37.92 ?  202 SO4 A O3   1 
HETATM 1129 O  O4   . SO4 C 3 .   ? 2.143   0.228   14.753  1.00 35.38 ?  202 SO4 A O4   1 
HETATM 1130 S  S    . SO4 D 3 .   ? 15.905  9.402   -7.832  1.00 52.83 ?  203 SO4 A S    1 
HETATM 1131 O  O1   . SO4 D 3 .   ? 16.583  8.079   -7.742  1.00 53.66 ?  203 SO4 A O1   1 
HETATM 1132 O  O2   . SO4 D 3 .   ? 16.764  10.309  -8.658  1.00 51.35 ?  203 SO4 A O2   1 
HETATM 1133 O  O3   . SO4 D 3 .   ? 15.769  9.968   -6.433  1.00 47.39 ?  203 SO4 A O3   1 
HETATM 1134 O  O4   . SO4 D 3 .   ? 14.538  9.174   -8.442  1.00 49.09 ?  203 SO4 A O4   1 
HETATM 1135 O  O    . HOH E 4 .   ? -1.158  8.801   12.912  0.50 17.19 ?  301 HOH A O    1 
HETATM 1136 O  O    . HOH E 4 .   ? 18.616  11.485  -8.368  1.00 25.59 ?  302 HOH A O    1 
HETATM 1137 O  O    . HOH E 4 .   ? 10.720  10.369  -16.548 1.00 29.94 ?  303 HOH A O    1 
HETATM 1138 O  O    . HOH E 4 .   ? 19.199  9.954   0.165   1.00 26.56 ?  304 HOH A O    1 
HETATM 1139 O  O    . HOH E 4 .   ? 8.887   -2.460  -18.631 1.00 29.15 ?  305 HOH A O    1 
HETATM 1140 O  O    . HOH E 4 .   ? 6.311   5.026   -15.417 1.00 29.67 ?  306 HOH A O    1 
HETATM 1141 O  O    . HOH E 4 .   ? 3.587   -6.499  15.710  1.00 35.23 ?  307 HOH A O    1 
HETATM 1142 O  O    . HOH E 4 .   ? 12.541  5.217   -10.321 1.00 23.96 ?  308 HOH A O    1 
HETATM 1143 O  O    . HOH E 4 .   ? 10.876  -5.928  11.994  1.00 36.01 ?  309 HOH A O    1 
HETATM 1144 O  O    . HOH E 4 .   ? 13.480  11.465  -8.980  1.00 31.71 ?  310 HOH A O    1 
HETATM 1145 O  O    . HOH E 4 .   ? -2.014  2.773   -16.350 1.00 19.22 ?  311 HOH A O    1 
HETATM 1146 O  O    . HOH E 4 .   ? 0.296   -9.331  -11.488 1.00 29.18 ?  312 HOH A O    1 
HETATM 1147 O  O    . HOH E 4 .   ? 13.002  17.605  -2.435  1.00 27.21 ?  313 HOH A O    1 
HETATM 1148 O  O    . HOH E 4 .   ? 0.709   7.846   11.337  1.00 30.68 ?  314 HOH A O    1 
HETATM 1149 O  O    . HOH E 4 .   ? 15.984  6.002   -0.765  1.00 29.42 ?  315 HOH A O    1 
HETATM 1150 O  O    . HOH E 4 .   ? 8.469   -10.290 9.964   1.00 17.28 ?  316 HOH A O    1 
HETATM 1151 O  O    . HOH E 4 .   ? 17.432  0.251   -5.419  1.00 31.92 ?  317 HOH A O    1 
HETATM 1152 O  O    . HOH E 4 .   ? 6.228   -11.350 11.180  1.00 20.49 ?  318 HOH A O    1 
HETATM 1153 O  O    . HOH E 4 .   ? -10.449 8.228   -0.922  1.00 27.79 ?  319 HOH A O    1 
HETATM 1154 O  O    . HOH E 4 .   ? 0.243   -1.577  -21.973 1.00 25.60 ?  320 HOH A O    1 
HETATM 1155 O  O    . HOH E 4 .   ? -12.727 4.622   5.892   1.00 34.62 ?  321 HOH A O    1 
HETATM 1156 O  O    . HOH E 4 .   ? 4.978   11.608  -5.748  1.00 27.53 ?  322 HOH A O    1 
HETATM 1157 O  O    . HOH E 4 .   ? 4.804   -4.383  8.497   1.00 24.79 ?  323 HOH A O    1 
HETATM 1158 O  O    . HOH E 4 .   ? 10.971  5.195   -17.789 1.00 31.63 ?  324 HOH A O    1 
HETATM 1159 O  O    . HOH E 4 .   ? -2.283  -6.645  -1.888  1.00 29.91 ?  325 HOH A O    1 
HETATM 1160 O  O    . HOH E 4 .   ? -7.983  -3.075  -16.421 1.00 25.70 ?  326 HOH A O    1 
HETATM 1161 O  O    . HOH E 4 .   ? -8.621  -8.527  7.884   1.00 30.16 ?  327 HOH A O    1 
HETATM 1162 O  O    . HOH E 4 .   ? -11.430 5.370   1.521   1.00 28.01 ?  328 HOH A O    1 
HETATM 1163 O  O    . HOH E 4 .   ? 0.606   9.128   10.108  1.00 36.12 ?  329 HOH A O    1 
HETATM 1164 O  O    . HOH E 4 .   ? 3.611   16.030  -7.353  1.00 30.16 ?  330 HOH A O    1 
HETATM 1165 O  O    . HOH E 4 .   ? 15.173  1.151   -6.578  1.00 23.58 ?  331 HOH A O    1 
HETATM 1166 O  O    . HOH E 4 .   ? 7.113   15.347  -2.911  1.00 26.23 ?  332 HOH A O    1 
HETATM 1167 O  O    . HOH E 4 .   ? -12.633 1.666   -12.898 1.00 18.48 ?  333 HOH A O    1 
HETATM 1168 O  O    . HOH E 4 .   ? -5.182  4.899   -17.428 1.00 25.62 ?  334 HOH A O    1 
HETATM 1169 O  O    . HOH E 4 .   ? 6.405   -4.754  -15.030 1.00 18.34 ?  335 HOH A O    1 
HETATM 1170 O  O    . HOH E 4 .   ? -5.875  -5.167  -13.053 1.00 17.05 ?  336 HOH A O    1 
HETATM 1171 O  O    . HOH E 4 .   ? 3.681   9.266   11.676  1.00 27.98 ?  337 HOH A O    1 
HETATM 1172 O  O    . HOH E 4 .   ? -9.653  -5.457  14.310  1.00 27.01 ?  338 HOH A O    1 
HETATM 1173 O  O    . HOH E 4 .   ? -3.849  17.354  -7.540  1.00 32.04 ?  339 HOH A O    1 
HETATM 1174 O  O    . HOH E 4 .   ? -6.793  0.747   -11.115 1.00 12.08 ?  340 HOH A O    1 
HETATM 1175 O  O    . HOH E 4 .   ? -1.322  4.329   -3.625  1.00 15.97 ?  341 HOH A O    1 
HETATM 1176 O  O    . HOH E 4 .   ? -12.585 -6.086  7.624   1.00 32.71 ?  342 HOH A O    1 
HETATM 1177 O  O    . HOH E 4 .   ? 7.751   -6.467  -17.847 1.00 20.24 ?  343 HOH A O    1 
HETATM 1178 O  O    . HOH E 4 .   ? -5.069  8.269   -12.990 1.00 25.84 ?  344 HOH A O    1 
HETATM 1179 O  O    . HOH E 4 .   ? 7.067   -5.045  -9.844  1.00 21.06 ?  345 HOH A O    1 
HETATM 1180 O  O    . HOH E 4 .   ? 3.738   -4.250  -15.299 1.00 18.76 ?  346 HOH A O    1 
HETATM 1181 O  O    . HOH E 4 .   ? -0.632  13.402  -11.695 1.00 28.02 ?  347 HOH A O    1 
HETATM 1182 O  O    . HOH E 4 .   ? -1.635  -3.050  -2.255  1.00 32.55 ?  348 HOH A O    1 
HETATM 1183 O  O    . HOH E 4 .   ? 7.516   -3.220  10.536  1.00 34.36 ?  349 HOH A O    1 
HETATM 1184 O  O    . HOH E 4 .   ? -12.531 0.076   -6.263  1.00 21.96 ?  350 HOH A O    1 
HETATM 1185 O  O    . HOH E 4 .   ? 11.632  7.423   8.730   1.00 29.75 ?  351 HOH A O    1 
HETATM 1186 O  O    . HOH E 4 .   ? -9.940  -5.397  -14.326 1.00 28.65 ?  352 HOH A O    1 
HETATM 1187 O  O    . HOH E 4 .   ? 4.909   -2.035  11.129  1.00 35.45 ?  353 HOH A O    1 
HETATM 1188 O  O    . HOH E 4 .   ? -12.503 -8.734  -5.125  1.00 29.44 ?  354 HOH A O    1 
HETATM 1189 O  O    . HOH E 4 .   ? 3.090   3.765   16.173  1.00 24.14 ?  355 HOH A O    1 
HETATM 1190 O  O    . HOH E 4 .   ? -5.230  -2.000  3.195   1.00 19.74 ?  356 HOH A O    1 
HETATM 1191 O  O    . HOH E 4 .   ? 1.404   -5.807  -3.695  1.00 26.35 ?  357 HOH A O    1 
HETATM 1192 O  O    . HOH E 4 .   ? 7.341   9.861   -11.766 1.00 29.53 ?  358 HOH A O    1 
HETATM 1193 O  O    . HOH E 4 .   ? -7.757  1.984   15.760  1.00 36.16 ?  359 HOH A O    1 
HETATM 1194 O  O    . HOH E 4 .   ? 9.596   -0.642  -14.804 1.00 19.51 ?  360 HOH A O    1 
HETATM 1195 O  O    . HOH E 4 .   ? -6.706  -2.578  -13.747 1.00 17.76 ?  361 HOH A O    1 
HETATM 1196 O  O    . HOH E 4 .   ? 11.373  -2.533  -10.480 1.00 23.17 ?  362 HOH A O    1 
HETATM 1197 O  O    . HOH E 4 .   ? 0.862   -4.565  15.002  1.00 27.48 ?  363 HOH A O    1 
HETATM 1198 O  O    . HOH E 4 .   ? -2.110  -5.695  1.545   1.00 23.59 ?  364 HOH A O    1 
HETATM 1199 O  O    . HOH E 4 .   ? -8.285  5.919   -7.170  1.00 19.64 ?  365 HOH A O    1 
HETATM 1200 O  O    . HOH E 4 .   ? -3.293  14.833  -11.811 1.00 32.63 ?  366 HOH A O    1 
HETATM 1201 O  O    . HOH E 4 .   ? 6.741   6.200   9.558   1.00 24.26 ?  367 HOH A O    1 
HETATM 1202 O  O    . HOH E 4 .   ? -3.094  -12.849 1.231   1.00 31.51 ?  368 HOH A O    1 
HETATM 1203 O  O    . HOH E 4 .   ? 15.581  11.335  1.408   1.00 22.56 ?  369 HOH A O    1 
HETATM 1204 O  O    . HOH E 4 .   ? -0.887  2.043   16.478  1.00 26.17 ?  370 HOH A O    1 
HETATM 1205 O  O    . HOH E 4 .   ? 4.704   -3.420  0.370   1.00 31.62 ?  371 HOH A O    1 
HETATM 1206 O  O    . HOH E 4 .   ? -3.610  -13.274 6.037   1.00 34.40 ?  372 HOH A O    1 
HETATM 1207 O  O    . HOH E 4 .   ? -6.328  -13.423 16.028  1.00 28.42 ?  373 HOH A O    1 
HETATM 1208 O  O    . HOH E 4 .   ? -3.431  -3.390  1.179   1.00 21.10 ?  374 HOH A O    1 
HETATM 1209 O  O    . HOH E 4 .   ? -17.123 -7.343  -0.365  1.00 28.41 ?  375 HOH A O    1 
HETATM 1210 O  O    . HOH E 4 .   ? -17.663 -0.205  -0.103  1.00 32.55 ?  376 HOH A O    1 
HETATM 1211 O  O    . HOH E 4 .   ? -16.536 -4.083  -2.771  1.00 26.11 ?  377 HOH A O    1 
HETATM 1212 O  O    . HOH E 4 .   ? -15.229 2.713   5.700   1.00 31.69 ?  378 HOH A O    1 
HETATM 1213 O  O    . HOH E 4 .   ? -3.129  10.013  3.073   1.00 33.22 ?  379 HOH A O    1 
HETATM 1214 O  O    . HOH E 4 .   ? -12.917 -10.309 2.528   1.00 34.13 ?  380 HOH A O    1 
HETATM 1215 O  O    . HOH E 4 .   ? -3.693  -9.325  -5.325  1.00 24.38 ?  381 HOH A O    1 
HETATM 1216 O  O    . HOH E 4 .   ? -8.921  -11.122 16.587  1.00 23.53 ?  382 HOH A O    1 
HETATM 1217 O  O    . HOH E 4 .   ? -1.025  -11.793 -4.636  1.00 30.74 ?  383 HOH A O    1 
HETATM 1218 O  O    . HOH E 4 .   ? 11.988  -9.022  -1.911  1.00 38.62 ?  384 HOH A O    1 
HETATM 1219 O  O    . HOH E 4 .   ? -5.841  -12.783 13.059  1.00 33.33 ?  385 HOH A O    1 
HETATM 1220 O  O    . HOH E 4 .   ? -10.245 -10.505 -4.597  1.00 31.07 ?  386 HOH A O    1 
HETATM 1221 O  O    . HOH E 4 .   ? -18.328 -2.980  -0.748  1.00 36.37 ?  387 HOH A O    1 
HETATM 1222 O  O    . HOH E 4 .   ? -4.610  8.190   2.236   1.00 28.31 ?  388 HOH A O    1 
HETATM 1223 O  O    . HOH E 4 .   ? -10.422 6.373   3.675   1.00 31.72 ?  389 HOH A O    1 
HETATM 1224 O  O    . HOH E 4 .   ? 8.779   -4.274  -16.520 1.00 21.54 ?  390 HOH A O    1 
HETATM 1225 O  O    . HOH E 4 .   ? 8.922   -6.629  -10.672 1.00 29.50 ?  391 HOH A O    1 
HETATM 1226 O  O    . HOH E 4 .   ? -2.788  4.528   -18.226 1.00 31.77 ?  392 HOH A O    1 
HETATM 1227 O  O    . HOH E 4 .   ? -2.852  -1.954  -22.111 1.00 31.15 ?  393 HOH A O    1 
HETATM 1228 O  O    . HOH E 4 .   ? -16.323 0.992   8.045   1.00 31.69 ?  394 HOH A O    1 
HETATM 1229 O  O    . HOH E 4 .   ? -3.644  8.838   -15.283 1.00 28.94 ?  395 HOH A O    1 
HETATM 1230 O  O    . HOH E 4 .   ? -9.633  9.318   -3.507  1.00 36.13 ?  396 HOH A O    1 
# 
